data_8EEY
#
_entry.id   8EEY
#
_cell.length_a   1.00
_cell.length_b   1.00
_cell.length_c   1.00
_cell.angle_alpha   90.00
_cell.angle_beta   90.00
_cell.angle_gamma   90.00
#
_symmetry.space_group_name_H-M   'P 1'
#
loop_
_entity.id
_entity.type
_entity.pdbx_description
1 polymer Csx30
2 polymer Cas7-11
3 polymer Csx29
4 polymer crRNA
5 polymer 'DR-mismatched target RNA'
6 non-polymer 'ZINC ION'
#
loop_
_entity_poly.entity_id
_entity_poly.type
_entity_poly.pdbx_seq_one_letter_code
_entity_poly.pdbx_strand_id
1 'polypeptide(L)'
;MNTTTYNTTTDALLEWGKVYFQKEDFSEFLDNLEAYISDAGDSLKDELESGVEKLVLGIKSAEAVIFGEAVIGTTPENEA
WYDAEESFLTLDCAVWLSQALDRVVRRQDASLADSLIARLDEAINRVAEKLYADNLSPLRFSSLNEIRRSALEATDEKYH
YLFPWHGAACDVDENILLILTEEYHLIGADKAGANLSEELRGDLPFIFAELERDEVLRAYVEKENALSLALENTMREHWA
FGLLEAARDEGYNHPYPADVGMRIHQVARAVFSQTNLSPAERLAVAIAGACFTPEISEDRRLEILLDCEERVCEIEAPTG
DDTSVRVIKDLKALADHRVRHEIPAESLVSLWFEQIEAAGTDFDTKTPMDELVLRMLSDNVITLSVDRKAASQTETDDVK
PQKGKIIPFPVPDIANDEVEYQKAVGGGSANDSKVKFPGLLEIQGCRDGDKAILLEDTDDAAANHRKLFSILKAGKLNSA
FFIQSDDGEWVESESKPTMEDNRIILHDSHHSSFVWILDTGSMQLRQSVKCVKDALNKKTGSAKKLKPKTMIVWVTIPQE
G
;
E
2 'polypeptide(L)'
;MTTTMKISIEFLEPFRMTKWQESTRRNKNNKEFVRGQAFARWHRNKKDNTKGRPYITGTLLRSAVIRSAENLLTLSDGKI
SEKTCCPGKFDTEDKDRLLQLRQRSTLRWTDKNPCPDNAETYCPFCELLGRSGNDGKKAEKKDWRFRIHFGNLSLPGKPD
FDGPKAIGSQRVLNRVDFKSGKAHDFFKAYEVDHTRFPRFEGEITIDNKVSAEARKLLCDSLKFTDRLCGALCVIRFDEY
TPAADSGKQTENVQAEPNANLAEKTAEQIISILDDNKKTEYTRLLADAIRSLRRSSKLVAGLPKDHDGKDDHYLWDIGKK
KKDENSVTIRQILTTSADTKELKNAGKWREFCEKLGEALYLKSKDMSGGLKITRRILGDAEFHGKPDRLEKSRSVSIGSV
LKETVVCGELVAKTPFFFGAIDEDAKQTALQVLLTPDNKYRLPRSAVRGILRRDLQTYFDSPCNAELGGRPCMCKTCRIM
RGITVMDARSEYNAPPEIRHRTRINPFTGTVAEGALFNMEVAPEGIVFPFQLRYRGSEDGLPDALKTVLKWWAEGQAFMS
GAASTGKGRFRMENAKYETLDLSDENQRNDYLKNWGWRDEKGLEELKKRLNSGLPEPGNYRDPKWHEINVSIEMASPFIN
GDPIRAAVDKRGTAVVTFVKYKAEGEEAKPVCAYKAESFRGVIRSAVARIHMEDGVPLTELTHSDCECLLCQIFGSEYEA
GKIRFEDLVFESDPEPVTFDHVAIDRFTGGAADKKKFDDSPLPGSPARPLMLKGSFWIRRDVLEDEEYCKALGKALADVN
NGLYPLGGKSAIGYGQVKSLGIKGDDKRISRLMNPAFDETDVAVPEKPKTDAEVRIEAEKVYYPHYFVEPHKKVEREEKP
CGHQKFHEGRLTGKIRCKLITKTPLIVPDTSNDDFFRPADKEARKEKDEYHKSYAFFRLHKQIMIPGSELRGMVSSVYET
VTNSCFRIFDETKRLSWRMDADHQNVLQDFLPGRVTADGKHIQKFSETARVPFYDKTQKHFDILDEQEIAGEKPVRMWVK
RFIKRLSLVDPAKHPQKKQDNKWKRRKEGIATFIEQKNGSYYFNVVTNNGCTSFHLWHKPDNFDQEKLEGIQNGEKLDCW
VRDSRYQKAFQEIPENDPDGWECKEGYLHVVGPSKVEFSDKKGDVINNFQGTLPSVPNDWKTIRTNDFKNRKRKNEPVFC
CEDDKGNYYTMAKYCETFFFDLKENEEYEIPEKARIKYKELLRVYNNNPQAVPESVFQSRVARENVEKLKSGDLVYFKHN
EKYVEDIVPVRISRTVDDRMIGKRMSADLRPCHGDWVEDGDLSALNAYPEKRLLLRHPKGLCPACRLFGTGSYKGRVRFG
FASLENDPEWLIPGKNPGDPFHGGPVMLSLLERPRPTWSIPGSDNKFKVPGRKFYVHHHAWKTIKDGNHPTTGKAIEQSP
NNRTVEALAGGNSFSFEIAFENLKEWELGLLIHSLQLEKGLAHKLGMAKSMGFGSVEIDVESVRLRKDWKQWRNGNSEIP
NWLGKGFAKLKEWFRDELDFIENLKKLLWFPEGDQAPRVCYPMLRKKDDPNGNSGYEELKDGEFKKEDRQKKLTTPWTPW
A
;
A
3 'polypeptide(L)'
;MSNPIRDIQDRLKTAKFDNKDDMMNLASSLYKYEKQLMDSSEATLCQQGLSNRPNSFSQLSQFRDSDIQSKAGGQTGKFW
QNEYEACKNFQTHKERRETLEQIIRFLQNGAEEKDADDLLLKTLARAYFHRGLLYRPKGFSVPARKVEAMKKAIAYCEII
LDKNEEESEALRIWLYAAMELRRCGEEYPENFAEKLFYLANDGFISELYDIRLFLEYTEREEDNNFLDMILQENQDRERL
FELCLYKARACFHLNQLNDVRIYGESAIDNAPGAFADPFWDELVEFIRMLRNKKSELWKEIAIKAWDKCREKEMKVGNNI
YLSWYWARQRELYDLAFMAQDGIEKKTRIADSLKSRTTLRIQELNELRKDAHRKQNRRLEDKLDRIIEQENEARDGAYLR
RNPPCFTGGKREEIPFARLPQNWIAVHFYLNELESHEGGKGGHALIYDPQKAEKDQWQDKSFDYKELHRKFLEWQENYIL
NEEGSADFLVTLCREIEKAMPFLFKSEVIPEDRPVLWIPHGFLHRLPLHAAMKSGNNSNIEIFWERHASRYLPAWHLFDP
APYSREESSTLLKNFEEYDFQNLENGEIEVYAPSSPKKVKEAIRENPAILLLLCHGEADMTNPFRSCLKLKNKDMTIFDL
LTVEDVRLSGSRILLGACESDMVPPLEFSVDEHLSVSGAFLSHKAGEIVAGLWTVDSEKVDECYSYLVEEKDFLRNLQEW
QMAETENFRSENDSSLFYKIAPFRIIGFPAE
;
B
4 'polyribonucleotide' UUGAUGUCACGGAACCUUUGUUGUCUUCGACAUGGGUA C
5 'polyribonucleotide' UACCCAUGUCGAAGACAACAAAGUAUUU D
#
# COMPACT_ATOMS: atom_id res chain seq x y z
N ILE A 407 21.84 -62.26 71.25
CA ILE A 407 21.94 -60.94 71.92
C ILE A 407 21.14 -59.90 71.12
N PRO A 408 20.14 -59.26 71.72
CA PRO A 408 19.43 -58.20 71.00
C PRO A 408 20.27 -56.94 70.85
N PHE A 409 19.90 -56.14 69.87
CA PHE A 409 20.64 -54.92 69.53
C PHE A 409 20.71 -53.96 70.72
N PRO A 410 21.90 -53.54 71.17
CA PRO A 410 21.96 -52.57 72.26
C PRO A 410 21.47 -51.20 71.83
N VAL A 411 21.01 -50.43 72.81
CA VAL A 411 20.46 -49.08 72.65
C VAL A 411 19.52 -49.00 71.44
N PRO A 412 18.43 -49.77 71.42
CA PRO A 412 17.51 -49.71 70.27
C PRO A 412 16.69 -48.43 70.19
N ASP A 413 16.77 -47.54 71.19
CA ASP A 413 15.95 -46.34 71.20
C ASP A 413 16.23 -45.43 70.00
N ILE A 414 17.41 -45.53 69.41
CA ILE A 414 17.88 -44.50 68.47
C ILE A 414 17.61 -44.83 67.01
N ALA A 415 17.20 -46.06 66.68
CA ALA A 415 16.89 -46.38 65.29
C ALA A 415 15.66 -45.62 64.83
N ASN A 416 15.57 -45.40 63.52
CA ASN A 416 14.37 -44.81 62.92
C ASN A 416 13.23 -45.81 62.90
N ASP A 417 12.02 -45.30 62.67
CA ASP A 417 10.87 -46.17 62.51
C ASP A 417 10.79 -46.75 61.10
N GLU A 418 10.94 -45.90 60.09
CA GLU A 418 10.96 -46.34 58.70
C GLU A 418 11.93 -45.48 57.91
N VAL A 419 12.49 -46.07 56.86
CA VAL A 419 13.26 -45.36 55.85
C VAL A 419 12.64 -45.66 54.50
N GLU A 420 12.69 -44.69 53.60
CA GLU A 420 12.03 -44.79 52.30
C GLU A 420 13.01 -44.33 51.23
N TYR A 421 13.54 -45.28 50.46
CA TYR A 421 14.40 -44.97 49.34
C TYR A 421 13.61 -44.89 48.04
N GLN A 422 14.01 -43.95 47.20
CA GLN A 422 13.23 -43.53 46.04
C GLN A 422 14.19 -43.22 44.89
N LYS A 423 13.82 -43.63 43.69
CA LYS A 423 14.63 -43.28 42.52
C LYS A 423 14.61 -41.78 42.28
N ALA A 424 15.80 -41.20 42.17
CA ALA A 424 15.95 -39.76 42.09
C ALA A 424 15.40 -39.23 40.77
N VAL A 425 15.14 -37.91 40.76
CA VAL A 425 14.58 -37.21 39.62
C VAL A 425 15.29 -35.89 39.42
N GLY A 426 15.10 -35.31 38.24
CA GLY A 426 15.68 -34.02 37.92
C GLY A 426 15.06 -33.48 36.65
N GLY A 427 15.69 -32.43 36.11
CA GLY A 427 15.25 -31.85 34.86
C GLY A 427 15.23 -32.83 33.71
N SER A 433 8.69 -47.41 42.36
CA SER A 433 10.05 -46.90 42.48
C SER A 433 10.43 -46.57 43.93
N LYS A 434 9.49 -46.77 44.86
CA LYS A 434 9.78 -46.71 46.29
C LYS A 434 10.23 -48.07 46.80
N VAL A 435 10.92 -48.05 47.93
CA VAL A 435 11.14 -49.26 48.74
C VAL A 435 11.19 -48.85 50.20
N LYS A 436 10.37 -49.50 51.02
CA LYS A 436 10.35 -49.30 52.46
C LYS A 436 11.27 -50.28 53.17
N PHE A 437 11.73 -49.89 54.36
CA PHE A 437 12.38 -50.77 55.32
C PHE A 437 11.96 -50.36 56.71
N PRO A 438 12.05 -51.27 57.70
CA PRO A 438 11.58 -50.94 59.05
C PRO A 438 12.58 -50.20 59.92
N GLY A 439 13.69 -49.71 59.35
CA GLY A 439 14.62 -48.88 60.09
C GLY A 439 15.66 -49.62 60.90
N LEU A 440 15.34 -50.82 61.38
CA LEU A 440 16.30 -51.67 62.06
C LEU A 440 16.08 -53.11 61.64
N LEU A 441 17.17 -53.80 61.32
CA LEU A 441 17.17 -55.23 61.04
C LEU A 441 18.11 -55.94 62.00
N GLU A 442 17.72 -57.16 62.38
CA GLU A 442 18.58 -58.07 63.13
C GLU A 442 18.79 -59.32 62.28
N ILE A 443 20.06 -59.70 62.09
CA ILE A 443 20.42 -60.74 61.13
C ILE A 443 21.50 -61.64 61.71
N GLN A 444 21.48 -62.90 61.30
CA GLN A 444 22.51 -63.87 61.59
C GLN A 444 23.47 -63.97 60.41
N GLY A 445 24.76 -64.10 60.71
CA GLY A 445 25.77 -64.24 59.68
C GLY A 445 25.57 -65.46 58.80
N ALA A 462 12.62 -63.19 54.98
CA ALA A 462 13.72 -63.11 54.03
C ALA A 462 13.44 -62.09 52.91
N ALA A 463 12.21 -61.59 52.85
CA ALA A 463 11.85 -60.64 51.79
C ALA A 463 12.65 -59.35 51.92
N ASN A 464 12.67 -58.77 53.13
CA ASN A 464 13.42 -57.54 53.34
C ASN A 464 14.90 -57.73 53.12
N HIS A 465 15.41 -58.93 53.42
CA HIS A 465 16.83 -59.21 53.18
C HIS A 465 17.13 -59.24 51.69
N ARG A 466 16.26 -59.87 50.90
CA ARG A 466 16.45 -59.86 49.45
C ARG A 466 16.31 -58.45 48.88
N LYS A 467 15.38 -57.67 49.42
CA LYS A 467 15.22 -56.28 49.01
C LYS A 467 16.49 -55.47 49.27
N LEU A 468 17.04 -55.62 50.48
CA LEU A 468 18.31 -54.97 50.78
C LEU A 468 19.40 -55.43 49.83
N PHE A 469 19.55 -56.75 49.67
CA PHE A 469 20.55 -57.30 48.77
C PHE A 469 20.40 -56.71 47.37
N SER A 470 19.16 -56.48 46.93
CA SER A 470 18.93 -55.83 45.65
C SER A 470 19.55 -54.44 45.62
N ILE A 471 19.30 -53.62 46.66
CA ILE A 471 19.86 -52.27 46.65
C ILE A 471 21.39 -52.30 46.72
N LEU A 472 21.96 -53.12 47.62
CA LEU A 472 23.41 -53.19 47.71
C LEU A 472 24.05 -53.71 46.42
N LYS A 473 23.35 -54.58 45.69
CA LYS A 473 23.87 -55.02 44.41
C LYS A 473 23.70 -53.93 43.35
N ALA A 474 22.71 -53.06 43.52
CA ALA A 474 22.59 -51.90 42.65
C ALA A 474 23.70 -50.88 42.92
N GLY A 475 24.20 -50.83 44.16
CA GLY A 475 25.38 -50.06 44.48
C GLY A 475 25.14 -48.67 45.04
N LYS A 476 23.94 -48.36 45.53
CA LYS A 476 23.53 -46.99 45.77
C LYS A 476 23.40 -46.61 47.24
N LEU A 477 23.82 -47.46 48.17
CA LEU A 477 23.90 -47.09 49.58
C LEU A 477 25.34 -47.02 50.06
N ASN A 478 25.71 -45.88 50.63
CA ASN A 478 26.93 -45.80 51.43
C ASN A 478 26.72 -46.55 52.73
N SER A 479 27.80 -47.00 53.35
CA SER A 479 27.65 -47.67 54.63
C SER A 479 28.93 -47.64 55.44
N ALA A 480 28.78 -47.94 56.73
CA ALA A 480 29.89 -47.96 57.69
C ALA A 480 29.64 -49.06 58.70
N PHE A 481 30.69 -49.41 59.44
CA PHE A 481 30.65 -50.48 60.43
C PHE A 481 31.23 -50.03 61.76
N PHE A 482 30.70 -50.59 62.84
CA PHE A 482 31.33 -50.57 64.16
C PHE A 482 31.68 -51.97 64.64
N ILE A 483 32.72 -52.03 65.47
CA ILE A 483 33.21 -53.25 66.09
C ILE A 483 33.61 -52.95 67.52
N GLN A 484 33.33 -53.89 68.43
CA GLN A 484 33.63 -53.71 69.84
C GLN A 484 35.08 -54.09 70.11
N SER A 485 35.89 -53.11 70.50
CA SER A 485 37.26 -53.39 70.89
C SER A 485 37.31 -54.06 72.26
N ASP A 486 38.44 -54.71 72.54
CA ASP A 486 38.55 -55.53 73.75
C ASP A 486 38.37 -54.73 75.03
N ASP A 487 38.63 -53.42 75.00
CA ASP A 487 38.37 -52.58 76.17
C ASP A 487 36.88 -52.33 76.40
N GLY A 488 36.02 -52.79 75.49
CA GLY A 488 34.58 -52.70 75.64
C GLY A 488 33.92 -51.62 74.82
N GLU A 489 34.68 -50.75 74.16
CA GLU A 489 34.13 -49.64 73.39
C GLU A 489 34.07 -49.99 71.91
N TRP A 490 33.03 -49.49 71.25
CA TRP A 490 32.85 -49.72 69.82
C TRP A 490 33.65 -48.71 69.01
N VAL A 491 34.41 -49.21 68.03
CA VAL A 491 35.23 -48.39 67.16
C VAL A 491 34.86 -48.68 65.72
N GLU A 492 35.03 -47.69 64.87
CA GLU A 492 34.66 -47.83 63.46
C GLU A 492 35.64 -48.76 62.75
N SER A 493 35.09 -49.70 62.00
CA SER A 493 35.91 -50.76 61.41
C SER A 493 36.63 -50.29 60.15
N GLU A 494 37.86 -50.77 59.98
CA GLU A 494 38.64 -50.58 58.75
C GLU A 494 38.35 -51.79 57.87
N SER A 495 37.28 -51.69 57.08
CA SER A 495 36.81 -52.81 56.28
C SER A 495 35.95 -52.28 55.15
N LYS A 496 35.66 -53.15 54.18
CA LYS A 496 34.83 -52.82 53.03
C LYS A 496 33.76 -53.88 52.80
N PRO A 497 32.51 -53.49 52.44
CA PRO A 497 31.44 -54.49 52.20
C PRO A 497 31.47 -55.03 50.78
N THR A 498 32.48 -55.85 50.47
CA THR A 498 32.71 -56.29 49.10
C THR A 498 31.51 -57.05 48.55
N MET A 499 31.11 -56.70 47.33
CA MET A 499 29.90 -57.25 46.73
C MET A 499 30.05 -58.73 46.35
N GLU A 500 28.90 -59.41 46.28
CA GLU A 500 28.79 -60.83 45.97
C GLU A 500 29.87 -61.68 46.65
N SER A 509 39.43 -62.46 61.50
CA SER A 509 39.29 -61.64 62.69
C SER A 509 38.46 -62.36 63.76
N HIS A 510 38.57 -61.90 65.00
CA HIS A 510 38.06 -62.62 66.16
C HIS A 510 36.63 -62.22 66.54
N HIS A 511 36.02 -61.29 65.81
CA HIS A 511 34.89 -60.53 66.31
C HIS A 511 33.56 -61.18 65.98
N SER A 512 32.59 -60.98 66.88
CA SER A 512 31.38 -61.80 66.94
C SER A 512 30.08 -61.04 66.69
N SER A 513 30.12 -59.72 66.52
CA SER A 513 28.92 -58.95 66.22
C SER A 513 29.33 -57.65 65.55
N PHE A 514 28.48 -57.19 64.63
CA PHE A 514 28.75 -55.99 63.84
C PHE A 514 27.52 -55.10 63.82
N VAL A 515 27.75 -53.80 63.90
CA VAL A 515 26.73 -52.78 63.67
C VAL A 515 27.00 -52.17 62.30
N TRP A 516 26.01 -52.20 61.43
CA TRP A 516 26.16 -51.83 60.03
C TRP A 516 25.17 -50.72 59.70
N ILE A 517 25.69 -49.54 59.40
CA ILE A 517 24.91 -48.33 59.20
C ILE A 517 24.94 -48.00 57.72
N LEU A 518 23.78 -47.67 57.15
CA LEU A 518 23.64 -47.39 55.73
C LEU A 518 22.87 -46.10 55.50
N ASP A 519 23.29 -45.34 54.49
CA ASP A 519 22.58 -44.15 54.06
C ASP A 519 22.94 -43.85 52.61
N THR A 520 22.04 -43.16 51.92
CA THR A 520 22.37 -42.67 50.58
C THR A 520 23.36 -41.51 50.65
N GLY A 521 23.21 -40.64 51.64
CA GLY A 521 24.07 -39.49 51.77
C GLY A 521 25.36 -39.80 52.49
N SER A 522 26.49 -39.50 51.84
CA SER A 522 27.78 -39.75 52.48
C SER A 522 27.95 -38.91 53.73
N MET A 523 27.59 -37.63 53.66
CA MET A 523 27.77 -36.76 54.81
C MET A 523 26.75 -37.08 55.89
N GLN A 524 25.52 -37.40 55.48
CA GLN A 524 24.53 -37.83 56.46
C GLN A 524 24.98 -39.11 57.15
N LEU A 525 25.62 -40.03 56.41
CA LEU A 525 26.20 -41.21 57.04
C LEU A 525 27.29 -40.84 58.03
N ARG A 526 28.17 -39.91 57.67
CA ARG A 526 29.22 -39.48 58.60
C ARG A 526 28.65 -38.80 59.85
N GLN A 527 27.46 -38.21 59.74
CA GLN A 527 26.82 -37.67 60.94
C GLN A 527 26.17 -38.76 61.78
N SER A 528 25.46 -39.68 61.12
CA SER A 528 24.73 -40.71 61.85
C SER A 528 25.68 -41.69 62.53
N VAL A 529 26.83 -41.95 61.91
CA VAL A 529 27.82 -42.84 62.51
C VAL A 529 28.36 -42.22 63.79
N LYS A 530 28.54 -40.90 63.81
CA LYS A 530 28.88 -40.20 65.05
C LYS A 530 27.78 -40.41 66.09
N CYS A 531 26.52 -40.25 65.70
CA CYS A 531 25.45 -40.42 66.68
C CYS A 531 25.46 -41.83 67.27
N VAL A 532 25.68 -42.84 66.43
CA VAL A 532 25.71 -44.22 66.94
C VAL A 532 26.95 -44.46 67.80
N LYS A 533 28.08 -43.85 67.47
CA LYS A 533 29.25 -43.96 68.34
C LYS A 533 28.95 -43.41 69.72
N ASP A 534 28.32 -42.25 69.79
CA ASP A 534 27.97 -41.69 71.09
C ASP A 534 26.96 -42.56 71.82
N ALA A 535 25.98 -43.10 71.11
CA ALA A 535 24.98 -43.95 71.75
C ALA A 535 25.60 -45.23 72.31
N LEU A 536 26.44 -45.90 71.52
CA LEU A 536 27.00 -47.18 71.95
C LEU A 536 27.95 -47.01 73.13
N ASN A 537 28.91 -46.09 73.01
CA ASN A 537 29.93 -45.90 74.04
C ASN A 537 29.47 -44.94 75.14
N LYS A 538 28.24 -44.47 75.11
CA LYS A 538 27.70 -43.57 76.12
C LYS A 538 28.53 -42.30 76.22
N LEU A 546 19.51 -39.84 64.69
CA LEU A 546 19.85 -40.25 63.33
C LEU A 546 19.22 -39.37 62.26
N LYS A 547 19.91 -39.27 61.13
CA LYS A 547 19.33 -38.62 59.97
C LYS A 547 18.24 -39.50 59.37
N PRO A 548 17.24 -38.90 58.71
CA PRO A 548 16.01 -39.66 58.41
C PRO A 548 16.21 -40.85 57.49
N LYS A 549 17.15 -40.80 56.55
CA LYS A 549 17.35 -41.90 55.60
C LYS A 549 18.36 -42.93 56.10
N THR A 550 18.84 -42.80 57.33
CA THR A 550 19.77 -43.78 57.90
C THR A 550 18.99 -45.00 58.40
N MET A 551 19.53 -46.18 58.12
CA MET A 551 19.04 -47.43 58.70
C MET A 551 20.20 -48.19 59.33
N ILE A 552 19.87 -49.01 60.32
CA ILE A 552 20.84 -49.81 61.06
C ILE A 552 20.57 -51.28 60.82
N VAL A 553 21.63 -52.06 60.69
CA VAL A 553 21.56 -53.52 60.63
C VAL A 553 22.46 -54.09 61.73
N TRP A 554 21.90 -55.00 62.52
CA TRP A 554 22.60 -55.67 63.62
C TRP A 554 22.89 -57.10 63.16
N VAL A 555 24.17 -57.41 62.95
CA VAL A 555 24.59 -58.71 62.43
C VAL A 555 25.26 -59.48 63.57
N THR A 556 24.88 -60.74 63.72
CA THR A 556 25.36 -61.57 64.83
C THR A 556 25.83 -62.93 64.34
N THR B 2 37.69 -49.25 -14.35
CA THR B 2 36.52 -48.57 -13.71
C THR B 2 35.21 -49.13 -14.23
N THR B 3 34.17 -49.02 -13.42
CA THR B 3 32.81 -49.44 -13.76
C THR B 3 31.86 -48.27 -13.55
N THR B 4 30.91 -48.13 -14.47
CA THR B 4 30.06 -46.95 -14.56
C THR B 4 28.64 -47.28 -14.10
N MET B 5 28.09 -46.40 -13.26
CA MET B 5 26.74 -46.52 -12.71
C MET B 5 25.89 -45.37 -13.23
N LYS B 6 24.98 -45.66 -14.15
CA LYS B 6 24.10 -44.62 -14.68
C LYS B 6 23.02 -44.28 -13.67
N ILE B 7 22.78 -42.99 -13.46
CA ILE B 7 21.79 -42.51 -12.51
C ILE B 7 20.94 -41.43 -13.14
N SER B 8 19.75 -41.23 -12.57
CA SER B 8 18.88 -40.12 -12.93
C SER B 8 18.16 -39.63 -11.67
N ILE B 9 17.80 -38.35 -11.68
CA ILE B 9 17.10 -37.72 -10.56
C ILE B 9 15.77 -37.19 -11.08
N GLU B 10 14.70 -37.52 -10.37
CA GLU B 10 13.34 -37.11 -10.72
C GLU B 10 12.84 -36.14 -9.66
N PHE B 11 12.52 -34.92 -10.06
CA PHE B 11 11.98 -33.92 -9.14
C PHE B 11 10.48 -34.05 -8.98
N LEU B 12 10.04 -33.87 -7.74
CA LEU B 12 8.64 -33.87 -7.37
C LEU B 12 8.10 -32.47 -7.13
N GLU B 13 8.96 -31.46 -7.12
CA GLU B 13 8.59 -30.08 -6.82
C GLU B 13 9.40 -29.17 -7.74
N PRO B 14 9.01 -27.91 -7.88
CA PRO B 14 9.86 -26.96 -8.60
C PRO B 14 11.18 -26.75 -7.89
N PHE B 15 12.27 -26.81 -8.65
CA PHE B 15 13.61 -26.67 -8.10
C PHE B 15 14.19 -25.28 -8.39
N ARG B 16 15.16 -24.90 -7.56
CA ARG B 16 15.77 -23.58 -7.62
C ARG B 16 17.07 -23.59 -8.43
N MET B 17 17.37 -22.47 -9.07
CA MET B 17 18.53 -22.35 -9.95
C MET B 17 19.20 -20.99 -9.77
N THR B 18 20.53 -20.99 -9.82
CA THR B 18 21.32 -19.79 -9.58
C THR B 18 21.41 -18.90 -10.81
N LYS B 19 21.64 -17.62 -10.59
CA LYS B 19 21.89 -16.68 -11.68
C LYS B 19 23.33 -16.79 -12.18
N TRP B 20 23.49 -16.86 -13.50
CA TRP B 20 24.82 -17.03 -14.09
C TRP B 20 25.72 -15.84 -13.77
N GLN B 21 27.00 -16.11 -13.54
CA GLN B 21 27.98 -15.08 -13.21
C GLN B 21 29.31 -15.30 -13.93
N GLU B 22 29.99 -14.19 -14.19
CA GLU B 22 31.28 -14.20 -14.88
C GLU B 22 32.33 -14.92 -14.05
N SER B 23 33.36 -15.42 -14.73
CA SER B 23 34.41 -16.19 -14.06
C SER B 23 35.24 -15.36 -13.10
N THR B 24 35.25 -14.03 -13.24
CA THR B 24 35.94 -13.20 -12.26
C THR B 24 35.21 -13.15 -10.92
N ARG B 25 33.96 -13.63 -10.87
CA ARG B 25 33.11 -13.53 -9.70
C ARG B 25 32.80 -14.87 -9.03
N ARG B 26 33.38 -15.97 -9.51
CA ARG B 26 33.08 -17.30 -8.96
C ARG B 26 34.07 -17.67 -7.86
N ASN B 27 33.99 -16.94 -6.74
CA ASN B 27 34.95 -17.13 -5.66
C ASN B 27 34.30 -16.73 -4.33
N LYS B 28 35.00 -17.08 -3.25
CA LYS B 28 34.43 -17.01 -1.90
C LYS B 28 34.06 -15.60 -1.45
N ASN B 29 34.58 -14.56 -2.09
CA ASN B 29 34.30 -13.20 -1.68
C ASN B 29 33.04 -12.63 -2.32
N ASN B 30 32.36 -13.39 -3.18
CA ASN B 30 31.13 -12.96 -3.83
C ASN B 30 29.96 -13.61 -3.09
N LYS B 31 29.19 -12.80 -2.37
CA LYS B 31 28.10 -13.33 -1.56
C LYS B 31 27.02 -13.98 -2.42
N GLU B 32 26.73 -13.38 -3.57
CA GLU B 32 25.69 -13.92 -4.44
C GLU B 32 26.07 -15.32 -4.94
N PHE B 33 27.32 -15.52 -5.34
CA PHE B 33 27.78 -16.83 -5.78
C PHE B 33 27.76 -17.85 -4.66
N VAL B 34 28.18 -17.45 -3.46
CA VAL B 34 28.25 -18.41 -2.35
C VAL B 34 26.86 -18.81 -1.88
N ARG B 35 25.91 -17.88 -1.90
CA ARG B 35 24.55 -18.20 -1.48
C ARG B 35 23.87 -19.18 -2.43
N GLY B 36 24.19 -19.13 -3.72
CA GLY B 36 23.57 -19.99 -4.71
C GLY B 36 24.15 -21.38 -4.83
N GLN B 37 25.16 -21.72 -4.03
CA GLN B 37 25.91 -22.95 -4.24
C GLN B 37 25.12 -24.22 -3.97
N ALA B 38 23.92 -24.12 -3.39
CA ALA B 38 23.06 -25.27 -3.15
C ALA B 38 22.00 -25.46 -4.23
N PHE B 39 21.94 -24.60 -5.24
CA PHE B 39 20.93 -24.66 -6.29
C PHE B 39 21.51 -25.31 -7.55
N ALA B 40 20.65 -25.45 -8.55
CA ALA B 40 21.09 -25.76 -9.90
C ALA B 40 21.78 -24.56 -10.53
N ARG B 41 22.45 -24.80 -11.65
CA ARG B 41 23.24 -23.80 -12.35
C ARG B 41 22.73 -23.59 -13.76
N TRP B 42 23.02 -22.42 -14.32
CA TRP B 42 22.83 -22.13 -15.74
C TRP B 42 24.18 -22.15 -16.43
N HIS B 43 24.23 -22.83 -17.58
CA HIS B 43 25.40 -22.85 -18.45
C HIS B 43 25.10 -22.06 -19.72
N ARG B 44 25.93 -21.07 -20.01
CA ARG B 44 25.88 -20.37 -21.30
C ARG B 44 26.77 -21.10 -22.30
N ASN B 45 26.23 -21.37 -23.48
CA ASN B 45 27.05 -21.97 -24.53
C ASN B 45 28.20 -21.04 -24.91
N LYS B 46 27.93 -19.74 -24.98
CA LYS B 46 28.92 -18.73 -25.29
C LYS B 46 28.67 -17.53 -24.40
N LYS B 47 29.75 -16.98 -23.84
CA LYS B 47 29.68 -16.10 -22.69
C LYS B 47 28.96 -14.78 -22.97
N ASP B 48 28.87 -14.36 -24.24
CA ASP B 48 28.23 -13.09 -24.58
C ASP B 48 26.77 -13.25 -24.99
N ASN B 49 26.17 -14.42 -24.77
CA ASN B 49 24.79 -14.70 -25.15
C ASN B 49 24.12 -15.49 -24.04
N THR B 50 22.84 -15.20 -23.78
CA THR B 50 22.12 -15.90 -22.73
C THR B 50 21.76 -17.34 -23.08
N LYS B 51 21.88 -17.72 -24.36
CA LYS B 51 21.54 -19.08 -24.80
C LYS B 51 22.30 -20.12 -24.00
N GLY B 52 21.60 -21.16 -23.56
CA GLY B 52 22.20 -22.10 -22.63
C GLY B 52 21.23 -23.16 -22.18
N ARG B 53 21.56 -23.81 -21.07
CA ARG B 53 20.74 -24.87 -20.50
C ARG B 53 21.16 -25.11 -19.05
N PRO B 54 20.30 -25.73 -18.24
CA PRO B 54 20.64 -25.93 -16.82
C PRO B 54 21.40 -27.23 -16.57
N TYR B 55 22.06 -27.28 -15.42
CA TYR B 55 22.75 -28.50 -15.00
C TYR B 55 22.97 -28.48 -13.49
N ILE B 56 23.34 -29.64 -12.95
CA ILE B 56 23.60 -29.86 -11.54
C ILE B 56 25.00 -30.44 -11.40
N THR B 57 25.78 -29.93 -10.45
CA THR B 57 27.14 -30.41 -10.23
C THR B 57 27.14 -31.73 -9.46
N GLY B 58 28.09 -32.60 -9.81
CA GLY B 58 28.29 -33.82 -9.05
C GLY B 58 28.76 -33.57 -7.63
N THR B 59 29.41 -32.44 -7.38
CA THR B 59 29.87 -32.11 -6.04
C THR B 59 28.70 -31.97 -5.08
N LEU B 60 27.61 -31.34 -5.52
CA LEU B 60 26.45 -31.15 -4.67
C LEU B 60 25.80 -32.49 -4.32
N LEU B 61 25.65 -33.35 -5.33
CA LEU B 61 25.11 -34.68 -5.08
C LEU B 61 26.00 -35.45 -4.12
N ARG B 62 27.32 -35.32 -4.28
CA ARG B 62 28.26 -35.97 -3.37
C ARG B 62 28.04 -35.51 -1.94
N SER B 63 27.87 -34.19 -1.74
CA SER B 63 27.67 -33.67 -0.39
C SER B 63 26.38 -34.22 0.23
N ALA B 64 25.30 -34.24 -0.56
CA ALA B 64 24.04 -34.81 -0.06
C ALA B 64 24.20 -36.28 0.30
N VAL B 65 24.94 -37.03 -0.52
CA VAL B 65 25.15 -38.45 -0.25
C VAL B 65 25.96 -38.64 1.03
N ILE B 66 26.96 -37.79 1.26
CA ILE B 66 27.75 -37.92 2.48
C ILE B 66 26.89 -37.66 3.71
N ARG B 67 26.01 -36.66 3.65
CA ARG B 67 25.10 -36.41 4.77
C ARG B 67 24.20 -37.62 5.01
N SER B 68 23.67 -38.20 3.93
CA SER B 68 22.83 -39.39 4.06
C SER B 68 23.60 -40.54 4.68
N ALA B 69 24.85 -40.73 4.27
CA ALA B 69 25.67 -41.81 4.82
C ALA B 69 25.92 -41.61 6.30
N GLU B 70 26.14 -40.36 6.73
CA GLU B 70 26.27 -40.09 8.16
C GLU B 70 25.01 -40.53 8.91
N ASN B 71 23.83 -40.20 8.37
CA ASN B 71 22.61 -40.59 9.08
C ASN B 71 22.46 -42.11 9.14
N LEU B 72 22.69 -42.79 8.01
CA LEU B 72 22.53 -44.24 8.00
C LEU B 72 23.49 -44.90 8.97
N LEU B 73 24.76 -44.48 8.98
CA LEU B 73 25.71 -45.06 9.91
C LEU B 73 25.35 -44.73 11.35
N THR B 74 24.70 -43.60 11.59
CA THR B 74 24.20 -43.34 12.94
C THR B 74 23.15 -44.36 13.35
N LEU B 75 22.27 -44.73 12.41
CA LEU B 75 21.22 -45.68 12.76
C LEU B 75 21.76 -47.10 12.98
N SER B 76 22.82 -47.48 12.29
CA SER B 76 23.38 -48.82 12.43
C SER B 76 24.46 -48.91 13.52
N ASP B 77 24.66 -47.84 14.29
CA ASP B 77 25.75 -47.79 15.27
C ASP B 77 27.09 -48.05 14.61
N GLY B 78 27.25 -47.55 13.38
CA GLY B 78 28.49 -47.65 12.64
C GLY B 78 28.71 -48.96 11.92
N LYS B 79 27.87 -49.97 12.13
CA LYS B 79 28.04 -51.23 11.42
C LYS B 79 27.60 -51.11 9.98
N ILE B 80 28.38 -51.73 9.09
CA ILE B 80 28.00 -51.95 7.70
C ILE B 80 28.55 -53.32 7.35
N SER B 81 27.66 -54.29 7.16
CA SER B 81 28.04 -55.69 7.10
C SER B 81 28.85 -56.04 8.35
N GLU B 82 29.92 -56.83 8.22
CA GLU B 82 30.76 -57.10 9.37
C GLU B 82 31.75 -55.98 9.69
N LYS B 83 31.88 -54.99 8.81
CA LYS B 83 32.82 -53.90 9.03
C LYS B 83 32.17 -52.79 9.86
N THR B 84 33.04 -51.98 10.48
CA THR B 84 32.63 -50.83 11.27
C THR B 84 33.39 -49.60 10.77
N CYS B 85 32.68 -48.49 10.67
CA CYS B 85 33.23 -47.25 10.12
C CYS B 85 33.80 -46.36 11.23
N CYS B 86 34.94 -45.75 10.95
CA CYS B 86 35.50 -44.72 11.81
C CYS B 86 34.74 -43.41 11.57
N PRO B 87 35.03 -42.35 12.33
CA PRO B 87 34.25 -41.12 12.21
C PRO B 87 34.41 -40.36 10.90
N GLY B 88 35.26 -40.80 9.98
CA GLY B 88 35.62 -40.00 8.83
C GLY B 88 36.56 -38.87 9.24
N LYS B 89 37.00 -38.11 8.23
CA LYS B 89 37.87 -36.97 8.46
C LYS B 89 37.34 -35.78 7.68
N PHE B 90 37.19 -34.65 8.37
CA PHE B 90 36.64 -33.42 7.82
C PHE B 90 37.49 -32.24 8.26
N ASP B 91 38.81 -32.37 8.14
CA ASP B 91 39.75 -31.43 8.75
C ASP B 91 40.87 -31.18 7.76
N THR B 92 40.94 -29.95 7.24
CA THR B 92 41.88 -29.55 6.21
C THR B 92 42.75 -28.42 6.72
N GLU B 93 44.07 -28.53 6.51
CA GLU B 93 45.00 -27.50 6.98
C GLU B 93 44.99 -26.28 6.07
N ASP B 94 44.91 -26.47 4.76
CA ASP B 94 44.86 -25.35 3.82
C ASP B 94 43.41 -24.94 3.57
N LYS B 95 42.86 -24.25 4.59
CA LYS B 95 41.46 -23.83 4.55
C LYS B 95 41.12 -23.04 3.29
N ASP B 96 42.01 -22.12 2.88
CA ASP B 96 41.67 -21.19 1.81
C ASP B 96 41.45 -21.87 0.47
N ARG B 97 41.90 -23.13 0.34
CA ARG B 97 41.54 -23.92 -0.84
C ARG B 97 40.03 -24.12 -0.95
N LEU B 98 39.34 -24.28 0.17
CA LEU B 98 37.95 -24.70 0.15
C LEU B 98 37.03 -23.50 -0.02
N LEU B 99 36.21 -23.55 -1.07
CA LEU B 99 35.22 -22.50 -1.31
C LEU B 99 34.19 -22.43 -0.19
N GLN B 100 33.77 -23.59 0.33
CA GLN B 100 32.82 -23.68 1.43
C GLN B 100 33.40 -24.54 2.55
N LEU B 101 33.05 -24.18 3.78
CA LEU B 101 33.44 -24.93 4.97
C LEU B 101 32.18 -25.36 5.72
N ARG B 102 32.26 -26.53 6.35
CA ARG B 102 31.10 -27.07 7.05
C ARG B 102 30.81 -26.25 8.31
N GLN B 103 29.57 -25.81 8.44
CA GLN B 103 29.10 -25.11 9.63
C GLN B 103 28.32 -26.01 10.58
N ARG B 104 27.58 -26.99 10.06
CA ARG B 104 26.86 -27.91 10.92
C ARG B 104 27.81 -28.83 11.66
N SER B 105 27.30 -29.41 12.75
CA SER B 105 28.03 -30.44 13.47
C SER B 105 27.99 -31.75 12.71
N THR B 106 28.98 -32.60 12.97
CA THR B 106 29.07 -33.92 12.35
C THR B 106 28.47 -34.97 13.28
N LEU B 107 27.70 -35.88 12.70
CA LEU B 107 27.09 -36.95 13.49
C LEU B 107 28.16 -37.91 13.99
N ARG B 108 27.97 -38.41 15.21
CA ARG B 108 28.94 -39.23 15.91
C ARG B 108 28.37 -40.60 16.21
N TRP B 109 29.19 -41.64 16.02
CA TRP B 109 28.82 -43.00 16.37
C TRP B 109 29.93 -43.79 17.09
N THR B 110 31.15 -43.27 17.16
CA THR B 110 32.22 -43.92 17.92
C THR B 110 33.17 -42.87 18.48
N ASP B 111 33.95 -43.30 19.48
CA ASP B 111 35.05 -42.50 20.00
C ASP B 111 36.35 -42.72 19.23
N LYS B 112 36.41 -43.76 18.39
CA LYS B 112 37.67 -44.15 17.75
C LYS B 112 38.16 -43.07 16.79
N ASN B 113 39.48 -42.98 16.65
CA ASN B 113 40.09 -41.96 15.82
C ASN B 113 39.95 -42.32 14.34
N PRO B 114 40.13 -41.35 13.44
CA PRO B 114 40.06 -41.63 12.00
C PRO B 114 41.18 -42.56 11.54
N CYS B 115 40.98 -43.14 10.37
CA CYS B 115 41.99 -43.99 9.76
C CYS B 115 43.28 -43.20 9.52
N PRO B 116 44.47 -43.81 9.65
CA PRO B 116 45.71 -43.07 9.36
C PRO B 116 45.74 -42.59 7.92
N ASP B 117 46.39 -41.43 7.72
CA ASP B 117 46.46 -40.81 6.40
C ASP B 117 47.39 -41.58 5.45
N ASN B 118 48.25 -42.46 5.96
CA ASN B 118 49.14 -43.28 5.13
C ASN B 118 48.76 -44.75 5.16
N ALA B 119 47.54 -45.07 5.60
CA ALA B 119 47.11 -46.46 5.66
C ALA B 119 46.93 -47.03 4.26
N GLU B 120 46.91 -48.37 4.19
CA GLU B 120 46.53 -49.08 2.98
C GLU B 120 45.04 -49.40 2.95
N THR B 121 44.48 -49.75 4.10
CA THR B 121 43.09 -50.18 4.21
C THR B 121 42.28 -49.08 4.89
N TYR B 122 41.21 -48.67 4.24
CA TYR B 122 40.31 -47.63 4.72
C TYR B 122 38.91 -48.20 4.87
N CYS B 123 38.22 -47.79 5.92
CA CYS B 123 36.87 -48.27 6.16
C CYS B 123 35.92 -47.72 5.10
N PRO B 124 34.73 -48.32 4.96
CA PRO B 124 33.84 -47.94 3.85
C PRO B 124 33.50 -46.45 3.81
N PHE B 125 33.34 -45.81 4.97
CA PHE B 125 33.04 -44.39 4.97
C PHE B 125 34.19 -43.57 4.39
N CYS B 126 35.43 -43.96 4.67
CA CYS B 126 36.55 -43.25 4.07
C CYS B 126 36.71 -43.56 2.59
N GLU B 127 36.24 -44.73 2.13
CA GLU B 127 36.17 -44.96 0.69
C GLU B 127 35.14 -44.05 0.04
N LEU B 128 33.98 -43.90 0.68
CA LEU B 128 32.95 -43.03 0.13
C LEU B 128 33.42 -41.57 0.11
N LEU B 129 34.17 -41.16 1.15
CA LEU B 129 34.78 -39.84 1.14
C LEU B 129 35.86 -39.68 0.08
N GLY B 130 36.29 -40.77 -0.56
CA GLY B 130 37.34 -40.68 -1.55
C GLY B 130 38.72 -40.46 -0.96
N ARG B 131 38.88 -40.74 0.33
CA ARG B 131 40.16 -40.52 1.00
C ARG B 131 41.15 -41.65 0.76
N SER B 132 40.68 -42.81 0.31
CA SER B 132 41.57 -43.93 0.02
C SER B 132 42.48 -43.63 -1.16
N TRP B 144 43.17 -35.88 -9.78
CA TRP B 144 43.55 -36.62 -10.99
C TRP B 144 43.24 -38.11 -10.85
N ARG B 145 43.10 -38.58 -9.59
CA ARG B 145 42.75 -39.95 -9.27
C ARG B 145 41.54 -39.95 -8.35
N PHE B 146 40.50 -40.68 -8.73
CA PHE B 146 39.29 -40.83 -7.94
C PHE B 146 39.02 -42.31 -7.68
N ARG B 147 38.37 -42.59 -6.55
CA ARG B 147 37.84 -43.92 -6.27
C ARG B 147 36.35 -43.99 -6.54
N ILE B 148 35.59 -43.00 -6.07
CA ILE B 148 34.21 -42.79 -6.47
C ILE B 148 34.10 -41.37 -7.01
N HIS B 149 33.76 -41.25 -8.29
CA HIS B 149 33.68 -39.98 -8.99
C HIS B 149 32.22 -39.70 -9.35
N PHE B 150 31.75 -38.51 -8.99
CA PHE B 150 30.40 -38.06 -9.33
C PHE B 150 30.48 -37.14 -10.53
N GLY B 151 29.78 -37.51 -11.60
CA GLY B 151 29.62 -36.63 -12.73
C GLY B 151 28.47 -35.67 -12.56
N ASN B 152 28.38 -34.72 -13.48
CA ASN B 152 27.31 -33.74 -13.46
C ASN B 152 26.03 -34.34 -14.05
N LEU B 153 24.90 -33.82 -13.59
CA LEU B 153 23.58 -34.24 -14.07
C LEU B 153 23.03 -33.18 -15.02
N SER B 154 22.57 -33.64 -16.19
CA SER B 154 22.14 -32.76 -17.26
C SER B 154 20.79 -33.22 -17.80
N LEU B 155 20.13 -32.33 -18.53
CA LEU B 155 18.91 -32.71 -19.22
C LEU B 155 19.23 -33.77 -20.28
N PRO B 156 18.36 -34.76 -20.49
CA PRO B 156 18.65 -35.77 -21.51
C PRO B 156 18.69 -35.15 -22.90
N GLY B 157 19.74 -35.47 -23.65
CA GLY B 157 19.93 -34.94 -24.98
C GLY B 157 20.54 -33.55 -25.03
N LYS B 158 20.73 -32.90 -23.88
CA LYS B 158 21.30 -31.56 -23.79
C LYS B 158 20.70 -30.57 -24.79
N PRO B 159 19.40 -30.29 -24.70
CA PRO B 159 18.82 -29.23 -25.52
C PRO B 159 19.19 -27.85 -25.01
N ASP B 160 18.95 -26.85 -25.87
CA ASP B 160 19.29 -25.46 -25.59
C ASP B 160 18.04 -24.60 -25.58
N PHE B 161 18.12 -23.48 -24.86
CA PHE B 161 17.02 -22.54 -24.71
C PHE B 161 17.59 -21.13 -24.77
N ASP B 162 16.69 -20.17 -25.03
CA ASP B 162 17.10 -18.79 -25.26
C ASP B 162 17.72 -18.14 -24.04
N GLY B 163 17.48 -18.68 -22.85
CA GLY B 163 17.94 -18.08 -21.62
C GLY B 163 17.12 -18.56 -20.44
N PRO B 164 17.53 -18.18 -19.23
CA PRO B 164 16.85 -18.70 -18.03
C PRO B 164 15.35 -18.43 -18.01
N LYS B 165 14.92 -17.27 -18.51
CA LYS B 165 13.50 -16.95 -18.54
C LYS B 165 12.71 -17.87 -19.46
N ALA B 166 13.39 -18.60 -20.34
CA ALA B 166 12.69 -19.57 -21.18
C ALA B 166 12.24 -20.78 -20.39
N ILE B 167 12.92 -21.09 -19.28
CA ILE B 167 12.66 -22.31 -18.53
C ILE B 167 12.03 -22.05 -17.16
N GLY B 168 12.25 -20.87 -16.57
CA GLY B 168 11.72 -20.60 -15.25
C GLY B 168 11.56 -19.12 -14.99
N SER B 169 10.98 -18.81 -13.84
CA SER B 169 10.66 -17.45 -13.43
C SER B 169 11.43 -17.09 -12.16
N GLN B 170 11.85 -15.84 -12.08
CA GLN B 170 12.52 -15.32 -10.90
C GLN B 170 11.50 -14.79 -9.91
N ARG B 171 11.58 -15.23 -8.65
CA ARG B 171 10.61 -14.88 -7.63
C ARG B 171 11.30 -14.36 -6.38
N VAL B 172 10.72 -13.32 -5.79
CA VAL B 172 11.24 -12.74 -4.55
C VAL B 172 10.85 -13.62 -3.37
N LEU B 173 11.82 -13.90 -2.51
CA LEU B 173 11.61 -14.61 -1.26
C LEU B 173 12.06 -13.70 -0.13
N ASN B 174 11.16 -13.38 0.81
CA ASN B 174 11.45 -12.42 1.84
C ASN B 174 11.65 -13.08 3.20
N ARG B 175 12.01 -12.26 4.19
CA ARG B 175 12.17 -12.67 5.57
C ARG B 175 11.38 -11.72 6.45
N VAL B 176 10.45 -12.27 7.23
CA VAL B 176 9.48 -11.49 8.00
C VAL B 176 9.93 -11.42 9.45
N ASP B 177 10.00 -10.21 9.99
CA ASP B 177 10.26 -10.01 11.40
C ASP B 177 9.05 -10.49 12.21
N PHE B 178 9.29 -11.35 13.20
CA PHE B 178 8.19 -11.99 13.92
C PHE B 178 7.31 -10.98 14.65
N LYS B 179 7.92 -10.02 15.35
CA LYS B 179 7.12 -9.17 16.24
C LYS B 179 6.39 -8.07 15.49
N SER B 180 7.01 -7.46 14.47
CA SER B 180 6.33 -6.41 13.73
C SER B 180 5.38 -6.97 12.68
N GLY B 181 5.62 -8.20 12.22
CA GLY B 181 4.83 -8.76 11.14
C GLY B 181 5.14 -8.20 9.77
N LYS B 182 6.31 -7.58 9.60
CA LYS B 182 6.69 -6.89 8.37
C LYS B 182 8.03 -7.43 7.90
N ALA B 183 8.26 -7.35 6.60
CA ALA B 183 9.47 -7.93 6.00
C ALA B 183 10.70 -7.13 6.40
N HIS B 184 11.75 -7.84 6.81
CA HIS B 184 13.02 -7.21 7.15
C HIS B 184 13.91 -7.05 5.92
N ASP B 185 13.94 -8.05 5.05
CA ASP B 185 14.77 -8.03 3.85
C ASP B 185 14.29 -9.14 2.92
N PHE B 186 14.98 -9.31 1.80
CA PHE B 186 14.53 -10.24 0.77
C PHE B 186 15.70 -10.66 -0.12
N PHE B 187 15.49 -11.76 -0.84
CA PHE B 187 16.41 -12.24 -1.87
C PHE B 187 15.59 -12.89 -2.99
N LYS B 188 16.25 -13.19 -4.10
CA LYS B 188 15.59 -13.72 -5.29
C LYS B 188 16.26 -15.01 -5.78
N ALA B 189 15.46 -15.85 -6.45
CA ALA B 189 15.95 -17.04 -7.11
C ALA B 189 15.04 -17.39 -8.27
N TYR B 190 15.56 -18.20 -9.21
CA TYR B 190 14.73 -18.78 -10.26
C TYR B 190 14.09 -20.08 -9.78
N GLU B 191 12.82 -20.28 -10.12
CA GLU B 191 12.13 -21.54 -9.90
C GLU B 191 11.78 -22.18 -11.23
N VAL B 192 12.12 -23.45 -11.38
CA VAL B 192 11.86 -24.23 -12.60
C VAL B 192 10.84 -25.29 -12.26
N ASP B 193 9.72 -25.30 -12.97
CA ASP B 193 8.63 -26.23 -12.67
C ASP B 193 9.00 -27.65 -13.06
N HIS B 194 8.68 -28.61 -12.20
CA HIS B 194 9.05 -30.01 -12.44
C HIS B 194 8.23 -30.67 -13.54
N THR B 195 7.03 -30.17 -13.84
CA THR B 195 6.23 -30.79 -14.89
C THR B 195 6.79 -30.50 -16.27
N ARG B 196 7.57 -29.43 -16.43
CA ARG B 196 8.27 -29.14 -17.67
C ARG B 196 9.64 -29.82 -17.74
N PHE B 197 10.39 -29.84 -16.64
CA PHE B 197 11.76 -30.37 -16.59
C PHE B 197 11.89 -31.32 -15.42
N PRO B 198 11.29 -32.50 -15.50
CA PRO B 198 11.28 -33.40 -14.33
C PRO B 198 12.61 -34.10 -14.08
N ARG B 199 13.49 -34.20 -15.07
CA ARG B 199 14.52 -35.22 -15.08
C ARG B 199 15.90 -34.69 -15.48
N PHE B 200 16.91 -35.11 -14.74
CA PHE B 200 18.32 -34.94 -15.09
C PHE B 200 19.00 -36.30 -15.01
N GLU B 201 20.07 -36.47 -15.79
CA GLU B 201 20.75 -37.76 -15.91
C GLU B 201 22.26 -37.58 -15.80
N GLY B 202 22.92 -38.59 -15.25
CA GLY B 202 24.36 -38.53 -15.06
C GLY B 202 24.92 -39.89 -14.73
N GLU B 203 26.21 -39.89 -14.36
CA GLU B 203 26.96 -41.12 -14.12
C GLU B 203 27.83 -41.01 -12.87
N ILE B 204 27.98 -42.14 -12.18
CA ILE B 204 28.98 -42.31 -11.13
C ILE B 204 29.98 -43.34 -11.63
N THR B 205 31.26 -43.02 -11.50
CA THR B 205 32.37 -43.88 -11.93
C THR B 205 33.06 -44.42 -10.69
N ILE B 206 33.18 -45.74 -10.60
CA ILE B 206 33.68 -46.42 -9.41
C ILE B 206 34.90 -47.26 -9.78
N ASP B 207 35.94 -47.15 -8.97
CA ASP B 207 37.13 -47.97 -9.17
C ASP B 207 36.87 -49.41 -8.75
N ASN B 208 37.47 -50.36 -9.49
CA ASN B 208 37.17 -51.77 -9.27
C ASN B 208 37.61 -52.25 -7.89
N LYS B 209 38.60 -51.59 -7.29
CA LYS B 209 39.11 -52.01 -5.99
C LYS B 209 38.24 -51.53 -4.83
N VAL B 210 37.19 -50.77 -5.09
CA VAL B 210 36.30 -50.32 -4.02
C VAL B 210 35.54 -51.52 -3.46
N SER B 211 35.40 -51.56 -2.14
CA SER B 211 34.84 -52.71 -1.46
C SER B 211 33.33 -52.83 -1.72
N ALA B 212 32.81 -54.03 -1.46
CA ALA B 212 31.38 -54.26 -1.57
C ALA B 212 30.59 -53.46 -0.53
N GLU B 213 31.13 -53.29 0.67
CA GLU B 213 30.43 -52.56 1.72
C GLU B 213 30.34 -51.08 1.38
N ALA B 214 31.39 -50.52 0.77
CA ALA B 214 31.32 -49.14 0.30
C ALA B 214 30.23 -49.00 -0.76
N ARG B 215 30.10 -49.98 -1.65
CA ARG B 215 29.07 -49.94 -2.68
C ARG B 215 27.67 -50.00 -2.07
N LYS B 216 27.48 -50.87 -1.08
CA LYS B 216 26.19 -50.94 -0.40
C LYS B 216 25.86 -49.61 0.27
N LEU B 217 26.84 -49.03 0.97
CA LEU B 217 26.60 -47.75 1.64
C LEU B 217 26.24 -46.67 0.64
N LEU B 218 26.93 -46.65 -0.50
CA LEU B 218 26.62 -45.67 -1.55
C LEU B 218 25.19 -45.82 -2.04
N CYS B 219 24.79 -47.04 -2.37
CA CYS B 219 23.46 -47.25 -2.93
C CYS B 219 22.37 -46.90 -1.92
N ASP B 220 22.54 -47.32 -0.66
CA ASP B 220 21.57 -46.98 0.37
C ASP B 220 21.51 -45.48 0.60
N SER B 221 22.67 -44.80 0.55
CA SER B 221 22.68 -43.35 0.72
C SER B 221 21.94 -42.66 -0.41
N LEU B 222 22.14 -43.13 -1.65
CA LEU B 222 21.41 -42.54 -2.77
C LEU B 222 19.90 -42.72 -2.60
N LYS B 223 19.47 -43.90 -2.15
CA LYS B 223 18.03 -44.08 -1.92
C LYS B 223 17.53 -43.21 -0.77
N PHE B 224 18.35 -43.01 0.26
CA PHE B 224 17.93 -42.22 1.42
C PHE B 224 17.93 -40.73 1.11
N THR B 225 18.73 -40.29 0.16
CA THR B 225 18.81 -38.87 -0.21
C THR B 225 17.49 -38.46 -0.86
N ASP B 226 16.77 -37.50 -0.25
CA ASP B 226 15.41 -37.19 -0.64
C ASP B 226 15.15 -35.75 -1.08
N ARG B 227 16.13 -34.86 -1.02
CA ARG B 227 15.94 -33.49 -1.50
C ARG B 227 17.23 -32.91 -2.06
N LEU B 228 17.09 -32.21 -3.19
CA LEU B 228 18.21 -31.60 -3.88
C LEU B 228 17.73 -30.35 -4.61
N CYS B 229 18.56 -29.31 -4.60
CA CYS B 229 18.25 -28.05 -5.27
C CYS B 229 16.93 -27.45 -4.78
N GLY B 230 16.57 -27.71 -3.53
CA GLY B 230 15.37 -27.16 -2.94
C GLY B 230 14.08 -27.90 -3.26
N ALA B 231 14.16 -29.09 -3.86
CA ALA B 231 12.98 -29.84 -4.25
C ALA B 231 13.10 -31.29 -3.80
N LEU B 232 12.01 -31.84 -3.27
CA LEU B 232 11.95 -33.25 -2.98
C LEU B 232 12.08 -34.05 -4.27
N CYS B 233 12.79 -35.18 -4.19
CA CYS B 233 13.25 -35.88 -5.39
C CYS B 233 13.39 -37.36 -5.12
N VAL B 234 13.45 -38.12 -6.21
CA VAL B 234 13.73 -39.55 -6.20
C VAL B 234 14.91 -39.81 -7.12
N ILE B 235 15.88 -40.56 -6.62
CA ILE B 235 17.08 -40.91 -7.39
C ILE B 235 17.01 -42.38 -7.71
N ARG B 236 17.14 -42.72 -8.98
CA ARG B 236 17.04 -44.08 -9.47
C ARG B 236 18.30 -44.47 -10.24
N PHE B 237 18.52 -45.78 -10.32
CA PHE B 237 19.66 -46.33 -11.00
C PHE B 237 19.42 -47.79 -11.37
N ASN B 260 1.34 -12.38 -34.72
CA ASN B 260 0.25 -13.23 -34.26
C ASN B 260 -0.98 -12.37 -33.93
N LEU B 261 -2.08 -13.04 -33.55
CA LEU B 261 -3.39 -12.39 -33.51
C LEU B 261 -3.43 -11.16 -32.61
N ALA B 262 -3.00 -11.29 -31.35
CA ALA B 262 -3.21 -10.22 -30.38
C ALA B 262 -2.52 -8.93 -30.79
N GLU B 263 -1.38 -9.02 -31.49
CA GLU B 263 -0.70 -7.82 -31.94
C GLU B 263 -1.50 -7.14 -33.04
N LYS B 264 -1.97 -7.93 -34.02
CA LYS B 264 -2.75 -7.37 -35.12
C LYS B 264 -4.03 -6.73 -34.61
N THR B 265 -4.72 -7.40 -33.68
CA THR B 265 -5.96 -6.85 -33.14
C THR B 265 -5.69 -5.54 -32.39
N ALA B 266 -4.60 -5.49 -31.63
CA ALA B 266 -4.27 -4.27 -30.92
C ALA B 266 -3.99 -3.12 -31.89
N GLU B 267 -3.24 -3.40 -32.95
CA GLU B 267 -2.97 -2.36 -33.93
C GLU B 267 -4.25 -1.88 -34.60
N GLN B 268 -5.15 -2.80 -34.94
CA GLN B 268 -6.40 -2.45 -35.59
C GLN B 268 -7.26 -1.59 -34.69
N ILE B 269 -7.38 -1.97 -33.41
CA ILE B 269 -8.23 -1.23 -32.48
C ILE B 269 -7.63 0.14 -32.21
N ILE B 270 -6.31 0.24 -32.10
CA ILE B 270 -5.68 1.54 -31.90
C ILE B 270 -5.93 2.43 -33.10
N SER B 271 -5.85 1.87 -34.31
CA SER B 271 -6.14 2.67 -35.49
C SER B 271 -7.58 3.15 -35.50
N ILE B 272 -8.53 2.31 -35.09
CA ILE B 272 -9.93 2.76 -35.01
C ILE B 272 -10.05 3.91 -34.01
N LEU B 273 -9.48 3.74 -32.82
CA LEU B 273 -9.59 4.75 -31.79
C LEU B 273 -9.02 6.09 -32.25
N ASP B 274 -7.83 6.07 -32.85
CA ASP B 274 -7.22 7.34 -33.22
C ASP B 274 -7.83 7.93 -34.50
N ASP B 275 -8.35 7.09 -35.40
CA ASP B 275 -9.05 7.62 -36.56
C ASP B 275 -10.33 8.34 -36.15
N ASN B 276 -11.06 7.80 -35.17
CA ASN B 276 -12.32 8.40 -34.75
C ASN B 276 -12.18 9.39 -33.61
N LYS B 277 -10.95 9.72 -33.18
CA LYS B 277 -10.72 10.70 -32.12
C LYS B 277 -11.38 10.30 -30.81
N LYS B 278 -11.28 9.02 -30.47
CA LYS B 278 -11.81 8.47 -29.23
C LYS B 278 -10.73 7.92 -28.31
N THR B 279 -9.52 8.49 -28.35
CA THR B 279 -8.40 7.92 -27.62
C THR B 279 -8.57 8.00 -26.10
N GLU B 280 -9.45 8.88 -25.61
CA GLU B 280 -9.62 9.00 -24.17
C GLU B 280 -10.19 7.74 -23.54
N TYR B 281 -10.81 6.85 -24.32
CA TYR B 281 -11.37 5.61 -23.82
C TYR B 281 -10.39 4.45 -23.81
N THR B 282 -9.12 4.67 -24.11
CA THR B 282 -8.18 3.57 -24.28
C THR B 282 -8.02 2.77 -22.97
N ARG B 283 -7.87 3.47 -21.85
CA ARG B 283 -7.64 2.78 -20.58
C ARG B 283 -8.84 1.92 -20.20
N LEU B 284 -10.05 2.47 -20.35
CA LEU B 284 -11.26 1.72 -20.03
C LEU B 284 -11.41 0.50 -20.93
N LEU B 285 -11.13 0.65 -22.23
CA LEU B 285 -11.17 -0.51 -23.12
C LEU B 285 -10.14 -1.54 -22.73
N ALA B 286 -8.93 -1.11 -22.36
CA ALA B 286 -7.89 -2.05 -21.97
C ALA B 286 -8.33 -2.87 -20.75
N ASP B 287 -8.90 -2.20 -19.75
CA ASP B 287 -9.35 -2.93 -18.56
C ASP B 287 -10.55 -3.82 -18.86
N ALA B 288 -11.49 -3.34 -19.66
CA ALA B 288 -12.68 -4.12 -19.97
C ALA B 288 -12.35 -5.37 -20.77
N ILE B 289 -11.49 -5.24 -21.78
CA ILE B 289 -11.12 -6.39 -22.60
C ILE B 289 -10.40 -7.43 -21.77
N ARG B 290 -9.52 -6.99 -20.86
CA ARG B 290 -8.89 -7.91 -19.92
C ARG B 290 -9.93 -8.71 -19.15
N SER B 291 -11.03 -8.05 -18.75
CA SER B 291 -12.07 -8.74 -17.99
C SER B 291 -12.74 -9.85 -18.78
N LEU B 292 -12.67 -9.80 -20.12
CA LEU B 292 -13.27 -10.83 -20.95
C LEU B 292 -12.50 -12.15 -20.94
N ARG B 293 -11.33 -12.18 -20.31
CA ARG B 293 -10.46 -13.36 -20.35
C ARG B 293 -11.11 -14.61 -19.75
N ARG B 294 -12.14 -14.47 -18.91
CA ARG B 294 -12.70 -15.63 -18.25
C ARG B 294 -13.69 -16.41 -19.11
N SER B 295 -14.25 -15.82 -20.15
CA SER B 295 -15.14 -16.57 -21.04
C SER B 295 -15.42 -15.81 -22.33
N SER B 296 -15.25 -16.49 -23.47
CA SER B 296 -15.54 -15.86 -24.76
C SER B 296 -17.03 -15.61 -24.98
N LYS B 297 -17.90 -16.31 -24.24
CA LYS B 297 -19.33 -16.07 -24.36
C LYS B 297 -19.73 -14.68 -23.90
N LEU B 298 -18.88 -14.01 -23.10
CA LEU B 298 -19.15 -12.65 -22.68
C LEU B 298 -19.21 -11.67 -23.85
N VAL B 299 -18.59 -12.00 -24.98
CA VAL B 299 -18.61 -11.08 -26.12
C VAL B 299 -20.02 -10.93 -26.65
N ALA B 300 -20.79 -12.02 -26.71
CA ALA B 300 -22.18 -11.93 -27.15
C ALA B 300 -23.04 -11.11 -26.19
N GLY B 301 -22.61 -10.96 -24.93
CA GLY B 301 -23.38 -10.26 -23.93
C GLY B 301 -23.12 -8.79 -23.79
N LEU B 302 -22.21 -8.22 -24.59
CA LEU B 302 -21.82 -6.83 -24.39
C LEU B 302 -23.03 -5.91 -24.58
N PRO B 303 -23.13 -4.83 -23.80
CA PRO B 303 -24.36 -4.04 -23.78
C PRO B 303 -24.67 -3.36 -25.10
N LYS B 304 -25.95 -3.10 -25.31
CA LYS B 304 -26.45 -2.26 -26.39
C LYS B 304 -26.61 -0.82 -25.88
N ASP B 305 -27.03 0.07 -26.78
CA ASP B 305 -27.40 1.40 -26.35
C ASP B 305 -28.78 1.38 -25.65
N HIS B 306 -29.16 2.54 -25.13
CA HIS B 306 -30.43 2.66 -24.40
C HIS B 306 -31.64 2.36 -25.26
N ASP B 307 -31.52 2.43 -26.58
CA ASP B 307 -32.59 2.03 -27.49
C ASP B 307 -32.53 0.56 -27.91
N GLY B 308 -31.60 -0.21 -27.35
CA GLY B 308 -31.47 -1.60 -27.72
C GLY B 308 -30.78 -1.82 -29.04
N LYS B 309 -29.91 -0.90 -29.43
CA LYS B 309 -29.36 -0.85 -30.78
C LYS B 309 -27.84 -0.78 -30.70
N ASP B 310 -27.17 -1.28 -31.73
CA ASP B 310 -25.71 -1.30 -31.74
C ASP B 310 -25.15 0.08 -32.00
N ASP B 311 -25.30 1.00 -31.04
CA ASP B 311 -24.60 2.27 -31.09
C ASP B 311 -24.06 2.61 -29.70
N HIS B 312 -23.58 1.60 -28.98
CA HIS B 312 -23.01 1.81 -27.66
C HIS B 312 -21.72 2.60 -27.78
N TYR B 313 -21.46 3.46 -26.78
CA TYR B 313 -20.40 4.45 -26.91
C TYR B 313 -18.99 3.85 -26.89
N LEU B 314 -18.80 2.66 -26.32
CA LEU B 314 -17.51 1.97 -26.43
C LEU B 314 -17.45 0.93 -27.55
N TRP B 315 -18.33 -0.06 -27.49
CA TRP B 315 -18.18 -1.24 -28.34
C TRP B 315 -18.49 -0.99 -29.81
N ASP B 316 -19.22 0.08 -30.14
CA ASP B 316 -19.52 0.40 -31.52
C ASP B 316 -18.73 1.59 -32.05
N ILE B 317 -17.63 1.97 -31.40
CA ILE B 317 -16.74 2.95 -31.99
C ILE B 317 -16.27 2.44 -33.34
N GLY B 318 -16.14 3.37 -34.29
CA GLY B 318 -15.77 3.04 -35.65
C GLY B 318 -16.94 2.76 -36.57
N LYS B 319 -18.17 2.76 -36.04
CA LYS B 319 -19.37 2.51 -36.83
C LYS B 319 -19.48 3.48 -38.01
N SER B 326 -16.37 1.09 -42.13
CA SER B 326 -15.41 0.14 -41.60
C SER B 326 -16.01 -0.63 -40.42
N VAL B 327 -15.19 -1.47 -39.80
CA VAL B 327 -15.67 -2.38 -38.75
C VAL B 327 -15.63 -1.68 -37.40
N THR B 328 -16.46 -2.17 -36.48
CA THR B 328 -16.48 -1.71 -35.10
C THR B 328 -15.65 -2.62 -34.21
N ILE B 329 -15.45 -2.18 -32.97
CA ILE B 329 -14.76 -3.01 -31.98
C ILE B 329 -15.59 -4.26 -31.69
N ARG B 330 -16.91 -4.10 -31.60
CA ARG B 330 -17.78 -5.25 -31.37
C ARG B 330 -17.58 -6.31 -32.45
N GLN B 331 -17.48 -5.88 -33.71
CA GLN B 331 -17.30 -6.84 -34.80
C GLN B 331 -15.91 -7.49 -34.75
N ILE B 332 -14.88 -6.72 -34.41
CA ILE B 332 -13.54 -7.28 -34.29
C ILE B 332 -13.52 -8.36 -33.21
N LEU B 333 -14.12 -8.08 -32.06
CA LEU B 333 -14.13 -9.07 -30.99
C LEU B 333 -15.01 -10.26 -31.32
N THR B 334 -16.14 -10.04 -31.98
CA THR B 334 -16.98 -11.16 -32.37
C THR B 334 -16.25 -12.08 -33.35
N THR B 335 -15.50 -11.49 -34.29
CA THR B 335 -14.72 -12.28 -35.22
C THR B 335 -13.63 -13.07 -34.49
N SER B 336 -12.92 -12.40 -33.59
CA SER B 336 -11.85 -13.07 -32.84
C SER B 336 -12.40 -14.22 -31.99
N ALA B 337 -13.54 -13.99 -31.34
CA ALA B 337 -14.14 -15.05 -30.53
C ALA B 337 -14.60 -16.24 -31.36
N ASP B 338 -14.88 -16.04 -32.64
CA ASP B 338 -15.30 -17.12 -33.53
C ASP B 338 -14.14 -17.73 -34.31
N THR B 339 -12.91 -17.26 -34.09
CA THR B 339 -11.73 -17.84 -34.73
C THR B 339 -11.43 -19.19 -34.06
N LYS B 340 -11.26 -20.23 -34.87
CA LYS B 340 -11.21 -21.58 -34.32
C LYS B 340 -9.97 -21.79 -33.47
N GLU B 341 -8.89 -21.07 -33.74
CA GLU B 341 -7.68 -21.17 -32.93
C GLU B 341 -7.94 -20.67 -31.52
N LEU B 342 -8.78 -19.64 -31.37
CA LEU B 342 -9.15 -19.08 -30.08
C LEU B 342 -10.35 -19.78 -29.45
N LYS B 343 -10.77 -20.92 -29.97
CA LYS B 343 -11.90 -21.62 -29.36
C LYS B 343 -11.50 -22.30 -28.06
N ASN B 344 -10.22 -22.63 -27.89
CA ASN B 344 -9.76 -23.18 -26.62
C ASN B 344 -9.73 -22.06 -25.59
N ALA B 345 -10.24 -22.34 -24.39
CA ALA B 345 -10.38 -21.30 -23.37
C ALA B 345 -9.04 -20.72 -22.97
N GLY B 346 -7.99 -21.55 -22.88
CA GLY B 346 -6.67 -21.03 -22.56
C GLY B 346 -6.16 -20.06 -23.60
N LYS B 347 -6.38 -20.38 -24.88
CA LYS B 347 -5.97 -19.48 -25.95
C LYS B 347 -6.75 -18.17 -25.90
N TRP B 348 -8.05 -18.24 -25.59
CA TRP B 348 -8.82 -17.02 -25.43
C TRP B 348 -8.31 -16.17 -24.28
N ARG B 349 -7.98 -16.80 -23.16
CA ARG B 349 -7.44 -16.06 -22.03
C ARG B 349 -6.12 -15.38 -22.38
N GLU B 350 -5.23 -16.12 -23.03
CA GLU B 350 -3.97 -15.56 -23.49
C GLU B 350 -4.19 -14.37 -24.42
N PHE B 351 -5.13 -14.51 -25.36
CA PHE B 351 -5.44 -13.44 -26.29
C PHE B 351 -5.91 -12.18 -25.56
N CYS B 352 -6.88 -12.34 -24.66
CA CYS B 352 -7.40 -11.19 -23.94
C CYS B 352 -6.32 -10.52 -23.10
N GLU B 353 -5.46 -11.31 -22.44
CA GLU B 353 -4.43 -10.73 -21.60
C GLU B 353 -3.43 -9.92 -22.42
N LYS B 354 -2.96 -10.49 -23.53
CA LYS B 354 -2.00 -9.77 -24.37
C LYS B 354 -2.61 -8.49 -24.92
N LEU B 355 -3.85 -8.56 -25.38
CA LEU B 355 -4.51 -7.38 -25.94
C LEU B 355 -4.71 -6.30 -24.88
N GLY B 356 -5.12 -6.70 -23.67
CA GLY B 356 -5.26 -5.74 -22.60
C GLY B 356 -3.95 -5.05 -22.26
N GLU B 357 -2.86 -5.82 -22.22
CA GLU B 357 -1.57 -5.21 -21.90
C GLU B 357 -1.14 -4.23 -23.00
N ALA B 358 -1.33 -4.59 -24.27
CA ALA B 358 -0.97 -3.68 -25.35
C ALA B 358 -1.75 -2.39 -25.27
N LEU B 359 -3.06 -2.47 -25.03
CA LEU B 359 -3.86 -1.25 -24.96
C LEU B 359 -3.52 -0.44 -23.72
N TYR B 360 -3.17 -1.10 -22.61
CA TYR B 360 -2.70 -0.37 -21.43
C TYR B 360 -1.46 0.45 -21.75
N LEU B 361 -0.47 -0.17 -22.40
CA LEU B 361 0.76 0.57 -22.69
C LEU B 361 0.51 1.70 -23.68
N LYS B 362 -0.38 1.50 -24.66
CA LYS B 362 -0.74 2.64 -25.51
C LYS B 362 -1.39 3.75 -24.72
N SER B 363 -2.29 3.43 -23.79
CA SER B 363 -2.91 4.46 -22.97
C SER B 363 -1.87 5.19 -22.12
N LYS B 364 -0.80 4.51 -21.71
CA LYS B 364 0.20 5.15 -20.88
C LYS B 364 1.06 6.14 -21.66
N ASP B 365 1.24 5.91 -22.96
CA ASP B 365 1.97 6.89 -23.77
C ASP B 365 1.27 8.24 -23.76
N MET B 366 -0.06 8.24 -23.85
CA MET B 366 -0.82 9.48 -23.86
C MET B 366 -0.63 10.30 -22.58
N SER B 367 -0.26 9.65 -21.48
CA SER B 367 0.00 10.33 -20.22
C SER B 367 1.47 10.68 -20.02
N GLY B 368 2.28 10.61 -21.08
CA GLY B 368 3.69 10.93 -20.99
C GLY B 368 4.62 9.75 -20.76
N GLY B 369 4.12 8.52 -20.90
CA GLY B 369 4.95 7.34 -20.81
C GLY B 369 4.86 6.65 -19.47
N LEU B 370 5.18 5.36 -19.48
CA LEU B 370 5.13 4.55 -18.26
C LEU B 370 6.29 4.91 -17.35
N LYS B 371 5.97 5.41 -16.17
CA LYS B 371 6.97 5.84 -15.19
C LYS B 371 6.46 5.55 -13.79
N ILE B 372 7.32 4.95 -12.97
CA ILE B 372 6.93 4.43 -11.65
C ILE B 372 7.96 4.90 -10.63
N THR B 373 7.49 5.35 -9.48
CA THR B 373 8.34 5.98 -8.48
C THR B 373 9.22 4.94 -7.79
N ARG B 374 10.53 5.16 -7.82
CA ARG B 374 11.49 4.24 -7.20
C ARG B 374 11.62 4.49 -5.71
N ARG B 375 12.02 3.44 -4.99
CA ARG B 375 12.33 3.55 -3.58
C ARG B 375 13.70 4.19 -3.38
N ILE B 376 13.82 5.06 -2.37
CA ILE B 376 15.11 5.71 -2.11
C ILE B 376 16.15 4.69 -1.69
N LEU B 377 15.82 3.86 -0.70
CA LEU B 377 16.80 2.98 -0.10
C LEU B 377 16.08 1.79 0.49
N GLY B 378 16.77 0.65 0.54
CA GLY B 378 16.14 -0.60 0.93
C GLY B 378 15.66 -1.44 -0.23
N ASP B 379 16.22 -1.27 -1.42
CA ASP B 379 15.78 -1.96 -2.61
C ASP B 379 16.72 -3.07 -3.06
N ALA B 380 17.81 -3.31 -2.34
CA ALA B 380 18.80 -4.31 -2.72
C ALA B 380 18.54 -5.63 -1.99
N GLU B 381 18.91 -6.72 -2.63
CA GLU B 381 18.83 -8.03 -2.00
C GLU B 381 19.83 -8.14 -0.85
N PHE B 382 19.52 -9.02 0.09
CA PHE B 382 20.44 -9.39 1.17
C PHE B 382 20.62 -10.90 1.16
N HIS B 383 21.87 -11.34 1.04
CA HIS B 383 22.23 -12.74 1.02
C HIS B 383 22.94 -13.11 2.32
N GLY B 384 22.57 -14.25 2.89
CA GLY B 384 23.23 -14.74 4.08
C GLY B 384 24.70 -15.04 3.85
N LYS B 385 25.55 -14.64 4.78
CA LYS B 385 26.99 -14.83 4.65
C LYS B 385 27.44 -15.94 5.58
N PRO B 386 27.97 -17.07 5.09
CA PRO B 386 28.45 -18.11 6.01
C PRO B 386 29.73 -17.70 6.72
N ASP B 387 29.97 -18.33 7.87
CA ASP B 387 31.09 -18.00 8.74
C ASP B 387 32.22 -19.00 8.50
N ARG B 388 33.41 -18.49 8.17
CA ARG B 388 34.58 -19.32 7.92
C ARG B 388 35.48 -19.53 9.13
N LEU B 389 35.21 -18.86 10.24
CA LEU B 389 35.92 -19.09 11.49
C LEU B 389 35.13 -19.97 12.45
N GLU B 390 34.08 -20.64 11.97
CA GLU B 390 33.25 -21.46 12.84
C GLU B 390 33.99 -22.73 13.25
N LYS B 391 33.76 -23.16 14.49
CA LYS B 391 34.47 -24.29 15.07
C LYS B 391 33.72 -25.60 14.85
N SER B 392 34.49 -26.69 14.79
CA SER B 392 33.95 -28.00 14.46
C SER B 392 33.49 -28.75 15.71
N ARG B 393 32.38 -29.48 15.57
CA ARG B 393 31.75 -30.21 16.66
C ARG B 393 31.25 -31.56 16.19
N SER B 394 31.34 -32.57 17.05
CA SER B 394 30.74 -33.88 16.84
C SER B 394 29.62 -34.05 17.85
N VAL B 395 28.46 -34.53 17.38
CA VAL B 395 27.25 -34.61 18.17
C VAL B 395 26.59 -35.97 17.92
N SER B 396 26.10 -36.60 18.99
CA SER B 396 25.69 -38.00 18.89
C SER B 396 24.28 -38.18 18.34
N ILE B 397 23.32 -37.42 18.84
CA ILE B 397 21.87 -37.50 18.55
C ILE B 397 21.20 -38.85 18.82
N GLY B 398 21.95 -39.95 18.91
CA GLY B 398 21.40 -41.22 19.31
C GLY B 398 20.87 -42.04 18.14
N SER B 399 20.58 -43.30 18.43
CA SER B 399 20.08 -44.24 17.41
C SER B 399 18.57 -44.23 17.27
N VAL B 400 17.85 -43.61 18.21
CA VAL B 400 16.39 -43.58 18.17
C VAL B 400 15.97 -42.52 17.16
N LEU B 401 15.22 -42.91 16.14
CA LEU B 401 14.85 -41.99 15.07
C LEU B 401 13.58 -42.50 14.40
N LYS B 402 12.54 -41.66 14.40
CA LYS B 402 11.25 -41.99 13.81
C LYS B 402 10.82 -40.90 12.84
N GLU B 403 9.97 -41.28 11.88
CA GLU B 403 9.38 -40.37 10.91
C GLU B 403 7.87 -40.46 10.98
N THR B 404 7.21 -39.32 11.16
CA THR B 404 5.75 -39.22 11.18
C THR B 404 5.28 -38.53 9.90
N VAL B 405 4.24 -39.07 9.29
CA VAL B 405 3.67 -38.54 8.05
C VAL B 405 2.25 -38.07 8.34
N VAL B 406 1.94 -36.85 7.91
CA VAL B 406 0.60 -36.28 8.04
C VAL B 406 0.11 -35.93 6.64
N CYS B 407 -1.08 -36.42 6.29
CA CYS B 407 -1.71 -36.12 5.02
C CYS B 407 -3.08 -35.50 5.26
N GLY B 408 -3.48 -34.61 4.36
CA GLY B 408 -4.77 -33.96 4.45
C GLY B 408 -5.03 -33.00 3.31
N GLU B 409 -5.93 -32.05 3.55
CA GLU B 409 -6.26 -30.99 2.61
C GLU B 409 -6.26 -29.64 3.33
N LEU B 410 -5.85 -28.60 2.64
CA LEU B 410 -6.03 -27.22 3.09
C LEU B 410 -7.06 -26.58 2.18
N VAL B 411 -8.16 -26.11 2.78
CA VAL B 411 -9.32 -25.62 2.06
C VAL B 411 -9.45 -24.12 2.31
N ALA B 412 -9.58 -23.36 1.23
CA ALA B 412 -9.71 -21.91 1.33
C ALA B 412 -11.10 -21.53 1.84
N LYS B 413 -11.18 -20.99 3.05
CA LYS B 413 -12.43 -20.48 3.59
C LYS B 413 -12.63 -18.99 3.32
N THR B 414 -11.61 -18.31 2.82
CA THR B 414 -11.70 -16.93 2.35
C THR B 414 -10.92 -16.85 1.04
N PRO B 415 -11.09 -15.79 0.25
CA PRO B 415 -10.14 -15.54 -0.83
C PRO B 415 -8.73 -15.36 -0.25
N PHE B 416 -7.73 -15.53 -1.10
CA PHE B 416 -6.36 -15.53 -0.63
C PHE B 416 -5.42 -14.91 -1.65
N PHE B 417 -4.25 -14.48 -1.16
CA PHE B 417 -3.32 -13.65 -1.91
C PHE B 417 -1.88 -14.03 -1.55
N PHE B 418 -1.24 -14.80 -2.44
CA PHE B 418 0.20 -15.02 -2.40
C PHE B 418 0.82 -14.10 -3.45
N GLY B 419 1.47 -13.03 -2.98
CA GLY B 419 1.90 -11.97 -3.89
C GLY B 419 3.11 -12.40 -4.71
N ALA B 420 3.07 -12.09 -6.00
CA ALA B 420 4.21 -12.29 -6.88
C ALA B 420 3.99 -11.47 -8.14
N ILE B 421 4.87 -10.52 -8.42
CA ILE B 421 4.74 -9.63 -9.57
C ILE B 421 5.54 -10.18 -10.74
N ASP B 422 4.90 -10.25 -11.90
CA ASP B 422 5.62 -10.41 -13.15
C ASP B 422 6.04 -9.03 -13.64
N GLU B 423 7.36 -8.82 -13.78
CA GLU B 423 7.86 -7.52 -14.20
C GLU B 423 7.42 -7.15 -15.61
N ASP B 424 7.06 -8.13 -16.43
CA ASP B 424 6.61 -7.88 -17.80
C ASP B 424 5.11 -7.65 -17.90
N ALA B 425 4.37 -7.75 -16.80
CA ALA B 425 2.93 -7.50 -16.76
C ALA B 425 2.71 -6.22 -15.95
N LYS B 426 2.40 -5.12 -16.65
CA LYS B 426 2.28 -3.82 -16.01
C LYS B 426 0.85 -3.44 -15.65
N GLN B 427 -0.14 -4.05 -16.30
CA GLN B 427 -1.50 -3.54 -16.22
C GLN B 427 -2.09 -3.69 -14.81
N THR B 428 -1.69 -4.71 -14.07
CA THR B 428 -2.25 -5.01 -12.76
C THR B 428 -1.21 -4.70 -11.68
N ALA B 429 -1.66 -4.04 -10.61
CA ALA B 429 -0.72 -3.55 -9.61
C ALA B 429 -0.29 -4.64 -8.64
N LEU B 430 -1.26 -5.41 -8.12
CA LEU B 430 -1.00 -6.50 -7.19
C LEU B 430 -1.43 -7.80 -7.85
N GLN B 431 -0.54 -8.79 -7.85
CA GLN B 431 -0.71 -10.00 -8.64
C GLN B 431 -0.52 -11.24 -7.80
N VAL B 432 -1.19 -12.32 -8.20
CA VAL B 432 -1.20 -13.59 -7.51
C VAL B 432 -0.20 -14.55 -8.13
N LEU B 433 0.33 -15.45 -7.30
CA LEU B 433 1.24 -16.50 -7.77
C LEU B 433 0.46 -17.63 -8.47
N LEU B 434 0.88 -17.96 -9.68
CA LEU B 434 0.30 -19.03 -10.47
C LEU B 434 1.39 -19.94 -11.02
N THR B 435 0.99 -21.17 -11.38
CA THR B 435 1.86 -22.06 -12.11
C THR B 435 1.93 -21.62 -13.58
N PRO B 436 2.90 -22.13 -14.34
CA PRO B 436 2.94 -21.78 -15.77
C PRO B 436 1.69 -22.16 -16.54
N ASP B 437 0.99 -23.22 -16.16
CA ASP B 437 -0.29 -23.56 -16.74
C ASP B 437 -1.47 -22.97 -15.97
N ASN B 438 -1.24 -21.89 -15.21
CA ASN B 438 -2.27 -21.05 -14.61
C ASN B 438 -3.10 -21.76 -13.54
N LYS B 439 -2.54 -22.74 -12.86
CA LYS B 439 -3.13 -23.23 -11.63
C LYS B 439 -2.64 -22.38 -10.45
N TYR B 440 -3.47 -22.32 -9.41
CA TYR B 440 -3.09 -21.62 -8.19
C TYR B 440 -2.11 -22.46 -7.38
N ARG B 441 -1.12 -21.78 -6.80
CA ARG B 441 0.00 -22.43 -6.13
C ARG B 441 0.06 -22.01 -4.67
N LEU B 442 0.12 -23.00 -3.78
CA LEU B 442 0.41 -22.81 -2.38
C LEU B 442 1.88 -23.14 -2.15
N PRO B 443 2.79 -22.16 -2.11
CA PRO B 443 4.21 -22.49 -2.18
C PRO B 443 4.79 -23.00 -0.86
N ARG B 444 5.82 -23.86 -1.00
CA ARG B 444 6.53 -24.40 0.15
C ARG B 444 7.09 -23.31 1.05
N SER B 445 7.66 -22.26 0.46
CA SER B 445 8.29 -21.20 1.24
C SER B 445 7.29 -20.56 2.19
N ALA B 446 6.09 -20.26 1.71
CA ALA B 446 5.08 -19.65 2.57
C ALA B 446 4.66 -20.59 3.68
N VAL B 447 4.49 -21.87 3.37
CA VAL B 447 4.01 -22.82 4.38
C VAL B 447 5.05 -22.98 5.49
N ARG B 448 6.33 -23.10 5.12
CA ARG B 448 7.38 -23.13 6.13
C ARG B 448 7.41 -21.84 6.96
N GLY B 449 7.27 -20.69 6.31
CA GLY B 449 7.26 -19.45 7.07
C GLY B 449 6.14 -19.37 8.07
N ILE B 450 4.96 -19.84 7.68
CA ILE B 450 3.80 -19.79 8.58
C ILE B 450 3.97 -20.80 9.72
N LEU B 451 4.52 -21.99 9.42
CA LEU B 451 4.81 -22.94 10.48
C LEU B 451 5.77 -22.37 11.51
N ARG B 452 6.86 -21.75 11.04
CA ARG B 452 7.81 -21.16 11.98
C ARG B 452 7.16 -20.05 12.80
N ARG B 453 6.33 -19.21 12.16
CA ARG B 453 5.64 -18.15 12.89
C ARG B 453 4.72 -18.71 13.96
N ASP B 454 3.92 -19.73 13.62
CA ASP B 454 2.99 -20.26 14.61
C ASP B 454 3.71 -21.02 15.72
N LEU B 455 4.83 -21.67 15.43
CA LEU B 455 5.60 -22.30 16.50
C LEU B 455 6.15 -21.27 17.46
N GLN B 456 6.66 -20.14 16.95
CA GLN B 456 7.08 -19.08 17.87
C GLN B 456 5.89 -18.49 18.63
N THR B 457 4.70 -18.49 18.03
CA THR B 457 3.52 -18.06 18.78
C THR B 457 3.21 -19.02 19.91
N TYR B 458 3.32 -20.32 19.65
CA TYR B 458 3.10 -21.31 20.71
C TYR B 458 4.09 -21.13 21.85
N PHE B 459 5.39 -21.21 21.55
CA PHE B 459 6.39 -21.07 22.59
C PHE B 459 6.40 -19.68 23.21
N ASP B 460 5.91 -18.67 22.48
CA ASP B 460 5.88 -17.30 22.97
C ASP B 460 7.30 -16.78 23.22
N SER B 461 8.15 -16.91 22.21
CA SER B 461 9.50 -16.35 22.29
C SER B 461 10.07 -16.16 20.89
N PRO B 462 10.35 -14.93 20.46
CA PRO B 462 10.89 -14.73 19.10
C PRO B 462 12.31 -15.29 18.95
N CYS B 463 12.62 -15.71 17.74
CA CYS B 463 13.98 -16.12 17.40
C CYS B 463 14.76 -14.91 16.86
N ASN B 464 15.93 -14.66 17.43
CA ASN B 464 16.72 -13.48 17.09
C ASN B 464 17.89 -13.80 16.15
N ALA B 465 18.10 -15.07 15.80
CA ALA B 465 19.31 -15.46 15.11
C ALA B 465 19.42 -14.84 13.72
N GLU B 466 20.64 -14.46 13.35
CA GLU B 466 20.98 -13.94 12.03
C GLU B 466 21.40 -15.08 11.10
N LEU B 467 21.33 -14.82 9.80
CA LEU B 467 21.80 -15.79 8.82
C LEU B 467 23.30 -15.99 8.94
N GLY B 468 23.73 -17.25 8.82
CA GLY B 468 25.12 -17.60 8.91
C GLY B 468 25.53 -18.07 10.30
N GLY B 469 26.66 -18.75 10.35
CA GLY B 469 27.16 -19.31 11.59
C GLY B 469 26.56 -20.67 11.87
N ARG B 470 26.91 -21.21 13.02
CA ARG B 470 26.43 -22.54 13.39
C ARG B 470 24.91 -22.51 13.57
N PRO B 471 24.23 -23.64 13.35
CA PRO B 471 22.75 -23.65 13.42
C PRO B 471 22.23 -23.17 14.77
N CYS B 472 21.11 -22.44 14.73
CA CYS B 472 20.48 -21.95 15.95
C CYS B 472 19.85 -23.10 16.73
N MET B 473 19.99 -23.05 18.06
CA MET B 473 19.56 -24.12 18.94
C MET B 473 18.27 -23.83 19.68
N CYS B 474 17.56 -22.76 19.32
CA CYS B 474 16.31 -22.46 20.00
C CYS B 474 15.26 -23.54 19.68
N LYS B 475 14.21 -23.57 20.48
CA LYS B 475 13.26 -24.68 20.41
C LYS B 475 12.49 -24.70 19.09
N THR B 476 12.29 -23.55 18.45
CA THR B 476 11.59 -23.52 17.17
C THR B 476 12.48 -24.03 16.04
N CYS B 477 13.75 -23.62 16.02
CA CYS B 477 14.64 -24.01 14.93
C CYS B 477 14.89 -25.51 14.92
N ARG B 478 14.96 -26.12 16.10
CA ARG B 478 15.17 -27.56 16.19
C ARG B 478 14.00 -28.34 15.59
N ILE B 479 12.77 -27.88 15.79
CA ILE B 479 11.62 -28.53 15.17
C ILE B 479 11.64 -28.30 13.66
N MET B 480 11.90 -27.06 13.23
CA MET B 480 11.88 -26.76 11.80
C MET B 480 12.94 -27.51 11.03
N ARG B 481 13.99 -27.98 11.70
CA ARG B 481 15.05 -28.73 11.06
C ARG B 481 14.63 -30.19 10.78
N GLY B 482 13.56 -30.66 11.40
CA GLY B 482 12.99 -31.96 11.11
C GLY B 482 11.82 -31.96 10.15
N ILE B 483 11.26 -30.78 9.85
CA ILE B 483 10.02 -30.67 9.07
C ILE B 483 10.31 -30.71 7.58
N THR B 484 9.37 -31.31 6.83
CA THR B 484 9.32 -31.32 5.38
C THR B 484 7.88 -31.06 4.95
N VAL B 485 7.70 -30.25 3.90
CA VAL B 485 6.35 -29.97 3.38
C VAL B 485 6.38 -29.91 1.85
N MET B 486 5.34 -30.48 1.24
CA MET B 486 5.17 -30.47 -0.20
C MET B 486 4.69 -29.11 -0.72
N ASP B 487 5.28 -28.66 -1.82
CA ASP B 487 4.69 -27.60 -2.62
C ASP B 487 3.43 -28.13 -3.30
N ALA B 488 2.37 -27.32 -3.32
CA ALA B 488 1.06 -27.78 -3.75
C ALA B 488 0.43 -26.82 -4.76
N ARG B 489 -0.42 -27.38 -5.62
CA ARG B 489 -1.15 -26.62 -6.62
C ARG B 489 -2.59 -27.12 -6.71
N SER B 490 -3.45 -26.30 -7.32
CA SER B 490 -4.87 -26.56 -7.41
C SER B 490 -5.25 -27.15 -8.77
N GLU B 491 -6.34 -27.91 -8.77
CA GLU B 491 -6.99 -28.32 -10.01
C GLU B 491 -7.70 -27.15 -10.67
N TYR B 492 -8.28 -26.27 -9.86
CA TYR B 492 -8.96 -25.07 -10.35
C TYR B 492 -7.98 -24.11 -11.02
N ASN B 493 -8.34 -23.62 -12.21
CA ASN B 493 -7.46 -22.75 -12.97
C ASN B 493 -8.19 -21.60 -13.67
N ALA B 494 -9.31 -21.13 -13.14
CA ALA B 494 -9.97 -19.96 -13.72
C ALA B 494 -9.22 -18.68 -13.36
N PRO B 495 -9.41 -17.60 -14.13
CA PRO B 495 -8.64 -16.38 -13.87
C PRO B 495 -9.00 -15.78 -12.55
N PRO B 496 -8.11 -15.00 -11.93
CA PRO B 496 -8.45 -14.30 -10.68
C PRO B 496 -9.46 -13.18 -10.88
N GLU B 497 -10.10 -12.79 -9.78
CA GLU B 497 -10.86 -11.55 -9.69
C GLU B 497 -9.92 -10.35 -9.71
N ILE B 498 -10.45 -9.20 -10.15
CA ILE B 498 -9.76 -7.92 -10.02
C ILE B 498 -10.60 -7.02 -9.12
N ARG B 499 -10.00 -6.55 -8.03
CA ARG B 499 -10.66 -5.67 -7.07
C ARG B 499 -10.15 -4.24 -7.27
N HIS B 500 -11.07 -3.27 -7.25
CA HIS B 500 -10.67 -1.88 -7.12
C HIS B 500 -10.34 -1.56 -5.67
N ARG B 501 -9.36 -0.67 -5.47
CA ARG B 501 -9.03 -0.20 -4.14
C ARG B 501 -8.58 1.25 -4.20
N THR B 502 -8.87 2.00 -3.14
CA THR B 502 -8.56 3.42 -3.09
C THR B 502 -8.33 3.84 -1.64
N ARG B 503 -7.76 5.04 -1.48
CA ARG B 503 -7.54 5.66 -0.18
C ARG B 503 -8.22 7.02 -0.14
N ILE B 504 -8.83 7.35 1.00
CA ILE B 504 -9.55 8.59 1.18
C ILE B 504 -8.70 9.58 1.96
N ASN B 505 -8.61 10.80 1.45
CA ASN B 505 -8.01 11.89 2.20
C ASN B 505 -8.94 12.25 3.35
N PRO B 506 -8.50 12.19 4.62
CA PRO B 506 -9.43 12.47 5.72
C PRO B 506 -9.88 13.92 5.79
N PHE B 507 -9.08 14.88 5.33
CA PHE B 507 -9.47 16.28 5.45
C PHE B 507 -10.59 16.65 4.50
N THR B 508 -10.47 16.27 3.22
CA THR B 508 -11.46 16.63 2.22
C THR B 508 -12.58 15.61 2.09
N GLY B 509 -12.38 14.39 2.54
CA GLY B 509 -13.36 13.35 2.34
C GLY B 509 -13.38 12.76 0.95
N THR B 510 -12.33 12.99 0.16
CA THR B 510 -12.26 12.52 -1.22
C THR B 510 -10.95 11.77 -1.42
N VAL B 511 -10.86 11.09 -2.57
CA VAL B 511 -9.71 10.24 -2.87
C VAL B 511 -8.41 11.05 -2.77
N ALA B 512 -7.39 10.44 -2.17
CA ALA B 512 -6.09 11.07 -2.08
C ALA B 512 -5.38 11.04 -3.43
N GLU B 513 -4.45 11.97 -3.62
CA GLU B 513 -3.70 12.06 -4.87
C GLU B 513 -2.92 10.77 -5.14
N GLY B 514 -3.21 10.15 -6.28
CA GLY B 514 -2.51 8.95 -6.71
C GLY B 514 -3.04 7.65 -6.13
N ALA B 515 -4.03 7.70 -5.25
CA ALA B 515 -4.47 6.53 -4.49
C ALA B 515 -5.58 5.74 -5.18
N LEU B 516 -5.35 5.33 -6.42
CA LEU B 516 -6.22 4.38 -7.11
C LEU B 516 -5.36 3.21 -7.58
N PHE B 517 -5.76 1.99 -7.23
CA PHE B 517 -5.00 0.81 -7.59
C PHE B 517 -5.92 -0.40 -7.58
N ASN B 518 -5.43 -1.49 -8.18
CA ASN B 518 -6.22 -2.69 -8.41
C ASN B 518 -5.42 -3.93 -8.00
N MET B 519 -6.14 -5.03 -7.74
CA MET B 519 -5.58 -6.20 -7.06
C MET B 519 -6.18 -7.50 -7.60
N GLU B 520 -5.32 -8.46 -7.92
CA GLU B 520 -5.76 -9.83 -8.19
C GLU B 520 -6.06 -10.58 -6.88
N VAL B 521 -7.11 -11.39 -6.89
CA VAL B 521 -7.51 -12.17 -5.72
C VAL B 521 -7.91 -13.57 -6.14
N ALA B 522 -7.50 -14.57 -5.34
CA ALA B 522 -7.85 -15.97 -5.60
C ALA B 522 -9.13 -16.35 -4.88
N PRO B 523 -10.06 -17.07 -5.51
CA PRO B 523 -11.37 -17.31 -4.87
C PRO B 523 -11.30 -18.27 -3.69
N GLU B 524 -12.29 -18.16 -2.82
CA GLU B 524 -12.50 -19.15 -1.78
C GLU B 524 -13.05 -20.45 -2.37
N GLY B 525 -12.79 -21.55 -1.67
CA GLY B 525 -13.25 -22.86 -2.07
C GLY B 525 -12.23 -23.74 -2.76
N ILE B 526 -11.08 -23.18 -3.14
CA ILE B 526 -10.00 -24.00 -3.70
C ILE B 526 -9.48 -24.96 -2.65
N VAL B 527 -9.12 -26.16 -3.09
CA VAL B 527 -8.62 -27.22 -2.22
C VAL B 527 -7.20 -27.57 -2.66
N PHE B 528 -6.28 -27.61 -1.69
CA PHE B 528 -4.89 -27.99 -1.91
C PHE B 528 -4.55 -29.30 -1.21
N PRO B 529 -3.79 -30.21 -1.84
CA PRO B 529 -3.21 -31.32 -1.09
C PRO B 529 -2.23 -30.81 -0.05
N PHE B 530 -2.18 -31.48 1.09
CA PHE B 530 -1.27 -31.15 2.18
C PHE B 530 -0.55 -32.41 2.63
N GLN B 531 0.79 -32.35 2.64
CA GLN B 531 1.58 -33.41 3.24
C GLN B 531 2.73 -32.81 4.03
N LEU B 532 2.83 -33.21 5.29
CA LEU B 532 3.91 -32.80 6.18
C LEU B 532 4.59 -34.06 6.71
N ARG B 533 5.91 -33.98 6.89
CA ARG B 533 6.67 -35.03 7.56
C ARG B 533 7.58 -34.42 8.61
N TYR B 534 7.79 -35.18 9.69
CA TYR B 534 8.68 -34.80 10.78
C TYR B 534 9.58 -35.97 11.13
N ARG B 535 10.88 -35.73 11.18
CA ARG B 535 11.86 -36.70 11.67
C ARG B 535 12.43 -36.22 13.00
N GLY B 536 12.51 -37.13 13.96
CA GLY B 536 13.05 -36.76 15.26
C GLY B 536 13.22 -37.98 16.13
N SER B 537 13.73 -37.73 17.34
CA SER B 537 13.95 -38.76 18.32
C SER B 537 12.83 -38.86 19.36
N GLU B 538 11.99 -37.83 19.49
CA GLU B 538 10.81 -37.96 20.32
C GLU B 538 9.86 -39.00 19.72
N ASP B 539 8.94 -39.47 20.53
CA ASP B 539 8.09 -40.61 20.17
C ASP B 539 6.97 -40.26 19.19
N GLY B 540 7.00 -39.07 18.58
CA GLY B 540 5.94 -38.65 17.70
C GLY B 540 6.16 -37.19 17.32
N LEU B 541 5.09 -36.53 16.90
CA LEU B 541 5.18 -35.10 16.67
C LEU B 541 5.44 -34.40 18.01
N PRO B 542 6.32 -33.39 18.04
CA PRO B 542 6.47 -32.62 19.28
C PRO B 542 5.18 -31.90 19.64
N ASP B 543 4.99 -31.69 20.95
CA ASP B 543 3.71 -31.21 21.44
C ASP B 543 3.35 -29.84 20.87
N ALA B 544 4.35 -28.99 20.59
CA ALA B 544 4.06 -27.68 20.00
C ALA B 544 3.42 -27.83 18.62
N LEU B 545 3.96 -28.74 17.80
CA LEU B 545 3.42 -28.94 16.47
C LEU B 545 2.03 -29.56 16.51
N LYS B 546 1.76 -30.43 17.48
CA LYS B 546 0.41 -30.96 17.62
C LYS B 546 -0.58 -29.84 17.91
N THR B 547 -0.20 -28.89 18.77
CA THR B 547 -1.07 -27.75 19.05
C THR B 547 -1.30 -26.90 17.80
N VAL B 548 -0.23 -26.66 17.02
CA VAL B 548 -0.36 -25.82 15.84
C VAL B 548 -1.26 -26.49 14.80
N LEU B 549 -1.10 -27.81 14.62
CA LEU B 549 -1.95 -28.51 13.67
C LEU B 549 -3.40 -28.54 14.14
N LYS B 550 -3.62 -28.61 15.45
CA LYS B 550 -4.98 -28.47 15.95
C LYS B 550 -5.53 -27.08 15.66
N TRP B 551 -4.72 -26.03 15.81
CA TRP B 551 -5.17 -24.69 15.43
C TRP B 551 -5.57 -24.66 13.95
N TRP B 552 -4.78 -25.29 13.10
CA TRP B 552 -5.12 -25.29 11.67
C TRP B 552 -6.39 -26.08 11.40
N ALA B 553 -6.60 -27.19 12.10
CA ALA B 553 -7.81 -27.97 11.89
C ALA B 553 -9.06 -27.22 12.34
N GLU B 554 -8.91 -26.29 13.27
CA GLU B 554 -10.01 -25.45 13.75
C GLU B 554 -10.23 -24.21 12.90
N GLY B 555 -9.55 -24.09 11.76
CA GLY B 555 -9.80 -23.00 10.82
C GLY B 555 -9.04 -21.73 11.08
N GLN B 556 -7.93 -21.78 11.83
CA GLN B 556 -7.09 -20.62 12.05
C GLN B 556 -5.71 -20.79 11.41
N ALA B 557 -5.67 -21.38 10.22
CA ALA B 557 -4.48 -21.34 9.37
C ALA B 557 -4.52 -20.07 8.54
N PHE B 558 -4.07 -18.97 9.15
CA PHE B 558 -3.90 -17.69 8.45
C PHE B 558 -2.59 -17.74 7.70
N MET B 559 -2.63 -17.95 6.38
CA MET B 559 -1.44 -18.35 5.63
C MET B 559 -0.92 -17.31 4.66
N SER B 560 -1.77 -16.50 4.05
CA SER B 560 -1.35 -15.67 2.92
C SER B 560 -1.16 -14.22 3.34
N GLY B 561 -0.77 -13.39 2.38
CA GLY B 561 -0.66 -11.97 2.61
C GLY B 561 -2.01 -11.27 2.59
N ALA B 562 -1.98 -9.98 2.92
CA ALA B 562 -3.19 -9.17 3.01
C ALA B 562 -4.18 -9.74 4.04
N ALA B 563 -3.64 -10.21 5.16
CA ALA B 563 -4.48 -10.81 6.19
C ALA B 563 -5.44 -9.79 6.82
N SER B 564 -5.01 -8.54 6.95
CA SER B 564 -5.81 -7.54 7.64
C SER B 564 -7.16 -7.32 6.96
N THR B 565 -7.23 -7.49 5.65
CA THR B 565 -8.48 -7.39 4.89
C THR B 565 -9.00 -8.77 4.50
N GLY B 566 -8.83 -9.75 5.39
CA GLY B 566 -9.56 -11.00 5.31
C GLY B 566 -9.03 -12.02 4.34
N LYS B 567 -7.90 -11.80 3.71
CA LYS B 567 -7.38 -12.79 2.77
C LYS B 567 -6.61 -13.87 3.52
N GLY B 568 -6.78 -15.11 3.08
CA GLY B 568 -5.84 -16.17 3.40
C GLY B 568 -6.13 -17.04 4.60
N ARG B 569 -7.39 -17.26 4.96
CA ARG B 569 -7.74 -18.17 6.04
C ARG B 569 -8.13 -19.54 5.50
N PHE B 570 -7.46 -20.57 5.99
CA PHE B 570 -7.62 -21.95 5.54
C PHE B 570 -8.03 -22.84 6.71
N ARG B 571 -8.74 -23.91 6.40
CA ARG B 571 -9.00 -25.00 7.35
C ARG B 571 -8.32 -26.26 6.85
N MET B 572 -7.64 -26.97 7.75
CA MET B 572 -7.05 -28.26 7.45
C MET B 572 -8.09 -29.36 7.67
N GLU B 573 -8.40 -30.13 6.62
CA GLU B 573 -9.51 -31.06 6.63
C GLU B 573 -9.06 -32.47 6.28
N ASN B 574 -9.77 -33.46 6.84
CA ASN B 574 -9.56 -34.88 6.53
C ASN B 574 -8.13 -35.33 6.81
N ALA B 575 -7.61 -34.97 7.99
CA ALA B 575 -6.23 -35.28 8.34
C ALA B 575 -6.08 -36.77 8.69
N LYS B 576 -4.92 -37.33 8.32
CA LYS B 576 -4.56 -38.71 8.66
C LYS B 576 -3.08 -38.74 8.99
N TYR B 577 -2.66 -39.72 9.79
CA TYR B 577 -1.25 -39.80 10.17
C TYR B 577 -0.85 -41.21 10.61
N GLU B 578 0.46 -41.46 10.53
CA GLU B 578 1.10 -42.60 11.16
C GLU B 578 2.58 -42.29 11.34
N THR B 579 3.21 -43.02 12.26
CA THR B 579 4.64 -42.89 12.54
C THR B 579 5.37 -44.17 12.12
N LEU B 580 6.45 -44.00 11.37
CA LEU B 580 7.33 -45.10 10.97
C LEU B 580 8.62 -45.06 11.77
N ASP B 581 9.00 -46.19 12.36
CA ASP B 581 10.20 -46.30 13.16
C ASP B 581 11.35 -46.70 12.25
N LEU B 582 12.33 -45.82 12.08
CA LEU B 582 13.48 -46.08 11.22
C LEU B 582 14.69 -46.65 11.96
N SER B 583 14.60 -46.81 13.29
CA SER B 583 15.64 -47.55 14.00
C SER B 583 15.52 -49.04 13.75
N ASP B 584 14.30 -49.54 13.55
CA ASP B 584 14.08 -50.95 13.23
C ASP B 584 14.64 -51.22 11.84
N GLU B 585 15.61 -52.14 11.76
CA GLU B 585 16.25 -52.42 10.48
C GLU B 585 15.26 -52.93 9.45
N ASN B 586 14.27 -53.71 9.86
CA ASN B 586 13.28 -54.19 8.90
C ASN B 586 12.47 -53.03 8.32
N GLN B 587 11.99 -52.14 9.20
CA GLN B 587 11.32 -50.93 8.73
C GLN B 587 12.25 -50.10 7.84
N ARG B 588 13.51 -49.97 8.23
CA ARG B 588 14.42 -49.12 7.48
C ARG B 588 14.68 -49.69 6.08
N ASN B 589 14.83 -51.00 5.97
CA ASN B 589 15.02 -51.62 4.65
C ASN B 589 13.75 -51.50 3.81
N ASP B 590 12.58 -51.67 4.43
CA ASP B 590 11.33 -51.46 3.71
C ASP B 590 11.23 -50.01 3.21
N TYR B 591 11.63 -49.06 4.04
CA TYR B 591 11.61 -47.65 3.68
C TYR B 591 12.55 -47.37 2.52
N LEU B 592 13.77 -47.89 2.58
CA LEU B 592 14.73 -47.66 1.51
C LEU B 592 14.28 -48.29 0.20
N LYS B 593 13.69 -49.50 0.27
CA LYS B 593 13.23 -50.15 -0.95
C LYS B 593 12.18 -49.34 -1.69
N ASN B 594 11.44 -48.47 -1.00
CA ASN B 594 10.32 -47.74 -1.57
C ASN B 594 10.58 -46.24 -1.69
N TRP B 595 11.82 -45.79 -1.51
CA TRP B 595 12.15 -44.36 -1.47
C TRP B 595 11.22 -43.60 -0.52
N GLY B 596 10.98 -44.18 0.65
CA GLY B 596 10.14 -43.53 1.64
C GLY B 596 8.72 -43.25 1.19
N TRP B 597 8.24 -43.94 0.15
CA TRP B 597 6.89 -43.74 -0.38
C TRP B 597 6.61 -42.28 -0.70
N ARG B 598 7.59 -41.58 -1.29
CA ARG B 598 7.44 -40.15 -1.57
C ARG B 598 7.07 -39.83 -3.01
N ASP B 599 7.10 -40.79 -3.93
CA ASP B 599 6.50 -40.56 -5.24
C ASP B 599 4.99 -40.87 -5.22
N GLU B 600 4.33 -40.55 -6.33
CA GLU B 600 2.87 -40.60 -6.40
C GLU B 600 2.34 -42.00 -6.10
N LYS B 601 2.90 -43.02 -6.73
CA LYS B 601 2.39 -44.37 -6.56
C LYS B 601 2.67 -44.89 -5.15
N GLY B 602 3.89 -44.66 -4.68
CA GLY B 602 4.22 -45.04 -3.31
C GLY B 602 3.38 -44.28 -2.30
N LEU B 603 3.07 -43.01 -2.60
CA LEU B 603 2.17 -42.28 -1.72
C LEU B 603 0.79 -42.90 -1.68
N GLU B 604 0.25 -43.29 -2.85
CA GLU B 604 -1.05 -43.95 -2.83
C GLU B 604 -1.02 -45.31 -2.13
N GLU B 605 0.15 -45.92 -1.99
CA GLU B 605 0.22 -47.08 -1.09
C GLU B 605 0.30 -46.69 0.37
N LEU B 606 1.07 -45.65 0.71
CA LEU B 606 1.22 -45.27 2.11
C LEU B 606 -0.13 -44.80 2.69
N LYS B 607 -0.94 -44.13 1.88
CA LYS B 607 -2.22 -43.61 2.38
C LYS B 607 -3.15 -44.71 2.86
N LYS B 608 -2.97 -45.94 2.36
CA LYS B 608 -3.79 -47.06 2.82
C LYS B 608 -3.54 -47.45 4.27
N ARG B 609 -2.48 -46.94 4.90
CA ARG B 609 -2.11 -47.32 6.25
C ARG B 609 -2.07 -46.14 7.23
N LEU B 610 -2.52 -44.96 6.83
CA LEU B 610 -2.62 -43.83 7.75
C LEU B 610 -3.91 -43.89 8.55
N ASN B 611 -3.84 -43.43 9.79
CA ASN B 611 -4.96 -43.46 10.72
C ASN B 611 -5.65 -42.10 10.75
N SER B 612 -6.98 -42.13 10.75
CA SER B 612 -7.75 -40.89 10.70
C SER B 612 -7.55 -40.05 11.95
N GLY B 613 -7.52 -38.73 11.76
CA GLY B 613 -7.48 -37.78 12.86
C GLY B 613 -6.13 -37.12 13.06
N LEU B 614 -5.87 -36.70 14.29
CA LEU B 614 -4.61 -36.07 14.69
C LEU B 614 -4.23 -36.56 16.07
N PRO B 615 -2.95 -36.55 16.42
CA PRO B 615 -2.56 -36.86 17.81
C PRO B 615 -2.89 -35.67 18.72
N GLU B 616 -3.48 -35.98 19.87
CA GLU B 616 -3.97 -34.93 20.76
C GLU B 616 -2.80 -34.25 21.49
N PRO B 617 -2.77 -32.91 21.58
CA PRO B 617 -1.69 -32.27 22.32
C PRO B 617 -1.85 -32.42 23.82
N GLY B 618 -0.71 -32.50 24.51
CA GLY B 618 -0.72 -32.50 25.97
C GLY B 618 -0.84 -31.11 26.56
N ASN B 619 0.16 -30.26 26.31
CA ASN B 619 0.14 -28.87 26.80
C ASN B 619 -0.50 -27.97 25.75
N TYR B 620 -1.81 -28.15 25.59
CA TYR B 620 -2.55 -27.35 24.63
C TYR B 620 -2.69 -25.91 25.09
N ARG B 621 -2.67 -25.01 24.11
CA ARG B 621 -2.84 -23.58 24.32
C ARG B 621 -3.86 -23.07 23.31
N ASP B 622 -4.77 -22.22 23.77
CA ASP B 622 -5.87 -21.79 22.92
C ASP B 622 -5.34 -20.96 21.74
N PRO B 623 -6.07 -20.93 20.62
CA PRO B 623 -5.66 -20.05 19.52
C PRO B 623 -5.71 -18.59 19.93
N LYS B 624 -4.87 -17.78 19.29
CA LYS B 624 -4.72 -16.39 19.68
C LYS B 624 -5.76 -15.46 19.06
N TRP B 625 -6.61 -15.93 18.15
CA TRP B 625 -7.60 -15.11 17.48
C TRP B 625 -9.01 -15.59 17.79
N HIS B 626 -9.94 -14.63 17.87
CA HIS B 626 -11.33 -14.86 18.22
C HIS B 626 -12.24 -14.22 17.19
N GLU B 627 -13.31 -14.93 16.83
CA GLU B 627 -14.23 -14.48 15.77
C GLU B 627 -15.40 -13.71 16.37
N ILE B 628 -15.69 -12.55 15.78
CA ILE B 628 -16.84 -11.71 16.14
C ILE B 628 -17.80 -11.73 14.98
N ASN B 629 -19.05 -12.15 15.22
CA ASN B 629 -20.07 -12.17 14.19
C ASN B 629 -20.78 -10.82 14.11
N VAL B 630 -21.06 -10.38 12.88
CA VAL B 630 -21.62 -9.07 12.61
C VAL B 630 -22.90 -9.24 11.78
N SER B 631 -23.92 -8.47 12.12
CA SER B 631 -25.13 -8.38 11.31
C SER B 631 -25.55 -6.91 11.19
N ILE B 632 -25.83 -6.46 9.97
CA ILE B 632 -26.16 -5.07 9.68
C ILE B 632 -27.46 -5.03 8.91
N GLU B 633 -28.31 -4.07 9.25
CA GLU B 633 -29.60 -3.86 8.59
C GLU B 633 -29.60 -2.49 7.92
N MET B 634 -29.95 -2.45 6.64
CA MET B 634 -30.05 -1.20 5.88
C MET B 634 -31.44 -1.06 5.30
N ALA B 635 -32.06 0.09 5.52
CA ALA B 635 -33.40 0.39 5.02
C ALA B 635 -33.37 1.26 3.76
N SER B 636 -32.30 1.16 2.98
CA SER B 636 -32.14 2.01 1.80
C SER B 636 -31.37 1.26 0.71
N PRO B 637 -31.27 1.80 -0.49
CA PRO B 637 -30.43 1.17 -1.52
C PRO B 637 -28.96 1.23 -1.16
N PHE B 638 -28.20 0.32 -1.79
CA PHE B 638 -26.79 0.12 -1.50
C PHE B 638 -26.04 -0.09 -2.81
N ILE B 639 -24.84 0.50 -2.91
CA ILE B 639 -23.94 0.20 -4.02
C ILE B 639 -22.50 0.25 -3.54
N ASN B 640 -21.71 -0.68 -4.03
CA ASN B 640 -20.26 -0.73 -3.81
C ASN B 640 -19.67 -0.90 -5.21
N GLY B 641 -19.31 0.23 -5.82
CA GLY B 641 -19.32 0.32 -7.28
C GLY B 641 -18.20 -0.45 -7.96
N ASP B 642 -18.52 -0.99 -9.13
CA ASP B 642 -17.54 -1.57 -10.04
C ASP B 642 -17.86 -1.09 -11.45
N PRO B 643 -17.14 -0.09 -11.98
CA PRO B 643 -17.43 0.37 -13.35
C PRO B 643 -17.00 -0.59 -14.44
N ILE B 644 -15.96 -1.39 -14.22
CA ILE B 644 -15.50 -2.28 -15.28
C ILE B 644 -16.52 -3.38 -15.53
N ARG B 645 -17.07 -3.95 -14.45
CA ARG B 645 -18.16 -4.90 -14.61
C ARG B 645 -19.35 -4.24 -15.31
N ALA B 646 -19.58 -2.96 -15.05
CA ALA B 646 -20.66 -2.24 -15.72
C ALA B 646 -20.42 -2.11 -17.21
N ALA B 647 -19.16 -2.00 -17.62
CA ALA B 647 -18.87 -1.80 -19.04
C ALA B 647 -19.16 -3.04 -19.89
N VAL B 648 -19.20 -4.23 -19.30
CA VAL B 648 -19.36 -5.47 -20.04
C VAL B 648 -20.69 -6.18 -19.75
N ASP B 649 -21.41 -5.80 -18.70
CA ASP B 649 -22.66 -6.48 -18.38
C ASP B 649 -23.76 -6.06 -19.33
N LYS B 650 -24.67 -6.98 -19.62
CA LYS B 650 -25.73 -6.72 -20.59
C LYS B 650 -26.61 -5.53 -20.19
N ARG B 651 -26.74 -5.27 -18.88
CA ARG B 651 -27.67 -4.24 -18.42
C ARG B 651 -27.25 -2.84 -18.86
N GLY B 652 -25.95 -2.55 -18.91
CA GLY B 652 -25.49 -1.36 -19.61
C GLY B 652 -25.63 -0.04 -18.87
N THR B 653 -25.77 -0.05 -17.56
CA THR B 653 -25.72 1.20 -16.80
C THR B 653 -24.27 1.65 -16.61
N ALA B 654 -24.10 2.84 -16.04
CA ALA B 654 -22.78 3.42 -15.85
C ALA B 654 -22.01 2.73 -14.73
N VAL B 655 -22.69 2.22 -13.71
CA VAL B 655 -22.01 1.57 -12.60
C VAL B 655 -22.94 0.51 -12.00
N VAL B 656 -22.34 -0.60 -11.57
CA VAL B 656 -23.05 -1.70 -10.95
C VAL B 656 -22.31 -2.10 -9.67
N THR B 657 -22.97 -2.89 -8.84
CA THR B 657 -22.43 -3.23 -7.53
C THR B 657 -21.45 -4.41 -7.62
N PHE B 658 -20.64 -4.52 -6.56
CA PHE B 658 -19.62 -5.56 -6.45
C PHE B 658 -20.19 -6.96 -6.35
N VAL B 659 -19.54 -7.91 -7.03
CA VAL B 659 -19.77 -9.33 -6.84
C VAL B 659 -18.42 -10.05 -6.75
N LYS B 660 -18.45 -11.23 -6.14
CA LYS B 660 -17.29 -12.10 -6.05
C LYS B 660 -17.70 -13.54 -6.35
N TYR B 661 -16.69 -14.38 -6.59
CA TYR B 661 -16.90 -15.76 -7.05
C TYR B 661 -16.36 -16.77 -6.04
N LYS B 662 -17.13 -17.85 -5.85
CA LYS B 662 -16.71 -19.01 -5.08
C LYS B 662 -16.48 -20.20 -6.01
N ALA B 663 -15.42 -20.96 -5.74
CA ALA B 663 -15.11 -22.15 -6.51
C ALA B 663 -15.84 -23.38 -5.96
N GLU B 664 -16.35 -24.20 -6.88
CA GLU B 664 -16.87 -25.53 -6.55
C GLU B 664 -16.37 -26.48 -7.63
N GLY B 665 -15.43 -27.36 -7.30
CA GLY B 665 -14.83 -28.18 -8.32
C GLY B 665 -14.07 -27.29 -9.29
N GLU B 666 -14.64 -27.11 -10.49
CA GLU B 666 -14.14 -26.15 -11.45
C GLU B 666 -15.19 -25.10 -11.82
N GLU B 667 -16.35 -25.10 -11.15
CA GLU B 667 -17.39 -24.12 -11.41
C GLU B 667 -17.20 -22.88 -10.54
N ALA B 668 -17.65 -21.74 -11.05
CA ALA B 668 -17.58 -20.45 -10.36
C ALA B 668 -18.99 -19.91 -10.20
N LYS B 669 -19.33 -19.50 -8.96
CA LYS B 669 -20.66 -19.00 -8.61
C LYS B 669 -20.59 -17.56 -8.13
N PRO B 670 -21.39 -16.62 -8.65
CA PRO B 670 -21.28 -15.22 -8.21
C PRO B 670 -22.13 -14.91 -6.99
N VAL B 671 -21.61 -14.04 -6.12
CA VAL B 671 -22.28 -13.61 -4.90
C VAL B 671 -22.10 -12.11 -4.75
N CYS B 672 -23.20 -11.40 -4.45
CA CYS B 672 -23.12 -9.98 -4.11
C CYS B 672 -22.51 -9.83 -2.71
N ALA B 673 -21.58 -8.89 -2.56
CA ALA B 673 -20.88 -8.70 -1.30
C ALA B 673 -20.49 -7.25 -1.10
N TYR B 674 -20.16 -6.92 0.16
CA TYR B 674 -19.56 -5.66 0.54
C TYR B 674 -18.09 -5.93 0.89
N LYS B 675 -17.18 -5.26 0.20
CA LYS B 675 -15.76 -5.58 0.27
C LYS B 675 -15.22 -5.47 1.69
N ALA B 676 -14.31 -6.39 2.03
CA ALA B 676 -13.63 -6.33 3.32
C ALA B 676 -12.86 -5.01 3.47
N GLU B 677 -12.22 -4.57 2.39
CA GLU B 677 -11.41 -3.34 2.44
C GLU B 677 -12.27 -2.13 2.77
N SER B 678 -13.44 -2.03 2.14
CA SER B 678 -14.31 -0.88 2.39
C SER B 678 -14.80 -0.86 3.83
N PHE B 679 -15.20 -2.03 4.34
CA PHE B 679 -15.74 -2.08 5.70
C PHE B 679 -14.65 -1.76 6.72
N ARG B 680 -13.44 -2.28 6.49
CA ARG B 680 -12.30 -1.89 7.32
C ARG B 680 -12.10 -0.38 7.29
N GLY B 681 -12.15 0.22 6.10
CA GLY B 681 -11.98 1.66 6.02
C GLY B 681 -13.00 2.42 6.83
N VAL B 682 -14.27 2.01 6.75
CA VAL B 682 -15.31 2.70 7.50
C VAL B 682 -15.06 2.59 9.01
N ILE B 683 -14.74 1.38 9.49
CA ILE B 683 -14.56 1.24 10.94
C ILE B 683 -13.33 2.01 11.40
N ARG B 684 -12.24 1.96 10.63
CA ARG B 684 -11.04 2.71 10.99
C ARG B 684 -11.33 4.20 11.07
N SER B 685 -12.08 4.73 10.10
CA SER B 685 -12.43 6.15 10.15
C SER B 685 -13.28 6.45 11.38
N ALA B 686 -14.23 5.57 11.70
CA ALA B 686 -15.08 5.80 12.86
C ALA B 686 -14.26 5.85 14.14
N VAL B 687 -13.24 4.99 14.27
CA VAL B 687 -12.41 5.01 15.47
C VAL B 687 -11.54 6.26 15.50
N ALA B 688 -10.90 6.60 14.37
CA ALA B 688 -9.90 7.66 14.38
C ALA B 688 -10.51 9.04 14.65
N ARG B 689 -11.74 9.30 14.20
CA ARG B 689 -12.26 10.65 14.22
C ARG B 689 -12.68 11.13 15.61
N ILE B 690 -12.74 10.25 16.61
CA ILE B 690 -13.22 10.59 17.95
C ILE B 690 -12.19 10.31 19.04
N HIS B 691 -10.94 10.07 18.68
CA HIS B 691 -9.87 9.87 19.65
C HIS B 691 -8.72 10.82 19.36
N MET B 692 -7.94 11.12 20.41
CA MET B 692 -6.83 12.06 20.33
C MET B 692 -5.61 11.52 21.04
N GLU B 693 -4.44 11.96 20.57
CA GLU B 693 -3.16 11.72 21.23
C GLU B 693 -2.52 13.07 21.48
N ASP B 694 -2.37 13.43 22.75
CA ASP B 694 -1.87 14.75 23.15
C ASP B 694 -2.66 15.87 22.47
N GLY B 695 -3.97 15.71 22.43
CA GLY B 695 -4.86 16.74 21.92
C GLY B 695 -4.96 16.85 20.42
N VAL B 696 -4.32 15.95 19.68
CA VAL B 696 -4.35 15.95 18.21
C VAL B 696 -5.21 14.76 17.77
N PRO B 697 -6.15 14.94 16.83
CA PRO B 697 -6.92 13.78 16.34
C PRO B 697 -6.01 12.75 15.70
N LEU B 698 -6.37 11.47 15.87
CA LEU B 698 -5.61 10.38 15.27
C LEU B 698 -5.66 10.40 13.75
N THR B 699 -6.62 11.13 13.16
CA THR B 699 -6.64 11.30 11.72
C THR B 699 -5.52 12.20 11.21
N GLU B 700 -4.98 13.08 12.06
CA GLU B 700 -3.98 14.06 11.63
C GLU B 700 -2.55 13.61 11.86
N LEU B 701 -2.33 12.50 12.56
CA LEU B 701 -0.97 12.07 12.87
C LEU B 701 -0.29 11.47 11.64
N THR B 702 1.04 11.53 11.65
CA THR B 702 1.85 10.82 10.67
C THR B 702 2.19 9.39 11.08
N HIS B 703 2.20 9.10 12.38
CA HIS B 703 2.41 7.77 12.93
C HIS B 703 3.85 7.25 12.76
N SER B 704 4.85 8.13 12.75
CA SER B 704 6.23 7.70 12.87
C SER B 704 6.65 7.69 14.34
N ASP B 705 7.27 6.60 14.79
CA ASP B 705 7.66 6.44 16.19
C ASP B 705 6.46 6.62 17.11
N CYS B 706 5.32 6.05 16.69
CA CYS B 706 4.02 6.32 17.30
C CYS B 706 3.53 5.11 18.08
N GLU B 707 2.76 5.39 19.14
CA GLU B 707 2.21 4.35 20.01
C GLU B 707 0.71 4.55 20.25
N CYS B 708 0.02 5.22 19.33
CA CYS B 708 -1.40 5.52 19.51
C CYS B 708 -2.23 4.26 19.31
N LEU B 709 -3.48 4.32 19.78
CA LEU B 709 -4.34 3.14 19.73
C LEU B 709 -4.68 2.74 18.29
N LEU B 710 -4.67 3.68 17.35
CA LEU B 710 -4.92 3.31 15.96
C LEU B 710 -3.79 2.44 15.42
N CYS B 711 -2.54 2.77 15.74
CA CYS B 711 -1.43 1.89 15.38
C CYS B 711 -1.52 0.55 16.11
N GLN B 712 -1.97 0.59 17.37
CA GLN B 712 -2.04 -0.64 18.17
C GLN B 712 -3.08 -1.61 17.64
N ILE B 713 -4.20 -1.11 17.15
CA ILE B 713 -5.32 -1.96 16.71
C ILE B 713 -5.27 -2.22 15.20
N PHE B 714 -5.20 -1.16 14.40
CA PHE B 714 -5.32 -1.27 12.95
C PHE B 714 -3.98 -1.39 12.24
N GLY B 715 -2.87 -1.19 12.93
CA GLY B 715 -1.57 -1.30 12.30
C GLY B 715 -1.17 -0.05 11.55
N SER B 716 -0.01 -0.13 10.92
CA SER B 716 0.60 1.01 10.25
C SER B 716 1.57 0.48 9.21
N GLU B 717 2.27 1.39 8.54
CA GLU B 717 3.29 1.01 7.58
C GLU B 717 4.49 0.34 8.22
N TYR B 718 4.58 0.31 9.56
CA TYR B 718 5.68 -0.31 10.27
C TYR B 718 5.31 -1.59 11.01
N GLU B 719 4.03 -1.84 11.30
CA GLU B 719 3.65 -3.11 11.92
C GLU B 719 2.24 -3.52 11.50
N ALA B 720 2.01 -4.84 11.51
CA ALA B 720 0.73 -5.40 11.14
C ALA B 720 -0.34 -5.10 12.18
N GLY B 721 -1.58 -5.03 11.74
CA GLY B 721 -2.70 -4.80 12.63
C GLY B 721 -3.13 -6.05 13.37
N LYS B 722 -3.99 -5.83 14.37
CA LYS B 722 -4.49 -6.88 15.24
C LYS B 722 -5.99 -7.11 15.08
N ILE B 723 -6.57 -6.72 13.94
CA ILE B 723 -7.97 -6.96 13.64
C ILE B 723 -8.10 -7.26 12.15
N ARG B 724 -8.80 -8.34 11.80
CA ARG B 724 -8.89 -8.82 10.43
C ARG B 724 -10.35 -8.89 9.98
N PHE B 725 -10.66 -8.16 8.91
CA PHE B 725 -12.02 -8.02 8.40
C PHE B 725 -12.25 -8.90 7.19
N GLU B 726 -13.37 -9.61 7.18
CA GLU B 726 -13.80 -10.41 6.04
C GLU B 726 -14.90 -9.69 5.27
N ASP B 727 -15.16 -10.17 4.06
CA ASP B 727 -16.27 -9.68 3.28
C ASP B 727 -17.60 -9.99 3.97
N LEU B 728 -18.55 -9.10 3.80
CA LEU B 728 -19.92 -9.30 4.25
C LEU B 728 -20.80 -9.64 3.06
N VAL B 729 -21.74 -10.56 3.26
CA VAL B 729 -22.62 -11.03 2.20
C VAL B 729 -24.07 -10.70 2.56
N PHE B 730 -24.91 -10.61 1.53
CA PHE B 730 -26.32 -10.32 1.70
C PHE B 730 -27.13 -11.60 1.86
N GLU B 731 -28.04 -11.60 2.83
CA GLU B 731 -28.97 -12.69 3.02
C GLU B 731 -30.12 -12.59 2.02
N SER B 732 -30.58 -13.75 1.54
CA SER B 732 -31.76 -13.89 0.70
C SER B 732 -31.61 -13.24 -0.69
N ASP B 733 -30.37 -12.96 -1.12
CA ASP B 733 -30.01 -12.73 -2.53
C ASP B 733 -30.91 -11.74 -3.26
N PRO B 734 -30.82 -10.45 -2.99
CA PRO B 734 -31.64 -9.48 -3.73
C PRO B 734 -31.14 -9.25 -5.14
N GLU B 735 -32.03 -8.69 -5.98
CA GLU B 735 -31.76 -8.39 -7.39
C GLU B 735 -31.64 -6.88 -7.62
N PRO B 736 -30.66 -6.41 -8.39
CA PRO B 736 -30.48 -4.95 -8.55
C PRO B 736 -31.58 -4.28 -9.34
N VAL B 737 -31.74 -2.99 -9.07
CA VAL B 737 -32.69 -2.09 -9.75
C VAL B 737 -31.87 -0.92 -10.30
N THR B 738 -32.36 -0.31 -11.38
CA THR B 738 -31.67 0.80 -12.02
C THR B 738 -32.49 2.09 -11.92
N PHE B 739 -31.82 3.18 -11.52
CA PHE B 739 -32.41 4.51 -11.42
C PHE B 739 -31.71 5.46 -12.38
N ASP B 740 -32.47 6.41 -12.93
CA ASP B 740 -31.93 7.43 -13.82
C ASP B 740 -31.67 8.73 -13.07
N HIS B 741 -30.70 9.49 -13.58
CA HIS B 741 -30.31 10.77 -12.99
C HIS B 741 -30.00 11.77 -14.11
N VAL B 742 -30.13 13.05 -13.78
CA VAL B 742 -29.83 14.13 -14.71
C VAL B 742 -29.48 15.38 -13.92
N ALA B 743 -28.50 16.15 -14.40
CA ALA B 743 -28.13 17.42 -13.79
C ALA B 743 -28.84 18.56 -14.53
N ILE B 744 -29.26 19.57 -13.77
CA ILE B 744 -30.10 20.65 -14.28
C ILE B 744 -29.27 21.93 -14.31
N ASP B 745 -29.13 22.50 -15.51
CA ASP B 745 -28.51 23.81 -15.65
C ASP B 745 -29.33 24.83 -14.86
N ARG B 746 -28.66 25.65 -14.05
CA ARG B 746 -29.37 26.58 -13.19
C ARG B 746 -29.95 27.77 -13.94
N PHE B 747 -29.43 28.08 -15.13
CA PHE B 747 -29.97 29.16 -15.94
C PHE B 747 -31.14 28.69 -16.79
N THR B 748 -30.94 27.64 -17.58
CA THR B 748 -31.97 27.24 -18.54
C THR B 748 -33.08 26.42 -17.90
N GLY B 749 -32.80 25.74 -16.78
CA GLY B 749 -33.78 24.87 -16.17
C GLY B 749 -33.95 23.53 -16.86
N GLY B 750 -33.10 23.20 -17.82
CA GLY B 750 -33.12 21.95 -18.53
C GLY B 750 -31.90 21.10 -18.21
N ALA B 751 -31.84 19.94 -18.86
CA ALA B 751 -30.73 19.01 -18.64
C ALA B 751 -29.41 19.63 -19.09
N ALA B 752 -28.43 19.62 -18.21
CA ALA B 752 -27.10 20.07 -18.57
C ALA B 752 -26.49 19.13 -19.61
N ASP B 753 -25.63 19.69 -20.46
CA ASP B 753 -25.38 19.13 -21.80
C ASP B 753 -25.13 17.63 -21.82
N LYS B 754 -24.06 17.16 -21.18
CA LYS B 754 -23.68 15.74 -21.26
C LYS B 754 -23.98 14.95 -19.99
N LYS B 755 -24.61 15.56 -18.98
CA LYS B 755 -24.70 14.96 -17.65
C LYS B 755 -26.03 14.24 -17.43
N LYS B 756 -26.23 13.16 -18.17
CA LYS B 756 -27.32 12.22 -17.94
C LYS B 756 -26.73 10.85 -17.67
N PHE B 757 -27.17 10.20 -16.60
CA PHE B 757 -26.50 8.99 -16.13
C PHE B 757 -27.43 8.17 -15.27
N ASP B 758 -27.00 6.94 -14.97
CA ASP B 758 -27.81 5.99 -14.21
C ASP B 758 -26.90 5.00 -13.49
N ASP B 759 -27.47 4.28 -12.55
CA ASP B 759 -26.74 3.30 -11.74
C ASP B 759 -27.62 2.10 -11.48
N SER B 760 -27.04 1.05 -10.89
CA SER B 760 -27.74 -0.20 -10.59
C SER B 760 -27.48 -0.65 -9.15
N PRO B 761 -28.07 0.02 -8.17
CA PRO B 761 -27.89 -0.41 -6.78
C PRO B 761 -28.78 -1.60 -6.41
N LEU B 762 -28.45 -2.22 -5.28
CA LEU B 762 -29.34 -3.20 -4.67
C LEU B 762 -30.50 -2.48 -3.99
N PRO B 763 -31.75 -2.91 -4.20
CA PRO B 763 -32.89 -2.18 -3.60
C PRO B 763 -33.09 -2.55 -2.14
N GLY B 764 -33.26 -1.54 -1.30
CA GLY B 764 -33.61 -1.74 0.09
C GLY B 764 -34.56 -0.66 0.56
N SER B 765 -35.50 -1.00 1.43
CA SER B 765 -36.54 -0.07 1.82
C SER B 765 -36.95 -0.37 3.26
N PRO B 766 -37.68 0.54 3.90
CA PRO B 766 -38.13 0.27 5.28
C PRO B 766 -38.98 -0.98 5.41
N ALA B 767 -39.75 -1.33 4.38
CA ALA B 767 -40.58 -2.53 4.44
C ALA B 767 -39.79 -3.79 4.18
N ARG B 768 -38.75 -3.73 3.34
CA ARG B 768 -37.92 -4.89 3.03
C ARG B 768 -36.46 -4.47 3.04
N PRO B 769 -35.84 -4.41 4.21
CA PRO B 769 -34.45 -3.94 4.29
C PRO B 769 -33.45 -4.99 3.83
N LEU B 770 -32.25 -4.50 3.48
CA LEU B 770 -31.12 -5.35 3.18
C LEU B 770 -30.49 -5.86 4.46
N MET B 771 -30.07 -7.12 4.45
CA MET B 771 -29.45 -7.77 5.61
C MET B 771 -28.03 -8.20 5.25
N LEU B 772 -27.05 -7.64 5.94
CA LEU B 772 -25.64 -7.97 5.74
C LEU B 772 -25.15 -8.81 6.90
N LYS B 773 -24.42 -9.88 6.60
CA LYS B 773 -23.85 -10.75 7.62
C LYS B 773 -22.39 -11.04 7.32
N GLY B 774 -21.65 -11.31 8.38
CA GLY B 774 -20.25 -11.69 8.24
C GLY B 774 -19.59 -11.70 9.61
N SER B 775 -18.26 -11.68 9.60
CA SER B 775 -17.51 -11.71 10.84
C SER B 775 -16.15 -11.05 10.64
N PHE B 776 -15.55 -10.64 11.75
CA PHE B 776 -14.17 -10.22 11.79
C PHE B 776 -13.48 -10.88 12.97
N TRP B 777 -12.17 -11.01 12.85
CA TRP B 777 -11.33 -11.69 13.83
C TRP B 777 -10.48 -10.68 14.58
N ILE B 778 -10.42 -10.84 15.90
CA ILE B 778 -9.71 -9.91 16.76
C ILE B 778 -8.79 -10.71 17.68
N ARG B 779 -7.57 -10.23 17.85
CA ARG B 779 -6.59 -10.95 18.65
C ARG B 779 -6.94 -10.82 20.13
N ARG B 780 -6.72 -11.90 20.88
CA ARG B 780 -7.25 -11.99 22.24
C ARG B 780 -6.65 -10.96 23.18
N ASP B 781 -5.41 -10.53 22.95
CA ASP B 781 -4.85 -9.50 23.81
C ASP B 781 -5.53 -8.14 23.60
N VAL B 782 -6.16 -7.93 22.44
CA VAL B 782 -6.99 -6.74 22.26
C VAL B 782 -8.29 -6.87 23.04
N LEU B 783 -8.95 -8.03 22.96
CA LEU B 783 -10.18 -8.23 23.73
C LEU B 783 -9.93 -8.13 25.22
N GLU B 784 -8.72 -8.50 25.67
CA GLU B 784 -8.42 -8.42 27.09
C GLU B 784 -8.17 -7.00 27.56
N ASP B 785 -7.80 -6.09 26.66
CA ASP B 785 -7.50 -4.70 27.03
C ASP B 785 -8.79 -3.90 27.05
N GLU B 786 -9.16 -3.42 28.24
CA GLU B 786 -10.42 -2.68 28.36
C GLU B 786 -10.40 -1.37 27.58
N GLU B 787 -9.23 -0.76 27.43
CA GLU B 787 -9.14 0.52 26.73
C GLU B 787 -9.43 0.36 25.24
N TYR B 788 -8.82 -0.64 24.60
CA TYR B 788 -9.08 -0.88 23.18
C TYR B 788 -10.51 -1.33 22.94
N CYS B 789 -11.06 -2.13 23.85
CA CYS B 789 -12.46 -2.51 23.76
C CYS B 789 -13.36 -1.29 23.85
N LYS B 790 -13.05 -0.37 24.75
CA LYS B 790 -13.79 0.89 24.85
C LYS B 790 -13.74 1.65 23.53
N ALA B 791 -12.56 1.77 22.93
CA ALA B 791 -12.44 2.51 21.67
C ALA B 791 -13.31 1.89 20.57
N LEU B 792 -13.20 0.58 20.39
CA LEU B 792 -14.00 -0.09 19.37
C LEU B 792 -15.49 0.04 19.66
N GLY B 793 -15.87 -0.06 20.94
CA GLY B 793 -17.27 0.08 21.29
C GLY B 793 -17.82 1.45 20.96
N LYS B 794 -17.06 2.50 21.26
CA LYS B 794 -17.49 3.85 20.91
C LYS B 794 -17.70 3.98 19.40
N ALA B 795 -16.75 3.47 18.62
CA ALA B 795 -16.86 3.60 17.17
C ALA B 795 -18.09 2.86 16.65
N LEU B 796 -18.30 1.62 17.10
CA LEU B 796 -19.46 0.87 16.62
C LEU B 796 -20.78 1.45 17.16
N ALA B 797 -20.74 2.13 18.30
CA ALA B 797 -21.93 2.86 18.74
C ALA B 797 -22.29 3.96 17.76
N ASP B 798 -21.28 4.70 17.26
CA ASP B 798 -21.60 5.73 16.28
C ASP B 798 -22.00 5.15 14.93
N VAL B 799 -21.48 3.99 14.55
CA VAL B 799 -21.98 3.33 13.34
C VAL B 799 -23.44 2.91 13.53
N ASN B 800 -23.77 2.37 14.70
CA ASN B 800 -25.14 1.96 14.97
C ASN B 800 -26.10 3.15 15.00
N ASN B 801 -25.60 4.35 15.31
CA ASN B 801 -26.43 5.56 15.34
C ASN B 801 -26.71 6.12 13.95
N GLY B 802 -26.06 5.62 12.91
CA GLY B 802 -26.29 6.08 11.55
C GLY B 802 -25.39 7.19 11.07
N LEU B 803 -24.27 7.45 11.74
CA LEU B 803 -23.37 8.51 11.32
C LEU B 803 -22.43 8.09 10.18
N TYR B 804 -22.31 6.80 9.90
CA TYR B 804 -21.37 6.27 8.92
C TYR B 804 -22.12 5.37 7.93
N PRO B 805 -22.56 5.91 6.79
CA PRO B 805 -23.17 5.04 5.77
C PRO B 805 -22.14 4.17 5.08
N LEU B 806 -22.63 3.09 4.48
CA LEU B 806 -21.80 2.09 3.81
C LEU B 806 -21.90 2.29 2.30
N GLY B 807 -20.75 2.24 1.63
CA GLY B 807 -20.74 2.30 0.18
C GLY B 807 -20.83 3.72 -0.34
N GLY B 808 -21.12 3.81 -1.64
CA GLY B 808 -21.08 5.08 -2.33
C GLY B 808 -22.40 5.82 -2.36
N LYS B 809 -22.31 7.09 -2.73
CA LYS B 809 -23.47 7.91 -3.07
C LYS B 809 -24.46 8.04 -1.90
N SER B 810 -23.92 8.16 -0.68
CA SER B 810 -24.77 8.41 0.47
C SER B 810 -25.36 9.82 0.48
N ALA B 811 -24.85 10.72 -0.36
CA ALA B 811 -25.42 12.05 -0.44
C ALA B 811 -26.88 12.01 -0.91
N ILE B 812 -27.25 11.02 -1.70
CA ILE B 812 -28.59 10.89 -2.25
C ILE B 812 -29.37 9.74 -1.60
N GLY B 813 -28.92 9.27 -0.43
CA GLY B 813 -29.71 8.39 0.42
C GLY B 813 -29.30 6.93 0.44
N TYR B 814 -28.22 6.55 -0.22
CA TYR B 814 -27.80 5.15 -0.20
C TYR B 814 -27.03 4.82 1.07
N GLY B 815 -27.04 3.53 1.42
CA GLY B 815 -26.11 3.01 2.42
C GLY B 815 -26.46 3.26 3.87
N GLN B 816 -27.72 3.56 4.19
CA GLN B 816 -28.08 4.00 5.53
C GLN B 816 -28.26 2.81 6.45
N VAL B 817 -27.51 2.79 7.56
CA VAL B 817 -27.56 1.68 8.50
C VAL B 817 -28.75 1.86 9.43
N LYS B 818 -29.66 0.89 9.41
CA LYS B 818 -30.74 0.86 10.39
C LYS B 818 -30.23 0.41 11.76
N SER B 819 -29.37 -0.60 11.79
CA SER B 819 -28.76 -1.06 13.03
C SER B 819 -27.56 -1.94 12.73
N LEU B 820 -26.64 -2.00 13.69
CA LEU B 820 -25.49 -2.90 13.65
C LEU B 820 -25.38 -3.61 14.99
N GLY B 821 -25.23 -4.93 14.95
CA GLY B 821 -25.08 -5.72 16.17
C GLY B 821 -24.00 -6.75 16.03
N ILE B 822 -23.31 -7.04 17.14
CA ILE B 822 -22.21 -7.99 17.19
C ILE B 822 -22.49 -9.05 18.24
N LYS B 823 -21.94 -10.25 18.01
CA LYS B 823 -21.98 -11.35 18.97
C LYS B 823 -20.63 -12.05 18.99
N GLY B 824 -20.24 -12.51 20.18
CA GLY B 824 -19.01 -13.28 20.36
C GLY B 824 -18.00 -12.64 21.30
N ASP B 825 -18.19 -11.37 21.69
CA ASP B 825 -17.23 -10.67 22.54
C ASP B 825 -17.47 -10.87 24.03
N ASP B 826 -18.52 -11.60 24.43
CA ASP B 826 -18.95 -11.65 25.83
C ASP B 826 -19.29 -10.24 26.34
N LYS B 827 -19.83 -9.41 25.44
CA LYS B 827 -20.25 -8.05 25.74
C LYS B 827 -19.08 -7.14 26.16
N ARG B 828 -17.85 -7.57 25.92
CA ARG B 828 -16.71 -6.69 26.21
C ARG B 828 -16.68 -5.49 25.26
N ILE B 829 -17.13 -5.65 24.03
CA ILE B 829 -17.26 -4.51 23.11
C ILE B 829 -18.67 -3.93 23.13
N SER B 830 -19.69 -4.79 23.07
CA SER B 830 -21.05 -4.33 22.82
C SER B 830 -21.72 -3.71 24.05
N ARG B 831 -21.08 -3.74 25.22
CA ARG B 831 -21.64 -3.08 26.39
C ARG B 831 -21.88 -1.59 26.17
N LEU B 832 -21.12 -0.96 25.26
CA LEU B 832 -21.27 0.47 25.02
C LEU B 832 -22.32 0.81 23.97
N MET B 833 -22.89 -0.17 23.29
CA MET B 833 -23.77 0.08 22.15
C MET B 833 -25.22 0.03 22.60
N ASN B 834 -25.84 1.20 22.77
CA ASN B 834 -27.25 1.30 23.08
C ASN B 834 -28.11 1.17 21.82
N VAL B 842 -40.84 19.37 23.43
CA VAL B 842 -40.96 20.68 22.80
C VAL B 842 -41.33 20.50 21.33
N ALA B 843 -42.38 21.18 20.91
CA ALA B 843 -42.83 21.11 19.53
C ALA B 843 -42.05 22.09 18.67
N VAL B 844 -42.01 21.79 17.36
CA VAL B 844 -41.37 22.72 16.43
C VAL B 844 -42.17 24.02 16.39
N PRO B 845 -41.55 25.20 16.28
CA PRO B 845 -42.33 26.43 16.14
C PRO B 845 -43.10 26.49 14.83
N GLU B 846 -44.14 27.30 14.81
CA GLU B 846 -44.89 27.57 13.58
C GLU B 846 -44.06 28.41 12.62
N LYS B 847 -44.15 28.09 11.33
CA LYS B 847 -43.48 28.88 10.32
C LYS B 847 -44.17 30.24 10.16
N PRO B 848 -43.41 31.31 9.87
CA PRO B 848 -44.05 32.63 9.76
C PRO B 848 -44.97 32.73 8.56
N LYS B 849 -45.92 33.67 8.64
CA LYS B 849 -46.69 34.07 7.48
C LYS B 849 -45.86 34.95 6.57
N THR B 850 -45.94 34.72 5.26
CA THR B 850 -45.10 35.45 4.32
C THR B 850 -45.59 36.88 4.11
N ASP B 851 -44.64 37.77 3.81
CA ASP B 851 -44.91 39.17 3.51
C ASP B 851 -45.14 39.39 2.00
N ALA B 852 -44.83 38.40 1.17
CA ALA B 852 -44.89 38.54 -0.28
C ALA B 852 -46.30 38.88 -0.75
N GLU B 853 -46.40 39.89 -1.63
CA GLU B 853 -47.62 40.23 -2.34
C GLU B 853 -47.42 40.08 -3.83
N VAL B 854 -48.32 39.34 -4.48
CA VAL B 854 -48.44 39.30 -5.92
C VAL B 854 -49.88 39.67 -6.26
N ARG B 855 -50.04 40.57 -7.21
CA ARG B 855 -51.36 41.01 -7.66
C ARG B 855 -51.65 40.45 -9.04
N ILE B 856 -52.79 39.77 -9.16
CA ILE B 856 -53.19 39.08 -10.38
C ILE B 856 -54.38 39.82 -10.99
N GLU B 857 -54.35 39.99 -12.30
CA GLU B 857 -55.45 40.58 -13.06
C GLU B 857 -56.13 39.47 -13.83
N ALA B 858 -57.46 39.37 -13.68
CA ALA B 858 -58.17 38.17 -14.12
C ALA B 858 -58.15 37.97 -15.62
N GLU B 859 -58.02 39.04 -16.41
CA GLU B 859 -58.07 38.92 -17.87
C GLU B 859 -56.69 38.75 -18.50
N LYS B 860 -55.62 38.96 -17.75
CA LYS B 860 -54.27 38.95 -18.32
C LYS B 860 -53.68 37.54 -18.32
N VAL B 861 -52.56 37.40 -19.03
CA VAL B 861 -51.86 36.13 -19.20
C VAL B 861 -50.41 36.33 -18.81
N TYR B 862 -49.84 35.34 -18.12
CA TYR B 862 -48.50 35.43 -17.55
C TYR B 862 -47.59 34.34 -18.11
N TYR B 863 -46.28 34.61 -18.06
CA TYR B 863 -45.28 33.69 -18.56
C TYR B 863 -45.05 32.55 -17.56
N PRO B 864 -44.78 31.32 -18.02
CA PRO B 864 -44.59 30.21 -17.06
C PRO B 864 -43.33 30.31 -16.20
N HIS B 865 -42.33 31.12 -16.57
CA HIS B 865 -41.12 31.20 -15.76
C HIS B 865 -40.59 32.63 -15.76
N TYR B 866 -39.82 32.94 -14.72
CA TYR B 866 -39.11 34.21 -14.62
C TYR B 866 -37.73 33.93 -14.01
N PHE B 867 -36.84 34.91 -14.11
CA PHE B 867 -35.46 34.77 -13.64
C PHE B 867 -35.22 35.65 -12.43
N VAL B 868 -34.54 35.10 -11.43
CA VAL B 868 -34.11 35.86 -10.25
C VAL B 868 -32.71 36.40 -10.52
N GLU B 869 -32.57 37.72 -10.48
CA GLU B 869 -31.29 38.36 -10.71
C GLU B 869 -30.44 38.30 -9.44
N PRO B 870 -29.24 37.74 -9.47
CA PRO B 870 -28.45 37.63 -8.23
C PRO B 870 -27.83 38.95 -7.81
N HIS B 871 -27.38 38.98 -6.55
CA HIS B 871 -26.61 40.10 -6.03
C HIS B 871 -25.15 39.97 -6.48
N LYS B 872 -24.48 41.12 -6.57
CA LYS B 872 -23.18 41.21 -7.21
C LYS B 872 -22.10 40.47 -6.41
N LYS B 873 -22.34 40.23 -5.13
CA LYS B 873 -21.34 39.80 -4.17
C LYS B 873 -21.55 38.33 -3.82
N VAL B 874 -20.50 37.53 -4.00
CA VAL B 874 -20.50 36.12 -3.60
C VAL B 874 -19.43 35.95 -2.52
N GLU B 875 -19.83 35.36 -1.40
CA GLU B 875 -18.96 35.24 -0.23
C GLU B 875 -18.28 33.87 -0.23
N ARG B 876 -16.97 33.87 -0.40
CA ARG B 876 -16.17 32.66 -0.52
C ARG B 876 -15.16 32.53 0.62
N GLU B 877 -14.73 31.30 0.86
CA GLU B 877 -13.73 30.98 1.85
C GLU B 877 -12.70 30.06 1.24
N GLU B 878 -11.42 30.36 1.46
CA GLU B 878 -10.34 29.61 0.83
C GLU B 878 -10.22 28.19 1.38
N LYS B 879 -10.64 27.98 2.64
CA LYS B 879 -10.28 26.76 3.36
C LYS B 879 -11.47 26.31 4.20
N PRO B 880 -12.35 25.49 3.63
CA PRO B 880 -13.57 25.09 4.35
C PRO B 880 -13.29 24.14 5.50
N CYS B 881 -14.35 23.82 6.23
CA CYS B 881 -14.29 22.97 7.41
C CYS B 881 -13.85 21.55 7.02
N GLY B 882 -12.85 21.03 7.73
CA GLY B 882 -12.35 19.70 7.41
C GLY B 882 -13.23 18.59 7.96
N HIS B 883 -13.18 17.45 7.29
CA HIS B 883 -13.97 16.27 7.66
C HIS B 883 -13.29 15.38 8.69
N GLN B 884 -12.08 15.71 9.15
CA GLN B 884 -11.28 14.78 9.92
C GLN B 884 -11.72 14.66 11.38
N LYS B 885 -12.66 15.49 11.85
CA LYS B 885 -13.18 15.34 13.21
C LYS B 885 -14.53 16.03 13.30
N PHE B 886 -15.24 15.76 14.38
CA PHE B 886 -16.39 16.56 14.76
C PHE B 886 -15.88 17.82 15.47
N HIS B 887 -16.04 18.97 14.82
CA HIS B 887 -15.47 20.21 15.32
C HIS B 887 -16.33 20.78 16.46
N GLU B 888 -15.65 21.31 17.46
CA GLU B 888 -16.35 21.88 18.61
C GLU B 888 -17.11 23.14 18.20
N GLY B 889 -18.32 23.29 18.75
CA GLY B 889 -19.17 24.42 18.47
C GLY B 889 -20.07 24.25 17.26
N ARG B 890 -19.74 23.34 16.35
CA ARG B 890 -20.58 23.06 15.20
C ARG B 890 -21.55 21.93 15.52
N LEU B 891 -22.55 21.75 14.66
CA LEU B 891 -23.70 20.89 14.94
C LEU B 891 -23.74 19.70 14.01
N THR B 892 -24.16 18.56 14.57
CA THR B 892 -24.33 17.30 13.83
C THR B 892 -25.64 16.67 14.30
N GLY B 893 -26.42 16.14 13.36
CA GLY B 893 -27.72 15.60 13.75
C GLY B 893 -28.55 15.19 12.55
N LYS B 894 -29.87 15.18 12.77
CA LYS B 894 -30.85 14.78 11.77
C LYS B 894 -32.06 15.70 11.79
N ILE B 895 -32.58 16.02 10.61
CA ILE B 895 -33.83 16.76 10.44
C ILE B 895 -34.84 15.80 9.83
N ARG B 896 -35.98 15.64 10.48
CA ARG B 896 -37.08 14.84 9.94
C ARG B 896 -38.17 15.76 9.43
N CYS B 897 -38.66 15.49 8.22
CA CYS B 897 -39.47 16.40 7.45
C CYS B 897 -40.76 15.75 6.95
N LYS B 898 -41.76 16.59 6.74
CA LYS B 898 -43.06 16.22 6.18
C LYS B 898 -43.23 16.95 4.85
N LEU B 899 -43.63 16.23 3.80
CA LEU B 899 -43.87 16.84 2.49
C LEU B 899 -45.31 16.57 2.07
N ILE B 900 -46.00 17.61 1.60
CA ILE B 900 -47.40 17.55 1.23
C ILE B 900 -47.57 18.15 -0.16
N THR B 901 -48.37 17.50 -1.01
CA THR B 901 -48.63 17.99 -2.35
C THR B 901 -49.79 18.99 -2.36
N LYS B 902 -49.59 20.12 -3.04
CA LYS B 902 -50.63 21.12 -3.22
C LYS B 902 -51.28 21.07 -4.59
N THR B 903 -50.57 20.62 -5.61
CA THR B 903 -51.13 20.30 -6.92
C THR B 903 -50.59 18.94 -7.35
N PRO B 904 -51.18 18.33 -8.37
CA PRO B 904 -50.80 16.95 -8.73
C PRO B 904 -49.32 16.81 -9.06
N LEU B 905 -48.76 15.66 -8.68
CA LEU B 905 -47.32 15.42 -8.70
C LEU B 905 -46.97 14.28 -9.64
N ILE B 906 -45.94 14.49 -10.45
CA ILE B 906 -45.38 13.47 -11.34
C ILE B 906 -43.94 13.23 -10.94
N VAL B 907 -43.63 12.01 -10.50
CA VAL B 907 -42.25 11.56 -10.31
C VAL B 907 -42.13 10.20 -10.99
N PRO B 908 -41.67 10.13 -12.24
CA PRO B 908 -41.85 8.91 -13.05
C PRO B 908 -40.90 7.77 -12.71
N ASP B 909 -41.37 6.55 -12.99
CA ASP B 909 -40.55 5.35 -13.02
C ASP B 909 -40.10 5.13 -14.45
N THR B 910 -38.92 5.65 -14.79
CA THR B 910 -38.47 5.61 -16.19
C THR B 910 -37.80 4.30 -16.57
N SER B 911 -37.80 3.28 -15.69
CA SER B 911 -37.23 1.99 -16.08
C SER B 911 -38.04 1.31 -17.18
N ASN B 912 -39.29 1.71 -17.38
CA ASN B 912 -40.17 1.11 -18.39
C ASN B 912 -40.99 2.24 -19.00
N ASP B 913 -40.72 2.55 -20.27
CA ASP B 913 -41.37 3.66 -20.96
C ASP B 913 -42.60 3.24 -21.75
N ASP B 914 -43.21 2.10 -21.41
CA ASP B 914 -44.34 1.56 -22.15
C ASP B 914 -45.41 1.04 -21.20
N PHE B 915 -45.59 1.70 -20.05
CA PHE B 915 -46.40 1.14 -18.98
C PHE B 915 -47.86 0.99 -19.36
N PHE B 916 -48.41 1.96 -20.08
CA PHE B 916 -49.84 1.96 -20.42
C PHE B 916 -50.14 1.38 -21.80
N ARG B 917 -49.25 0.57 -22.36
CA ARG B 917 -49.57 -0.06 -23.64
C ARG B 917 -50.78 -0.98 -23.47
N PRO B 918 -51.75 -0.98 -24.41
CA PRO B 918 -52.88 -1.89 -24.31
C PRO B 918 -52.48 -3.37 -24.15
N GLU B 929 -40.43 5.14 -33.52
CA GLU B 929 -40.54 5.50 -32.12
C GLU B 929 -42.02 5.58 -31.72
N TYR B 930 -42.32 5.08 -30.53
CA TYR B 930 -43.68 5.01 -30.02
C TYR B 930 -43.93 6.06 -28.94
N HIS B 931 -45.20 6.21 -28.60
CA HIS B 931 -45.63 7.11 -27.54
C HIS B 931 -45.23 6.52 -26.19
N LYS B 932 -44.39 7.24 -25.45
CA LYS B 932 -43.88 6.75 -24.18
C LYS B 932 -44.89 6.97 -23.06
N SER B 933 -44.85 6.10 -22.07
CA SER B 933 -45.71 6.24 -20.90
C SER B 933 -45.04 5.62 -19.68
N TYR B 934 -45.29 6.20 -18.51
CA TYR B 934 -44.61 5.85 -17.27
C TYR B 934 -45.56 5.67 -16.11
N ALA B 935 -45.17 4.83 -15.16
CA ALA B 935 -45.79 4.77 -13.85
C ALA B 935 -45.11 5.74 -12.89
N PHE B 936 -45.73 5.96 -11.74
CA PHE B 936 -45.10 6.69 -10.66
C PHE B 936 -43.99 5.85 -10.03
N PHE B 937 -42.96 6.53 -9.52
CA PHE B 937 -41.81 5.87 -8.92
C PHE B 937 -42.22 4.98 -7.74
N ARG B 938 -41.76 3.74 -7.76
CA ARG B 938 -42.02 2.76 -6.71
C ARG B 938 -40.78 1.94 -6.38
N LEU B 939 -40.66 1.56 -5.11
CA LEU B 939 -39.59 0.68 -4.64
C LEU B 939 -40.22 -0.40 -3.77
N HIS B 940 -40.12 -1.66 -4.23
CA HIS B 940 -40.83 -2.78 -3.60
C HIS B 940 -42.31 -2.46 -3.42
N LYS B 941 -42.92 -1.91 -4.46
CA LYS B 941 -44.33 -1.55 -4.48
C LYS B 941 -44.68 -0.46 -3.45
N GLN B 942 -43.71 0.33 -3.01
CA GLN B 942 -43.97 1.50 -2.17
C GLN B 942 -43.77 2.78 -2.96
N ILE B 943 -44.78 3.65 -2.93
CA ILE B 943 -44.67 4.96 -3.56
C ILE B 943 -43.60 5.75 -2.81
N MET B 944 -42.60 6.25 -3.54
CA MET B 944 -41.46 6.93 -2.95
C MET B 944 -41.00 8.07 -3.86
N ILE B 945 -40.26 9.00 -3.28
CA ILE B 945 -39.55 10.04 -4.01
C ILE B 945 -38.05 9.82 -3.76
N PRO B 946 -37.21 9.78 -4.80
CA PRO B 946 -35.77 9.59 -4.55
C PRO B 946 -35.14 10.77 -3.83
N GLY B 947 -34.06 10.48 -3.09
CA GLY B 947 -33.33 11.54 -2.42
C GLY B 947 -32.66 12.53 -3.34
N SER B 948 -32.28 12.10 -4.54
CA SER B 948 -31.61 13.00 -5.48
C SER B 948 -32.53 14.13 -5.92
N GLU B 949 -33.81 13.82 -6.16
CA GLU B 949 -34.79 14.86 -6.49
C GLU B 949 -34.85 15.93 -5.43
N LEU B 950 -34.99 15.51 -4.17
CA LEU B 950 -35.13 16.46 -3.08
C LEU B 950 -33.86 17.26 -2.88
N ARG B 951 -32.70 16.60 -3.00
CA ARG B 951 -31.43 17.31 -2.88
C ARG B 951 -31.34 18.42 -3.91
N GLY B 952 -31.60 18.11 -5.19
CA GLY B 952 -31.53 19.14 -6.20
C GLY B 952 -32.52 20.26 -5.97
N MET B 953 -33.76 19.92 -5.59
CA MET B 953 -34.79 20.92 -5.36
C MET B 953 -34.38 21.88 -4.26
N VAL B 954 -33.95 21.34 -3.11
CA VAL B 954 -33.58 22.21 -1.98
C VAL B 954 -32.30 22.97 -2.28
N SER B 955 -31.37 22.35 -3.02
CA SER B 955 -30.11 23.01 -3.36
C SER B 955 -30.34 24.25 -4.20
N SER B 956 -31.31 24.21 -5.14
CA SER B 956 -31.57 25.39 -5.94
C SER B 956 -31.98 26.58 -5.06
N VAL B 957 -32.89 26.35 -4.11
CA VAL B 957 -33.37 27.43 -3.26
C VAL B 957 -32.27 27.89 -2.32
N TYR B 958 -31.46 26.97 -1.80
CA TYR B 958 -30.37 27.37 -0.92
C TYR B 958 -29.33 28.20 -1.67
N GLU B 959 -29.00 27.79 -2.91
CA GLU B 959 -28.12 28.59 -3.75
C GLU B 959 -28.66 29.99 -3.96
N THR B 960 -29.98 30.11 -4.15
CA THR B 960 -30.54 31.44 -4.36
C THR B 960 -30.54 32.28 -3.09
N VAL B 961 -30.88 31.67 -1.96
CA VAL B 961 -30.98 32.41 -0.70
C VAL B 961 -29.62 32.96 -0.28
N THR B 962 -28.57 32.16 -0.39
CA THR B 962 -27.24 32.57 0.02
C THR B 962 -26.49 33.34 -1.06
N ASN B 963 -27.09 33.53 -2.23
CA ASN B 963 -26.43 34.18 -3.37
C ASN B 963 -25.13 33.46 -3.72
N SER B 964 -25.25 32.15 -3.96
CA SER B 964 -24.11 31.34 -4.32
C SER B 964 -23.85 31.40 -5.82
N CYS B 965 -22.77 30.77 -6.25
CA CYS B 965 -22.52 30.59 -7.67
C CYS B 965 -23.57 29.68 -8.30
N PHE B 966 -23.66 29.74 -9.61
CA PHE B 966 -24.50 28.84 -10.40
C PHE B 966 -23.80 27.48 -10.39
N ARG B 967 -24.20 26.58 -9.50
CA ARG B 967 -23.45 25.35 -9.30
C ARG B 967 -23.35 24.54 -10.58
N ILE B 968 -24.46 24.40 -11.31
CA ILE B 968 -24.49 23.67 -12.57
C ILE B 968 -24.77 24.69 -13.66
N PHE B 969 -23.90 24.74 -14.65
CA PHE B 969 -23.99 25.76 -15.69
C PHE B 969 -23.04 25.41 -16.83
N ASP B 970 -23.51 25.49 -18.07
CA ASP B 970 -22.73 25.06 -19.24
C ASP B 970 -21.90 26.25 -19.75
N GLU B 971 -20.72 26.41 -19.14
CA GLU B 971 -19.88 27.57 -19.40
C GLU B 971 -19.43 27.67 -20.85
N THR B 972 -19.09 26.55 -21.46
CA THR B 972 -18.38 26.57 -22.73
C THR B 972 -19.28 26.55 -23.95
N LYS B 973 -20.59 26.64 -23.78
CA LYS B 973 -21.48 26.76 -24.93
C LYS B 973 -21.27 28.09 -25.63
N ARG B 974 -21.37 28.08 -26.96
CA ARG B 974 -21.27 29.27 -27.80
C ARG B 974 -22.62 29.50 -28.47
N LEU B 975 -23.22 30.67 -28.20
CA LEU B 975 -24.53 30.99 -28.75
C LEU B 975 -24.44 31.41 -30.21
N SER B 976 -25.57 31.33 -30.91
CA SER B 976 -25.66 31.82 -32.28
C SER B 976 -27.11 32.14 -32.62
N TRP B 977 -27.29 33.04 -33.58
CA TRP B 977 -28.59 33.55 -33.99
C TRP B 977 -28.68 33.60 -35.51
N ARG B 978 -29.90 33.51 -36.04
CA ARG B 978 -30.13 33.67 -37.47
C ARG B 978 -29.96 35.13 -37.87
N MET B 979 -29.47 35.34 -39.10
CA MET B 979 -29.50 36.66 -39.69
C MET B 979 -30.91 36.97 -40.16
N ASP B 980 -31.13 38.25 -40.49
CA ASP B 980 -32.42 38.74 -40.95
C ASP B 980 -32.28 39.43 -42.28
N ALA B 981 -33.39 39.49 -43.03
CA ALA B 981 -33.42 40.16 -44.32
C ALA B 981 -33.42 41.67 -44.13
N ASP B 982 -32.27 42.24 -43.74
CA ASP B 982 -32.16 43.66 -43.44
C ASP B 982 -30.91 44.22 -44.13
N HIS B 983 -31.13 45.10 -45.09
CA HIS B 983 -30.02 45.68 -45.85
C HIS B 983 -29.07 46.45 -44.94
N GLN B 984 -29.55 47.58 -44.40
CA GLN B 984 -28.68 48.56 -43.75
C GLN B 984 -27.97 47.97 -42.54
N ASN B 985 -28.70 47.26 -41.69
CA ASN B 985 -28.13 46.81 -40.43
C ASN B 985 -27.27 45.57 -40.55
N VAL B 986 -27.57 44.68 -41.51
CA VAL B 986 -26.88 43.40 -41.62
C VAL B 986 -26.25 43.20 -43.00
N LEU B 987 -27.08 43.18 -44.06
CA LEU B 987 -26.62 42.55 -45.29
C LEU B 987 -25.58 43.39 -46.03
N GLN B 988 -25.53 44.69 -45.78
CA GLN B 988 -24.54 45.53 -46.45
C GLN B 988 -23.15 45.41 -45.85
N ASP B 989 -23.00 44.73 -44.71
CA ASP B 989 -21.69 44.55 -44.10
C ASP B 989 -21.03 43.23 -44.49
N PHE B 990 -21.81 42.25 -44.95
CA PHE B 990 -21.26 41.02 -45.49
C PHE B 990 -20.96 41.19 -46.97
N LEU B 991 -19.74 40.87 -47.37
CA LEU B 991 -19.22 41.17 -48.69
C LEU B 991 -18.61 39.93 -49.33
N PRO B 992 -18.70 39.78 -50.66
CA PRO B 992 -18.17 38.58 -51.30
C PRO B 992 -16.66 38.48 -51.20
N GLY B 993 -16.15 37.25 -51.02
CA GLY B 993 -14.73 37.03 -50.92
C GLY B 993 -14.32 35.61 -51.29
N ARG B 994 -13.03 35.44 -51.51
CA ARG B 994 -12.43 34.15 -51.85
C ARG B 994 -11.24 33.88 -50.94
N VAL B 995 -11.18 32.67 -50.39
CA VAL B 995 -10.05 32.27 -49.56
C VAL B 995 -8.84 32.02 -50.46
N THR B 996 -7.69 32.57 -50.06
CA THR B 996 -6.49 32.50 -50.89
C THR B 996 -5.92 31.08 -50.91
N ALA B 997 -4.90 30.90 -51.75
CA ALA B 997 -4.27 29.59 -51.90
C ALA B 997 -3.58 29.14 -50.62
N ASP B 998 -2.97 30.07 -49.89
CA ASP B 998 -2.32 29.70 -48.63
C ASP B 998 -3.32 29.28 -47.56
N GLY B 999 -4.58 29.68 -47.70
CA GLY B 999 -5.60 29.39 -46.71
C GLY B 999 -5.63 30.33 -45.53
N LYS B 1000 -4.83 31.39 -45.55
CA LYS B 1000 -4.68 32.28 -44.40
C LYS B 1000 -5.18 33.71 -44.65
N HIS B 1001 -5.63 34.01 -45.86
CA HIS B 1001 -6.19 35.32 -46.20
C HIS B 1001 -7.46 35.14 -47.01
N ILE B 1002 -8.27 36.18 -47.06
CA ILE B 1002 -9.45 36.23 -47.91
C ILE B 1002 -9.39 37.50 -48.76
N GLN B 1003 -9.56 37.34 -50.07
CA GLN B 1003 -9.56 38.44 -51.02
C GLN B 1003 -10.98 38.88 -51.33
N LYS B 1004 -11.12 40.14 -51.73
CA LYS B 1004 -12.41 40.80 -51.83
C LYS B 1004 -12.83 40.93 -53.29
N PHE B 1005 -14.08 40.54 -53.58
CA PHE B 1005 -14.71 40.85 -54.86
C PHE B 1005 -15.41 42.20 -54.77
N SER B 1006 -15.41 42.93 -55.89
CA SER B 1006 -16.04 44.24 -55.91
C SER B 1006 -17.54 44.17 -56.19
N GLU B 1007 -18.03 43.09 -56.79
CA GLU B 1007 -19.40 43.05 -57.30
C GLU B 1007 -19.99 41.65 -57.22
N THR B 1008 -21.33 41.60 -57.24
CA THR B 1008 -22.07 40.36 -57.44
C THR B 1008 -23.26 40.59 -58.35
N ALA B 1009 -23.71 39.52 -59.01
CA ALA B 1009 -24.91 39.55 -59.84
C ALA B 1009 -25.61 38.20 -59.77
N ARG B 1010 -26.92 38.22 -60.04
CA ARG B 1010 -27.73 37.00 -59.99
C ARG B 1010 -27.70 36.27 -61.33
N VAL B 1011 -27.54 34.95 -61.28
CA VAL B 1011 -27.52 34.08 -62.44
C VAL B 1011 -28.72 33.14 -62.34
N PRO B 1012 -29.69 33.20 -63.26
CA PRO B 1012 -30.79 32.22 -63.23
C PRO B 1012 -30.29 30.82 -63.58
N PHE B 1013 -30.58 29.85 -62.71
CA PHE B 1013 -30.14 28.47 -62.90
C PHE B 1013 -31.27 27.46 -62.94
N TYR B 1014 -32.33 27.64 -62.16
CA TYR B 1014 -33.41 26.65 -62.06
C TYR B 1014 -34.66 27.04 -62.82
N ASP B 1015 -34.65 28.16 -63.53
CA ASP B 1015 -35.72 28.52 -64.42
C ASP B 1015 -35.48 27.85 -65.78
N LYS B 1016 -36.53 27.79 -66.60
CA LYS B 1016 -36.44 27.17 -67.92
C LYS B 1016 -35.97 28.13 -69.01
N THR B 1017 -35.45 29.30 -68.66
CA THR B 1017 -35.05 30.32 -69.64
C THR B 1017 -33.57 30.26 -70.01
N GLN B 1018 -32.87 29.17 -69.71
CA GLN B 1018 -31.43 29.11 -69.90
C GLN B 1018 -30.96 27.66 -69.78
N LYS B 1019 -29.69 27.43 -70.11
CA LYS B 1019 -29.10 26.10 -70.16
C LYS B 1019 -27.79 25.99 -69.39
N HIS B 1020 -27.58 26.81 -68.35
CA HIS B 1020 -26.28 26.88 -67.69
C HIS B 1020 -25.80 25.52 -67.18
N PHE B 1021 -26.68 24.73 -66.54
CA PHE B 1021 -26.24 23.42 -66.05
C PHE B 1021 -25.77 22.50 -67.16
N ASP B 1022 -26.23 22.68 -68.39
CA ASP B 1022 -25.86 21.78 -69.47
C ASP B 1022 -24.58 22.20 -70.19
N ILE B 1023 -24.11 23.43 -69.98
CA ILE B 1023 -23.04 24.01 -70.78
C ILE B 1023 -21.82 24.37 -69.92
N LEU B 1024 -22.03 24.61 -68.63
CA LEU B 1024 -20.91 24.83 -67.72
C LEU B 1024 -20.32 23.51 -67.25
N ASP B 1025 -18.99 23.49 -67.10
CA ASP B 1025 -18.29 22.29 -66.67
C ASP B 1025 -18.37 22.14 -65.14
N GLU B 1026 -17.94 20.97 -64.67
CA GLU B 1026 -18.10 20.62 -63.26
C GLU B 1026 -17.29 21.55 -62.36
N GLN B 1027 -16.05 21.84 -62.72
CA GLN B 1027 -15.23 22.73 -61.90
C GLN B 1027 -15.60 24.20 -62.05
N GLU B 1028 -16.36 24.56 -63.08
CA GLU B 1028 -16.94 25.89 -63.12
C GLU B 1028 -18.12 25.99 -62.17
N ILE B 1029 -18.95 24.94 -62.13
CA ILE B 1029 -20.07 24.88 -61.19
C ILE B 1029 -19.54 24.81 -59.76
N ALA B 1030 -18.43 24.10 -59.55
CA ALA B 1030 -17.87 23.95 -58.22
C ALA B 1030 -17.22 25.22 -57.70
N GLY B 1031 -17.14 26.28 -58.50
CA GLY B 1031 -16.57 27.53 -58.05
C GLY B 1031 -15.07 27.52 -57.93
N GLU B 1032 -14.38 26.64 -58.67
CA GLU B 1032 -12.94 26.52 -58.62
C GLU B 1032 -12.29 26.66 -59.99
N LYS B 1033 -13.02 27.16 -60.98
CA LYS B 1033 -12.46 27.62 -62.23
C LYS B 1033 -13.12 28.95 -62.56
N PRO B 1034 -12.37 30.02 -62.86
CA PRO B 1034 -13.03 31.28 -63.22
C PRO B 1034 -13.74 31.19 -64.55
N VAL B 1035 -14.82 31.96 -64.68
CA VAL B 1035 -15.65 31.98 -65.88
C VAL B 1035 -15.93 33.42 -66.26
N ARG B 1036 -16.35 33.60 -67.49
CA ARG B 1036 -16.63 34.91 -68.07
C ARG B 1036 -18.11 34.99 -68.44
N MET B 1037 -18.80 35.98 -67.88
CA MET B 1037 -20.24 36.14 -68.02
C MET B 1037 -20.58 37.50 -68.59
N TRP B 1038 -21.73 37.58 -69.26
CA TRP B 1038 -22.30 38.86 -69.68
C TRP B 1038 -23.15 39.43 -68.55
N VAL B 1039 -22.96 40.71 -68.23
CA VAL B 1039 -23.58 41.34 -67.07
C VAL B 1039 -24.33 42.59 -67.51
N LYS B 1040 -25.50 42.82 -66.92
CA LYS B 1040 -26.28 44.04 -67.11
C LYS B 1040 -26.72 44.56 -65.76
N ARG B 1041 -26.30 45.78 -65.43
CA ARG B 1041 -26.70 46.41 -64.18
C ARG B 1041 -28.07 47.06 -64.26
N PHE B 1042 -28.32 47.83 -65.33
CA PHE B 1042 -29.56 48.58 -65.50
C PHE B 1042 -30.22 48.19 -66.81
N ILE B 1043 -31.55 48.20 -66.82
CA ILE B 1043 -32.36 47.81 -67.97
C ILE B 1043 -33.33 48.94 -68.30
N LYS B 1044 -33.51 49.20 -69.60
CA LYS B 1044 -34.33 50.31 -70.06
C LYS B 1044 -35.82 49.93 -70.11
N ARG B 1045 -36.67 50.92 -69.87
CA ARG B 1045 -38.12 50.79 -70.00
C ARG B 1045 -38.68 52.03 -70.67
N LEU B 1046 -39.69 51.88 -71.51
CA LEU B 1046 -40.26 52.96 -72.31
C LEU B 1046 -41.62 53.43 -71.79
N SER B 1047 -41.99 54.62 -72.24
CA SER B 1047 -43.37 55.06 -72.31
C SER B 1047 -43.53 55.87 -73.59
N LEU B 1048 -44.64 55.65 -74.30
CA LEU B 1048 -44.92 56.33 -75.55
C LEU B 1048 -45.81 57.56 -75.39
N VAL B 1049 -46.18 57.91 -74.17
CA VAL B 1049 -46.73 59.23 -73.86
C VAL B 1049 -45.97 59.80 -72.68
N ASP B 1050 -45.90 61.13 -72.64
CA ASP B 1050 -45.05 61.81 -71.67
C ASP B 1050 -45.55 61.46 -70.26
N PRO B 1051 -44.68 60.98 -69.36
CA PRO B 1051 -45.17 60.69 -68.00
C PRO B 1051 -45.77 61.88 -67.29
N ALA B 1052 -45.36 63.11 -67.65
CA ALA B 1052 -45.83 64.29 -66.94
C ALA B 1052 -47.30 64.57 -67.22
N LYS B 1053 -47.83 64.04 -68.32
CA LYS B 1053 -49.21 64.22 -68.69
C LYS B 1053 -49.89 62.87 -68.88
N HIS B 1054 -49.19 61.78 -68.64
CA HIS B 1054 -49.81 60.47 -68.51
C HIS B 1054 -50.80 60.47 -67.35
N PRO B 1055 -51.96 59.81 -67.48
CA PRO B 1055 -52.83 59.61 -66.32
C PRO B 1055 -52.22 58.74 -65.24
N GLN B 1056 -52.93 58.67 -64.11
CA GLN B 1056 -52.73 57.66 -63.05
C GLN B 1056 -51.27 57.69 -62.57
N LYS B 1057 -50.61 56.54 -62.47
CA LYS B 1057 -49.48 56.34 -61.57
C LYS B 1057 -48.13 56.69 -62.18
N LYS B 1058 -48.08 57.46 -63.28
CA LYS B 1058 -46.82 57.79 -63.94
C LYS B 1058 -46.46 59.25 -63.91
N GLN B 1059 -47.24 60.10 -63.24
CA GLN B 1059 -46.73 61.37 -62.71
C GLN B 1059 -46.12 61.07 -61.34
N ASP B 1060 -44.96 60.40 -61.38
CA ASP B 1060 -44.54 59.55 -60.29
C ASP B 1060 -43.03 59.63 -60.12
N ASN B 1061 -42.57 59.21 -58.93
CA ASN B 1061 -41.18 59.38 -58.55
C ASN B 1061 -40.22 58.67 -59.50
N LYS B 1062 -40.54 57.43 -59.89
CA LYS B 1062 -39.65 56.66 -60.75
C LYS B 1062 -39.40 57.39 -62.08
N TRP B 1063 -40.41 58.07 -62.59
CA TRP B 1063 -40.31 58.79 -63.85
C TRP B 1063 -39.84 60.24 -63.69
N LYS B 1064 -39.47 60.68 -62.48
CA LYS B 1064 -38.90 62.01 -62.36
C LYS B 1064 -37.59 62.14 -63.15
N ARG B 1065 -36.82 61.06 -63.23
CA ARG B 1065 -35.53 61.11 -63.92
C ARG B 1065 -35.67 60.73 -65.39
N ARG B 1066 -36.49 61.48 -66.13
CA ARG B 1066 -36.81 61.17 -67.53
C ARG B 1066 -35.59 61.11 -68.43
N LYS B 1067 -35.80 60.56 -69.63
CA LYS B 1067 -34.87 60.70 -70.74
C LYS B 1067 -35.69 60.53 -72.02
N GLU B 1068 -35.28 61.21 -73.09
CA GLU B 1068 -36.11 61.39 -74.27
C GLU B 1068 -35.44 60.79 -75.51
N GLY B 1069 -36.27 60.44 -76.49
CA GLY B 1069 -35.76 59.89 -77.73
C GLY B 1069 -36.88 59.62 -78.71
N ILE B 1070 -36.52 58.92 -79.79
CA ILE B 1070 -37.45 58.51 -80.84
C ILE B 1070 -37.26 57.02 -81.07
N ALA B 1071 -38.37 56.30 -81.30
CA ALA B 1071 -38.35 54.86 -81.49
C ALA B 1071 -38.93 54.51 -82.85
N THR B 1072 -38.38 53.46 -83.47
CA THR B 1072 -38.84 52.95 -84.75
C THR B 1072 -39.42 51.55 -84.56
N PHE B 1073 -40.67 51.36 -84.99
CA PHE B 1073 -41.33 50.06 -84.87
C PHE B 1073 -40.84 49.10 -85.95
N ILE B 1074 -40.57 47.85 -85.55
CA ILE B 1074 -40.07 46.85 -86.48
C ILE B 1074 -40.73 45.47 -86.39
N GLU B 1075 -41.45 45.17 -85.31
CA GLU B 1075 -42.11 43.87 -85.21
C GLU B 1075 -43.18 43.88 -84.11
N GLN B 1076 -44.15 42.97 -84.24
CA GLN B 1076 -45.19 42.78 -83.24
C GLN B 1076 -45.42 41.28 -83.04
N LYS B 1077 -45.70 40.89 -81.79
CA LYS B 1077 -45.87 39.48 -81.44
C LYS B 1077 -46.54 39.38 -80.07
N ASN B 1078 -47.59 38.55 -79.98
CA ASN B 1078 -48.32 38.33 -78.72
C ASN B 1078 -48.74 39.63 -78.06
N GLY B 1079 -49.03 40.64 -78.87
CA GLY B 1079 -49.34 41.97 -78.37
C GLY B 1079 -48.15 42.77 -77.91
N SER B 1080 -46.95 42.20 -77.91
CA SER B 1080 -45.74 42.96 -77.67
C SER B 1080 -45.26 43.58 -78.97
N TYR B 1081 -44.63 44.74 -78.86
CA TYR B 1081 -44.16 45.52 -79.99
C TYR B 1081 -42.65 45.72 -79.85
N TYR B 1082 -41.93 45.63 -80.96
CA TYR B 1082 -40.48 45.63 -80.97
C TYR B 1082 -39.97 46.93 -81.58
N PHE B 1083 -39.16 47.67 -80.83
CA PHE B 1083 -38.66 48.98 -81.23
C PHE B 1083 -37.15 49.03 -81.23
N ASN B 1084 -36.59 49.70 -82.24
CA ASN B 1084 -35.27 50.30 -82.12
C ASN B 1084 -35.43 51.72 -81.64
N VAL B 1085 -34.53 52.16 -80.75
CA VAL B 1085 -34.67 53.43 -80.05
C VAL B 1085 -33.41 54.26 -80.26
N VAL B 1086 -33.59 55.56 -80.41
CA VAL B 1086 -32.51 56.54 -80.42
C VAL B 1086 -32.81 57.57 -79.35
N THR B 1087 -31.91 57.71 -78.38
CA THR B 1087 -32.09 58.72 -77.34
C THR B 1087 -31.41 60.03 -77.75
N ASN B 1088 -31.69 61.07 -76.97
CA ASN B 1088 -31.20 62.42 -77.24
C ASN B 1088 -29.69 62.56 -77.01
N ASN B 1089 -29.00 61.51 -76.58
CA ASN B 1089 -27.55 61.55 -76.40
C ASN B 1089 -26.84 61.33 -77.74
N GLY B 1090 -27.08 62.26 -78.66
CA GLY B 1090 -26.50 62.16 -79.99
C GLY B 1090 -26.96 60.89 -80.67
N CYS B 1091 -26.01 60.00 -80.96
CA CYS B 1091 -26.30 58.65 -81.40
C CYS B 1091 -26.10 57.71 -80.21
N THR B 1092 -27.18 57.08 -79.77
CA THR B 1092 -27.13 56.13 -78.67
C THR B 1092 -28.38 55.28 -78.78
N SER B 1093 -28.22 54.00 -79.12
CA SER B 1093 -29.33 53.21 -79.62
C SER B 1093 -29.34 51.80 -79.05
N PHE B 1094 -30.53 51.22 -78.99
CA PHE B 1094 -30.76 49.88 -78.46
C PHE B 1094 -32.11 49.37 -78.93
N HIS B 1095 -32.26 48.05 -78.93
CA HIS B 1095 -33.53 47.40 -79.23
C HIS B 1095 -34.18 46.92 -77.94
N LEU B 1096 -35.50 47.05 -77.86
CA LEU B 1096 -36.24 46.44 -76.77
C LEU B 1096 -37.68 46.11 -77.18
N TRP B 1097 -38.22 45.09 -76.53
CA TRP B 1097 -39.63 44.72 -76.64
C TRP B 1097 -40.45 45.46 -75.59
N HIS B 1098 -41.66 45.85 -75.97
CA HIS B 1098 -42.56 46.61 -75.10
C HIS B 1098 -43.94 45.98 -75.09
N LYS B 1099 -44.52 45.87 -73.89
CA LYS B 1099 -45.90 45.43 -73.74
C LYS B 1099 -46.73 46.67 -73.43
N PRO B 1100 -47.53 47.20 -74.36
CA PRO B 1100 -47.99 48.58 -74.23
C PRO B 1100 -48.90 48.80 -73.02
N ASP B 1101 -48.80 49.99 -72.44
CA ASP B 1101 -49.81 50.49 -71.53
C ASP B 1101 -51.08 50.87 -72.30
N ASN B 1102 -52.18 51.02 -71.57
CA ASN B 1102 -53.43 51.37 -72.23
C ASN B 1102 -53.34 52.75 -72.88
N PHE B 1103 -52.55 53.65 -72.31
CA PHE B 1103 -52.37 55.00 -72.82
C PHE B 1103 -51.17 55.14 -73.74
N ASP B 1104 -50.48 54.06 -74.08
CA ASP B 1104 -49.38 54.10 -75.04
C ASP B 1104 -49.94 54.16 -76.46
N GLN B 1105 -50.23 55.39 -76.89
CA GLN B 1105 -50.63 55.69 -78.26
C GLN B 1105 -51.77 54.78 -78.71
N GLU B 1106 -52.91 54.93 -78.01
CA GLU B 1106 -54.10 54.08 -78.17
C GLU B 1106 -53.73 52.60 -78.10
N LYS B 1107 -52.84 52.28 -77.14
CA LYS B 1107 -52.37 50.91 -76.91
C LYS B 1107 -51.82 50.31 -78.21
N LEU B 1108 -51.20 51.16 -79.03
CA LEU B 1108 -50.58 50.79 -80.31
C LEU B 1108 -51.54 50.04 -81.23
N GLU B 1109 -52.84 50.31 -81.12
CA GLU B 1109 -53.79 49.78 -82.07
C GLU B 1109 -53.62 50.50 -83.41
N GLY B 1110 -53.39 49.73 -84.48
CA GLY B 1110 -53.31 50.28 -85.81
C GLY B 1110 -51.94 50.76 -86.25
N ILE B 1111 -50.89 50.57 -85.44
CA ILE B 1111 -49.54 50.97 -85.84
C ILE B 1111 -48.99 49.96 -86.85
N GLN B 1112 -48.07 50.43 -87.70
CA GLN B 1112 -47.66 49.71 -88.89
C GLN B 1112 -46.14 49.64 -88.98
N ASN B 1113 -45.66 48.73 -89.83
CA ASN B 1113 -44.23 48.52 -90.02
C ASN B 1113 -43.57 49.79 -90.54
N GLY B 1114 -42.37 50.07 -90.03
CA GLY B 1114 -41.57 51.19 -90.49
C GLY B 1114 -41.88 52.53 -89.85
N GLU B 1115 -42.94 52.63 -89.06
CA GLU B 1115 -43.31 53.90 -88.44
C GLU B 1115 -42.38 54.20 -87.27
N LYS B 1116 -42.40 55.46 -86.82
CA LYS B 1116 -41.60 55.87 -85.68
C LYS B 1116 -42.32 56.94 -84.87
N LEU B 1117 -41.99 56.99 -83.58
CA LEU B 1117 -42.70 57.80 -82.59
C LEU B 1117 -41.72 58.46 -81.63
N ASP B 1118 -42.10 59.63 -81.11
CA ASP B 1118 -41.35 60.23 -80.02
C ASP B 1118 -41.61 59.47 -78.73
N CYS B 1119 -40.55 59.32 -77.90
CA CYS B 1119 -40.58 58.40 -76.77
C CYS B 1119 -39.86 58.98 -75.56
N TRP B 1120 -40.16 58.37 -74.41
CA TRP B 1120 -39.49 58.63 -73.14
C TRP B 1120 -39.02 57.31 -72.54
N VAL B 1121 -37.84 57.33 -71.92
CA VAL B 1121 -37.17 56.13 -71.47
C VAL B 1121 -36.53 56.36 -70.10
N ARG B 1122 -36.48 55.29 -69.31
CA ARG B 1122 -35.84 55.27 -68.01
C ARG B 1122 -35.08 53.96 -67.88
N ASP B 1123 -34.15 53.91 -66.92
CA ASP B 1123 -33.41 52.69 -66.60
C ASP B 1123 -33.59 52.35 -65.13
N SER B 1124 -33.66 51.05 -64.85
CA SER B 1124 -33.89 50.54 -63.51
C SER B 1124 -32.99 49.34 -63.24
N ARG B 1125 -32.65 49.15 -61.97
CA ARG B 1125 -31.69 48.13 -61.57
C ARG B 1125 -32.15 46.74 -61.97
N TYR B 1126 -31.23 45.97 -62.53
CA TYR B 1126 -31.53 44.62 -63.03
C TYR B 1126 -30.54 43.60 -62.48
N GLN B 1127 -29.26 43.97 -62.46
CA GLN B 1127 -28.18 43.23 -61.79
C GLN B 1127 -28.24 41.71 -62.02
N LYS B 1128 -28.27 41.31 -63.29
CA LYS B 1128 -28.32 39.90 -63.64
C LYS B 1128 -27.22 39.58 -64.67
N ALA B 1129 -26.88 38.29 -64.76
CA ALA B 1129 -25.77 37.84 -65.59
C ALA B 1129 -26.10 36.52 -66.27
N PHE B 1130 -25.53 36.33 -67.46
CA PHE B 1130 -25.75 35.15 -68.29
C PHE B 1130 -24.46 34.79 -68.98
N GLN B 1131 -24.33 33.52 -69.41
CA GLN B 1131 -23.17 33.16 -70.21
C GLN B 1131 -23.35 33.57 -71.67
N GLU B 1132 -24.57 33.48 -72.19
CA GLU B 1132 -24.88 33.90 -73.55
C GLU B 1132 -25.97 34.95 -73.50
N ILE B 1133 -25.88 35.94 -74.37
CA ILE B 1133 -26.83 37.06 -74.33
C ILE B 1133 -28.21 36.54 -74.73
N PRO B 1134 -29.25 36.72 -73.90
CA PRO B 1134 -30.57 36.18 -74.27
C PRO B 1134 -31.15 36.89 -75.47
N GLU B 1135 -31.92 36.15 -76.25
CA GLU B 1135 -32.73 36.76 -77.30
C GLU B 1135 -33.81 37.65 -76.66
N ASN B 1136 -34.28 38.63 -77.44
CA ASN B 1136 -35.24 39.66 -77.01
C ASN B 1136 -34.59 40.74 -76.14
N ASP B 1137 -33.29 40.64 -75.88
CA ASP B 1137 -32.55 41.67 -75.15
C ASP B 1137 -31.09 41.64 -75.59
N PRO B 1138 -30.80 42.08 -76.82
CA PRO B 1138 -29.46 41.90 -77.37
C PRO B 1138 -28.44 42.98 -77.02
N ASP B 1139 -28.83 44.06 -76.32
CA ASP B 1139 -27.99 45.23 -76.16
C ASP B 1139 -27.75 45.56 -74.69
N GLY B 1140 -26.62 46.23 -74.44
CA GLY B 1140 -26.31 46.76 -73.12
C GLY B 1140 -25.57 45.83 -72.19
N TRP B 1141 -25.07 44.70 -72.67
CA TRP B 1141 -24.39 43.72 -71.84
C TRP B 1141 -22.89 44.00 -71.79
N GLU B 1142 -22.30 43.79 -70.62
CA GLU B 1142 -20.88 44.04 -70.37
C GLU B 1142 -20.21 42.73 -69.97
N CYS B 1143 -19.10 42.42 -70.63
CA CYS B 1143 -18.40 41.16 -70.40
C CYS B 1143 -17.48 41.27 -69.19
N LYS B 1144 -17.63 40.34 -68.26
CA LYS B 1144 -16.91 40.37 -66.98
C LYS B 1144 -16.44 38.96 -66.67
N GLU B 1145 -15.34 38.86 -65.91
CA GLU B 1145 -14.78 37.59 -65.50
C GLU B 1145 -14.87 37.44 -63.98
N GLY B 1146 -15.19 36.24 -63.52
CA GLY B 1146 -15.37 36.01 -62.11
C GLY B 1146 -15.54 34.55 -61.78
N TYR B 1147 -16.22 34.29 -60.66
CA TYR B 1147 -16.49 32.93 -60.18
C TYR B 1147 -17.97 32.76 -59.87
N LEU B 1148 -18.48 31.55 -60.11
CA LEU B 1148 -19.86 31.20 -59.79
C LEU B 1148 -19.93 30.57 -58.40
N HIS B 1149 -20.81 31.12 -57.56
CA HIS B 1149 -21.06 30.60 -56.21
C HIS B 1149 -22.38 29.83 -56.26
N VAL B 1150 -22.30 28.50 -56.33
CA VAL B 1150 -23.47 27.64 -56.53
C VAL B 1150 -23.74 26.93 -55.22
N VAL B 1151 -24.80 27.35 -54.54
CA VAL B 1151 -25.17 26.80 -53.23
C VAL B 1151 -26.17 25.65 -53.36
N GLY B 1152 -27.01 25.66 -54.38
CA GLY B 1152 -28.03 24.65 -54.57
C GLY B 1152 -29.43 25.18 -54.31
N PRO B 1153 -30.45 24.40 -54.72
CA PRO B 1153 -31.83 24.88 -54.57
C PRO B 1153 -32.36 24.73 -53.15
N SER B 1154 -31.86 25.55 -52.22
CA SER B 1154 -32.01 25.30 -50.80
C SER B 1154 -33.02 26.19 -50.10
N LYS B 1155 -33.76 27.04 -50.82
CA LYS B 1155 -34.77 27.90 -50.19
C LYS B 1155 -36.11 27.21 -50.38
N VAL B 1156 -36.55 26.46 -49.37
CA VAL B 1156 -37.68 25.55 -49.49
C VAL B 1156 -38.68 25.75 -48.36
N GLU B 1157 -39.95 25.76 -48.72
CA GLU B 1157 -41.08 25.74 -47.80
C GLU B 1157 -41.72 24.37 -47.91
N PHE B 1158 -41.96 23.72 -46.77
CA PHE B 1158 -42.50 22.37 -46.77
C PHE B 1158 -43.49 22.19 -45.63
N SER B 1159 -44.44 21.27 -45.84
CA SER B 1159 -45.56 21.12 -44.94
C SER B 1159 -46.10 19.71 -45.05
N ASP B 1160 -46.87 19.30 -44.04
CA ASP B 1160 -47.67 18.09 -44.09
C ASP B 1160 -49.06 18.30 -44.67
N LYS B 1161 -49.45 19.55 -44.93
CA LYS B 1161 -50.78 19.89 -45.39
C LYS B 1161 -50.66 20.93 -46.49
N LYS B 1162 -51.67 21.00 -47.34
CA LYS B 1162 -51.57 21.71 -48.61
C LYS B 1162 -51.92 23.20 -48.42
N GLY B 1163 -50.96 24.06 -48.75
CA GLY B 1163 -51.13 25.49 -48.66
C GLY B 1163 -51.64 26.11 -49.95
N ASP B 1164 -51.54 27.44 -49.99
CA ASP B 1164 -52.15 28.19 -51.09
C ASP B 1164 -51.50 27.88 -52.43
N VAL B 1165 -50.17 27.81 -52.46
CA VAL B 1165 -49.47 27.55 -53.72
C VAL B 1165 -49.77 26.15 -54.21
N ILE B 1166 -49.74 25.16 -53.33
CA ILE B 1166 -49.98 23.78 -53.73
C ILE B 1166 -51.43 23.60 -54.17
N ASN B 1167 -52.37 24.23 -53.47
CA ASN B 1167 -53.79 24.10 -53.82
C ASN B 1167 -54.05 24.53 -55.25
N ASN B 1168 -53.31 25.51 -55.76
CA ASN B 1168 -53.57 26.12 -57.06
C ASN B 1168 -52.57 25.68 -58.12
N PHE B 1169 -52.00 24.49 -57.98
CA PHE B 1169 -50.94 24.07 -58.90
C PHE B 1169 -51.48 23.76 -60.29
N GLN B 1170 -52.69 23.20 -60.40
CA GLN B 1170 -53.26 22.75 -61.67
C GLN B 1170 -52.38 21.68 -62.34
N GLY B 1171 -52.34 20.53 -61.70
CA GLY B 1171 -51.70 19.36 -62.30
C GLY B 1171 -51.43 18.32 -61.23
N THR B 1172 -50.83 17.22 -61.68
CA THR B 1172 -50.32 16.21 -60.77
C THR B 1172 -48.92 16.63 -60.31
N LEU B 1173 -48.74 16.72 -59.00
CA LEU B 1173 -47.45 17.19 -58.49
C LEU B 1173 -46.35 16.21 -58.85
N PRO B 1174 -45.17 16.68 -59.26
CA PRO B 1174 -44.04 15.77 -59.48
C PRO B 1174 -43.53 15.13 -58.20
N SER B 1175 -42.69 14.12 -58.38
CA SER B 1175 -41.93 13.51 -57.29
C SER B 1175 -40.62 14.26 -57.07
N VAL B 1176 -40.04 14.07 -55.89
CA VAL B 1176 -38.81 14.76 -55.50
C VAL B 1176 -37.66 14.18 -56.32
N PRO B 1177 -36.91 14.96 -57.10
CA PRO B 1177 -35.81 14.38 -57.88
C PRO B 1177 -34.69 13.86 -56.99
N ASN B 1178 -33.85 13.00 -57.58
CA ASN B 1178 -32.68 12.47 -56.90
C ASN B 1178 -31.45 13.36 -57.04
N ASP B 1179 -31.37 14.16 -58.10
CA ASP B 1179 -30.19 14.95 -58.41
C ASP B 1179 -30.58 16.42 -58.33
N TRP B 1180 -29.85 17.20 -57.52
CA TRP B 1180 -30.18 18.60 -57.32
C TRP B 1180 -30.00 19.44 -58.57
N LYS B 1181 -29.24 18.96 -59.56
CA LYS B 1181 -28.99 19.74 -60.77
C LYS B 1181 -30.10 19.62 -61.82
N THR B 1182 -31.04 18.69 -61.66
CA THR B 1182 -32.12 18.53 -62.63
C THR B 1182 -33.39 19.28 -62.28
N ILE B 1183 -33.45 19.92 -61.10
CA ILE B 1183 -34.66 20.60 -60.67
C ILE B 1183 -34.92 21.83 -61.54
N ARG B 1184 -36.15 21.98 -62.01
CA ARG B 1184 -36.59 23.17 -62.72
C ARG B 1184 -37.94 23.62 -62.18
N THR B 1185 -38.12 24.94 -62.09
CA THR B 1185 -39.38 25.49 -61.58
C THR B 1185 -40.53 25.18 -62.53
N ASN B 1186 -41.75 25.09 -61.98
CA ASN B 1186 -42.91 24.69 -62.77
C ASN B 1186 -44.15 25.56 -62.61
N ASP B 1187 -44.19 26.52 -61.69
CA ASP B 1187 -45.11 27.66 -61.86
C ASP B 1187 -44.64 28.82 -60.98
N PHE B 1188 -45.50 29.84 -60.84
CA PHE B 1188 -45.14 31.13 -60.28
C PHE B 1188 -46.01 31.44 -59.08
N LYS B 1189 -45.48 32.22 -58.14
CA LYS B 1189 -46.35 32.76 -57.08
C LYS B 1189 -47.22 33.90 -57.60
N ASN B 1190 -46.66 34.80 -58.39
CA ASN B 1190 -47.41 35.89 -59.02
C ASN B 1190 -47.54 35.53 -60.50
N ARG B 1191 -48.60 34.80 -60.83
CA ARG B 1191 -48.77 34.24 -62.15
C ARG B 1191 -49.28 35.26 -63.17
N LYS B 1192 -49.69 36.45 -62.72
CA LYS B 1192 -50.03 37.52 -63.66
C LYS B 1192 -48.77 38.20 -64.16
N ARG B 1193 -47.93 38.64 -63.23
CA ARG B 1193 -46.68 39.31 -63.54
C ARG B 1193 -45.57 38.34 -63.87
N LYS B 1194 -45.75 37.05 -63.56
CA LYS B 1194 -44.75 36.00 -63.75
C LYS B 1194 -43.44 36.30 -63.03
N ASN B 1195 -43.52 37.03 -61.92
CA ASN B 1195 -42.46 37.06 -60.95
C ASN B 1195 -42.43 35.75 -60.16
N GLU B 1196 -41.34 35.54 -59.43
CA GLU B 1196 -41.26 34.56 -58.34
C GLU B 1196 -41.59 33.13 -58.78
N PRO B 1197 -40.77 32.50 -59.61
CA PRO B 1197 -41.02 31.09 -59.94
C PRO B 1197 -40.80 30.18 -58.74
N VAL B 1198 -41.51 29.04 -58.74
CA VAL B 1198 -41.39 28.03 -57.71
C VAL B 1198 -41.38 26.64 -58.33
N PHE B 1199 -40.83 25.68 -57.59
CA PHE B 1199 -40.89 24.26 -57.92
C PHE B 1199 -41.73 23.56 -56.87
N CYS B 1200 -42.86 22.99 -57.30
CA CYS B 1200 -43.77 22.28 -56.41
C CYS B 1200 -43.65 20.78 -56.63
N CYS B 1201 -43.60 20.01 -55.55
CA CYS B 1201 -43.51 18.56 -55.66
C CYS B 1201 -43.99 17.91 -54.37
N GLU B 1202 -44.11 16.59 -54.44
CA GLU B 1202 -44.66 15.75 -53.38
C GLU B 1202 -43.80 14.51 -53.23
N ASP B 1203 -43.56 14.09 -51.99
CA ASP B 1203 -42.81 12.87 -51.72
C ASP B 1203 -43.74 11.72 -51.35
N ASP B 1204 -43.16 10.52 -51.29
CA ASP B 1204 -43.94 9.29 -51.16
C ASP B 1204 -44.54 9.08 -49.77
N LYS B 1205 -44.13 9.83 -48.75
CA LYS B 1205 -44.78 9.77 -47.44
C LYS B 1205 -45.58 11.02 -47.14
N GLY B 1206 -45.93 11.80 -48.16
CA GLY B 1206 -47.00 12.77 -48.05
C GLY B 1206 -46.63 14.18 -47.65
N ASN B 1207 -45.37 14.57 -47.75
CA ASN B 1207 -45.00 15.98 -47.57
C ASN B 1207 -45.06 16.72 -48.90
N TYR B 1208 -45.37 18.01 -48.81
CA TYR B 1208 -45.43 18.90 -49.97
C TYR B 1208 -44.34 19.96 -49.85
N TYR B 1209 -43.62 20.20 -50.95
CA TYR B 1209 -42.46 21.07 -50.97
C TYR B 1209 -42.62 22.16 -52.02
N THR B 1210 -42.21 23.38 -51.66
CA THR B 1210 -42.21 24.52 -52.58
C THR B 1210 -40.84 25.18 -52.51
N MET B 1211 -40.01 24.92 -53.52
CA MET B 1211 -38.69 25.54 -53.63
C MET B 1211 -38.83 26.86 -54.36
N ALA B 1212 -38.40 27.95 -53.73
CA ALA B 1212 -38.62 29.31 -54.23
C ALA B 1212 -37.33 30.05 -54.55
N LYS B 1213 -36.25 29.34 -54.81
CA LYS B 1213 -35.00 29.92 -55.28
C LYS B 1213 -34.80 29.51 -56.74
N TYR B 1214 -34.54 30.49 -57.62
CA TYR B 1214 -34.22 30.18 -59.00
C TYR B 1214 -32.91 30.79 -59.48
N CYS B 1215 -32.32 31.72 -58.74
CA CYS B 1215 -31.06 32.34 -59.12
C CYS B 1215 -29.90 31.77 -58.32
N GLU B 1216 -28.71 32.01 -58.84
CA GLU B 1216 -27.45 31.63 -58.24
C GLU B 1216 -26.51 32.80 -58.49
N THR B 1217 -25.44 32.91 -57.71
CA THR B 1217 -24.70 34.17 -57.62
C THR B 1217 -23.35 34.10 -58.33
N PHE B 1218 -23.02 35.19 -59.01
CA PHE B 1218 -21.76 35.38 -59.73
C PHE B 1218 -20.94 36.46 -59.06
N PHE B 1219 -19.72 36.10 -58.62
CA PHE B 1219 -18.79 37.03 -57.98
C PHE B 1219 -17.79 37.51 -59.02
N PHE B 1220 -17.59 38.81 -59.12
CA PHE B 1220 -16.66 39.32 -60.13
C PHE B 1220 -15.98 40.62 -59.69
N ASP B 1221 -14.92 40.95 -60.44
CA ASP B 1221 -13.96 42.02 -60.13
C ASP B 1221 -13.21 41.71 -58.83
N LEU B 1222 -12.42 40.64 -58.91
CA LEU B 1222 -11.57 40.22 -57.79
C LEU B 1222 -10.41 41.20 -57.66
N LYS B 1223 -10.25 41.78 -56.47
CA LYS B 1223 -9.21 42.76 -56.23
C LYS B 1223 -7.93 42.06 -55.79
N GLU B 1224 -6.85 42.24 -56.56
CA GLU B 1224 -5.59 41.57 -56.27
C GLU B 1224 -4.93 42.14 -55.02
N ASN B 1225 -5.15 43.42 -54.72
CA ASN B 1225 -4.38 44.14 -53.71
C ASN B 1225 -5.08 44.27 -52.36
N GLU B 1226 -6.05 43.39 -52.05
CA GLU B 1226 -6.96 43.63 -50.92
C GLU B 1226 -7.15 42.36 -50.07
N GLU B 1227 -6.05 41.72 -49.66
CA GLU B 1227 -6.16 40.60 -48.73
C GLU B 1227 -6.53 41.05 -47.32
N TYR B 1228 -7.26 40.19 -46.62
CA TYR B 1228 -7.54 40.35 -45.20
C TYR B 1228 -7.21 39.05 -44.48
N GLU B 1229 -6.49 39.16 -43.37
CA GLU B 1229 -6.01 37.97 -42.65
C GLU B 1229 -7.13 37.34 -41.83
N ILE B 1230 -7.15 36.01 -41.81
CA ILE B 1230 -8.11 35.25 -41.01
C ILE B 1230 -7.47 34.99 -39.66
N PRO B 1231 -7.98 35.56 -38.56
CA PRO B 1231 -7.51 35.14 -37.24
C PRO B 1231 -8.09 33.81 -36.82
N GLU B 1232 -7.50 33.24 -35.76
CA GLU B 1232 -7.93 31.93 -35.28
C GLU B 1232 -9.38 31.96 -34.79
N LYS B 1233 -9.81 33.07 -34.19
CA LYS B 1233 -11.18 33.19 -33.74
C LYS B 1233 -12.16 32.98 -34.88
N ALA B 1234 -11.87 33.55 -36.06
CA ALA B 1234 -12.78 33.42 -37.19
C ALA B 1234 -12.93 31.96 -37.63
N ARG B 1235 -11.88 31.15 -37.47
CA ARG B 1235 -11.97 29.75 -37.85
C ARG B 1235 -12.82 28.96 -36.86
N ILE B 1236 -12.68 29.28 -35.56
CA ILE B 1236 -13.47 28.60 -34.54
C ILE B 1236 -14.96 28.88 -34.74
N LYS B 1237 -15.29 30.14 -35.01
CA LYS B 1237 -16.69 30.52 -35.23
C LYS B 1237 -17.25 29.82 -36.47
N TYR B 1238 -16.44 29.71 -37.53
CA TYR B 1238 -16.91 29.02 -38.72
C TYR B 1238 -17.12 27.54 -38.46
N LYS B 1239 -16.23 26.91 -37.70
CA LYS B 1239 -16.42 25.49 -37.38
C LYS B 1239 -17.69 25.29 -36.57
N GLU B 1240 -17.99 26.20 -35.65
CA GLU B 1240 -19.23 26.10 -34.88
C GLU B 1240 -20.45 26.28 -35.79
N LEU B 1241 -20.37 27.23 -36.73
CA LEU B 1241 -21.44 27.42 -37.71
C LEU B 1241 -21.69 26.14 -38.51
N LEU B 1242 -20.63 25.50 -38.96
CA LEU B 1242 -20.79 24.25 -39.71
C LEU B 1242 -21.40 23.17 -38.85
N ARG B 1243 -20.97 23.07 -37.58
CA ARG B 1243 -21.52 22.06 -36.69
C ARG B 1243 -23.02 22.25 -36.52
N VAL B 1244 -23.46 23.49 -36.32
CA VAL B 1244 -24.88 23.71 -36.13
C VAL B 1244 -25.66 23.50 -37.43
N TYR B 1245 -25.05 23.77 -38.59
CA TYR B 1245 -25.72 23.42 -39.84
C TYR B 1245 -25.96 21.93 -39.96
N ASN B 1246 -24.98 21.10 -39.56
CA ASN B 1246 -25.09 19.67 -39.82
C ASN B 1246 -25.78 18.87 -38.72
N ASN B 1247 -26.25 19.52 -37.65
CA ASN B 1247 -26.89 18.82 -36.53
C ASN B 1247 -28.25 19.43 -36.19
N ASN B 1248 -29.13 19.53 -37.18
CA ASN B 1248 -30.41 20.25 -37.05
C ASN B 1248 -31.59 19.29 -37.12
N PRO B 1249 -32.33 19.06 -36.03
CA PRO B 1249 -33.52 18.20 -36.15
C PRO B 1249 -34.61 18.77 -37.04
N GLN B 1250 -34.70 20.09 -37.17
CA GLN B 1250 -35.73 20.72 -37.97
C GLN B 1250 -35.36 20.84 -39.44
N ALA B 1251 -34.27 20.22 -39.87
CA ALA B 1251 -33.85 20.34 -41.27
C ALA B 1251 -34.88 19.71 -42.20
N VAL B 1252 -34.91 20.23 -43.42
CA VAL B 1252 -35.79 19.65 -44.45
C VAL B 1252 -35.40 18.19 -44.66
N PRO B 1253 -36.34 17.24 -44.72
CA PRO B 1253 -35.94 15.82 -44.74
C PRO B 1253 -35.37 15.34 -46.07
N GLU B 1254 -35.45 16.14 -47.14
CA GLU B 1254 -34.90 15.77 -48.44
C GLU B 1254 -33.62 16.58 -48.66
N SER B 1255 -32.50 15.88 -48.83
CA SER B 1255 -31.21 16.55 -48.85
C SER B 1255 -30.92 17.31 -50.14
N VAL B 1256 -31.65 17.02 -51.23
CA VAL B 1256 -31.48 17.81 -52.44
C VAL B 1256 -31.82 19.27 -52.18
N PHE B 1257 -32.68 19.53 -51.21
CA PHE B 1257 -33.10 20.87 -50.84
C PHE B 1257 -32.25 21.50 -49.75
N GLN B 1258 -31.11 20.92 -49.43
CA GLN B 1258 -30.19 21.52 -48.46
C GLN B 1258 -29.04 22.22 -49.16
N SER B 1259 -28.47 23.21 -48.47
CA SER B 1259 -27.32 23.91 -48.99
C SER B 1259 -26.09 23.02 -48.95
N ARG B 1260 -25.15 23.32 -49.85
CA ARG B 1260 -23.91 22.57 -50.01
C ARG B 1260 -23.20 22.28 -48.69
N VAL B 1261 -23.20 23.26 -47.78
CA VAL B 1261 -22.54 23.06 -46.49
C VAL B 1261 -23.21 21.92 -45.72
N ALA B 1262 -24.54 21.87 -45.73
CA ALA B 1262 -25.26 20.81 -45.06
C ALA B 1262 -25.35 19.55 -45.92
N ARG B 1263 -25.71 19.72 -47.19
CA ARG B 1263 -25.87 18.58 -48.09
C ARG B 1263 -24.58 17.78 -48.23
N GLU B 1264 -23.43 18.46 -48.24
CA GLU B 1264 -22.14 17.82 -48.49
C GLU B 1264 -21.36 17.50 -47.22
N ASN B 1265 -21.89 17.83 -46.04
CA ASN B 1265 -21.18 17.65 -44.77
C ASN B 1265 -19.78 18.28 -44.81
N VAL B 1266 -19.77 19.61 -44.99
CA VAL B 1266 -18.52 20.35 -44.95
C VAL B 1266 -18.09 20.55 -43.51
N GLU B 1267 -16.78 20.60 -43.27
CA GLU B 1267 -16.25 20.66 -41.91
C GLU B 1267 -15.16 21.71 -41.69
N LYS B 1268 -14.64 22.35 -42.74
CA LYS B 1268 -13.57 23.32 -42.59
C LYS B 1268 -13.65 24.38 -43.67
N LEU B 1269 -12.98 25.51 -43.42
CA LEU B 1269 -12.55 26.37 -44.50
C LEU B 1269 -11.48 25.67 -45.32
N LYS B 1270 -11.50 25.90 -46.63
CA LYS B 1270 -10.52 25.32 -47.53
C LYS B 1270 -10.11 26.37 -48.56
N SER B 1271 -8.89 26.21 -49.07
CA SER B 1271 -8.36 27.16 -50.04
C SER B 1271 -9.24 27.23 -51.28
N GLY B 1272 -9.52 28.45 -51.72
CA GLY B 1272 -10.36 28.66 -52.88
C GLY B 1272 -11.85 28.76 -52.59
N ASP B 1273 -12.27 28.63 -51.34
CA ASP B 1273 -13.67 28.73 -51.00
C ASP B 1273 -14.21 30.13 -51.30
N LEU B 1274 -15.50 30.18 -51.65
CA LEU B 1274 -16.22 31.43 -51.88
C LEU B 1274 -17.09 31.72 -50.68
N VAL B 1275 -17.06 32.96 -50.22
CA VAL B 1275 -17.78 33.22 -48.95
C VAL B 1275 -18.06 34.70 -48.75
N TYR B 1276 -19.04 34.99 -47.91
CA TYR B 1276 -19.36 36.36 -47.52
C TYR B 1276 -18.57 36.72 -46.27
N PHE B 1277 -17.87 37.86 -46.33
CA PHE B 1277 -16.97 38.14 -45.20
C PHE B 1277 -17.11 39.57 -44.66
N LYS B 1278 -16.99 39.69 -43.34
CA LYS B 1278 -17.00 40.95 -42.62
C LYS B 1278 -15.61 41.18 -42.05
N HIS B 1279 -15.13 42.43 -42.13
CA HIS B 1279 -13.73 42.71 -41.85
C HIS B 1279 -13.56 44.10 -41.26
N ASN B 1280 -12.45 44.28 -40.54
CA ASN B 1280 -11.93 45.59 -40.17
C ASN B 1280 -10.78 45.92 -41.12
N GLU B 1281 -10.01 46.96 -40.78
CA GLU B 1281 -8.95 47.44 -41.64
C GLU B 1281 -7.93 46.36 -42.00
N LYS B 1282 -7.75 45.34 -41.14
CA LYS B 1282 -6.71 44.33 -41.37
C LYS B 1282 -7.19 42.89 -41.25
N TYR B 1283 -8.25 42.59 -40.50
CA TYR B 1283 -8.61 41.22 -40.18
C TYR B 1283 -10.04 40.88 -40.59
N VAL B 1284 -10.22 39.60 -40.95
CA VAL B 1284 -11.55 39.02 -41.10
C VAL B 1284 -12.18 38.86 -39.72
N GLU B 1285 -13.49 39.11 -39.64
CA GLU B 1285 -14.23 39.01 -38.39
C GLU B 1285 -15.32 37.96 -38.44
N ASP B 1286 -16.13 37.94 -39.49
CA ASP B 1286 -17.23 36.99 -39.64
C ASP B 1286 -17.20 36.39 -41.03
N ILE B 1287 -17.57 35.11 -41.11
CA ILE B 1287 -17.62 34.38 -42.37
C ILE B 1287 -18.93 33.60 -42.37
N VAL B 1288 -19.65 33.64 -43.50
CA VAL B 1288 -20.86 32.84 -43.65
C VAL B 1288 -20.90 32.26 -45.06
N PRO B 1289 -21.61 31.12 -45.24
CA PRO B 1289 -21.61 30.48 -46.55
C PRO B 1289 -22.71 30.93 -47.51
N VAL B 1290 -23.84 31.42 -47.01
CA VAL B 1290 -24.97 31.83 -47.84
C VAL B 1290 -25.37 33.25 -47.46
N ARG B 1291 -26.24 33.85 -48.28
CA ARG B 1291 -26.54 35.26 -48.14
C ARG B 1291 -27.21 35.57 -46.80
N ILE B 1292 -28.27 34.86 -46.45
CA ILE B 1292 -28.92 35.00 -45.15
C ILE B 1292 -28.56 33.75 -44.35
N SER B 1293 -27.65 33.93 -43.39
CA SER B 1293 -26.99 32.84 -42.68
C SER B 1293 -27.10 33.06 -41.18
N ARG B 1294 -26.22 32.42 -40.42
CA ARG B 1294 -26.23 32.45 -38.96
C ARG B 1294 -25.03 33.26 -38.46
N THR B 1295 -25.23 33.98 -37.36
CA THR B 1295 -24.18 34.77 -36.74
C THR B 1295 -23.81 34.16 -35.38
N VAL B 1296 -22.52 33.93 -35.17
CA VAL B 1296 -22.01 33.18 -34.03
C VAL B 1296 -21.35 34.14 -33.04
N ASP B 1297 -21.48 33.83 -31.76
CA ASP B 1297 -20.93 34.68 -30.72
C ASP B 1297 -19.42 34.60 -30.67
N ASP B 1298 -18.77 35.74 -30.42
CA ASP B 1298 -17.33 35.73 -30.14
C ASP B 1298 -17.02 35.10 -28.81
N ARG B 1299 -17.97 35.11 -27.88
CA ARG B 1299 -17.75 34.73 -26.49
C ARG B 1299 -18.39 33.38 -26.23
N MET B 1300 -17.75 32.57 -25.39
CA MET B 1300 -18.48 31.47 -24.77
C MET B 1300 -19.40 32.03 -23.70
N ILE B 1301 -20.49 31.32 -23.44
CA ILE B 1301 -21.56 31.87 -22.60
C ILE B 1301 -21.06 32.18 -21.20
N GLY B 1302 -19.98 31.54 -20.76
CA GLY B 1302 -19.40 31.86 -19.47
C GLY B 1302 -18.91 33.29 -19.37
N LYS B 1303 -18.62 33.92 -20.51
CA LYS B 1303 -18.17 35.31 -20.52
C LYS B 1303 -19.32 36.31 -20.51
N ARG B 1304 -20.57 35.85 -20.51
CA ARG B 1304 -21.76 36.71 -20.43
C ARG B 1304 -22.34 36.80 -19.03
N MET B 1305 -21.55 36.45 -18.00
CA MET B 1305 -21.94 36.67 -16.63
C MET B 1305 -20.72 37.06 -15.84
N SER B 1306 -20.94 37.69 -14.69
CA SER B 1306 -19.83 38.08 -13.83
C SER B 1306 -19.01 36.86 -13.43
N ALA B 1307 -17.69 37.02 -13.39
CA ALA B 1307 -16.82 35.90 -13.03
C ALA B 1307 -17.10 35.38 -11.63
N ASP B 1308 -17.72 36.20 -10.77
CA ASP B 1308 -18.03 35.73 -9.43
C ASP B 1308 -19.19 34.75 -9.39
N LEU B 1309 -20.09 34.80 -10.37
CA LEU B 1309 -21.23 33.91 -10.40
C LEU B 1309 -20.98 32.65 -11.21
N ARG B 1310 -19.85 32.56 -11.90
CA ARG B 1310 -19.46 31.31 -12.54
C ARG B 1310 -19.20 30.24 -11.47
N PRO B 1311 -19.30 28.96 -11.83
CA PRO B 1311 -19.05 27.90 -10.85
C PRO B 1311 -17.67 28.03 -10.21
N CYS B 1312 -17.62 27.71 -8.92
CA CYS B 1312 -16.38 27.81 -8.15
C CYS B 1312 -15.28 26.96 -8.76
N HIS B 1313 -15.57 25.70 -9.04
CA HIS B 1313 -14.66 24.78 -9.72
C HIS B 1313 -15.29 24.48 -11.08
N GLY B 1314 -14.72 25.09 -12.13
CA GLY B 1314 -15.38 25.13 -13.43
C GLY B 1314 -14.50 24.74 -14.60
N ASP B 1315 -14.92 25.16 -15.79
CA ASP B 1315 -14.24 24.84 -17.04
C ASP B 1315 -13.46 26.04 -17.56
N TRP B 1316 -12.47 25.75 -18.41
CA TRP B 1316 -11.65 26.78 -19.01
C TRP B 1316 -12.44 27.52 -20.09
N VAL B 1317 -12.75 28.79 -19.82
CA VAL B 1317 -13.41 29.66 -20.77
C VAL B 1317 -12.45 30.70 -21.33
N GLU B 1318 -11.31 30.93 -20.67
CA GLU B 1318 -10.35 31.92 -21.14
C GLU B 1318 -9.67 31.43 -22.42
N ASP B 1319 -9.12 32.37 -23.16
CA ASP B 1319 -8.54 32.07 -24.46
C ASP B 1319 -7.22 31.34 -24.28
N GLY B 1320 -7.13 30.16 -24.87
CA GLY B 1320 -5.93 29.34 -24.74
C GLY B 1320 -6.29 27.88 -24.91
N ASP B 1321 -5.24 27.05 -24.83
CA ASP B 1321 -5.37 25.60 -24.92
C ASP B 1321 -4.76 25.04 -23.64
N LEU B 1322 -5.60 24.85 -22.63
CA LEU B 1322 -5.13 24.50 -21.30
C LEU B 1322 -4.44 23.13 -21.28
N SER B 1323 -4.62 22.32 -22.31
CA SER B 1323 -4.02 20.99 -22.36
C SER B 1323 -2.49 21.01 -22.35
N ALA B 1324 -1.87 22.16 -22.57
CA ALA B 1324 -0.42 22.24 -22.57
C ALA B 1324 0.20 21.88 -21.22
N LEU B 1325 -0.60 21.89 -20.14
CA LEU B 1325 -0.12 21.59 -18.80
C LEU B 1325 -0.67 20.27 -18.28
N ASN B 1326 -1.13 19.38 -19.18
CA ASN B 1326 -1.87 18.19 -18.77
C ASN B 1326 -1.05 17.26 -17.88
N ALA B 1327 0.28 17.33 -17.93
CA ALA B 1327 1.13 16.39 -17.20
C ALA B 1327 1.41 16.80 -15.76
N TYR B 1328 0.95 17.97 -15.31
CA TYR B 1328 1.46 18.57 -14.08
C TYR B 1328 0.33 18.92 -13.12
N PRO B 1329 0.59 18.87 -11.81
CA PRO B 1329 -0.50 19.01 -10.83
C PRO B 1329 -1.12 20.40 -10.76
N GLU B 1330 -0.37 21.45 -11.07
CA GLU B 1330 -0.89 22.82 -10.91
C GLU B 1330 -1.90 23.21 -11.98
N LYS B 1331 -2.15 22.36 -12.98
CA LYS B 1331 -3.19 22.64 -13.96
C LYS B 1331 -4.53 22.90 -13.29
N ARG B 1332 -4.82 22.17 -12.20
CA ARG B 1332 -6.08 22.35 -11.50
C ARG B 1332 -6.24 23.75 -10.94
N LEU B 1333 -5.15 24.46 -10.66
CA LEU B 1333 -5.25 25.80 -10.09
C LEU B 1333 -5.76 26.84 -11.09
N LEU B 1334 -5.67 26.56 -12.40
CA LEU B 1334 -6.26 27.45 -13.39
C LEU B 1334 -7.76 27.28 -13.52
N LEU B 1335 -8.35 26.28 -12.86
CA LEU B 1335 -9.77 25.99 -12.95
C LEU B 1335 -10.55 26.32 -11.69
N ARG B 1336 -9.94 27.02 -10.73
CA ARG B 1336 -10.54 27.27 -9.43
C ARG B 1336 -10.57 28.77 -9.15
N HIS B 1337 -11.60 29.22 -8.46
CA HIS B 1337 -11.76 30.64 -8.21
C HIS B 1337 -10.70 31.11 -7.21
N PRO B 1338 -10.13 32.31 -7.37
CA PRO B 1338 -9.02 32.71 -6.48
C PRO B 1338 -9.37 32.78 -5.00
N LYS B 1339 -10.65 32.96 -4.64
CA LYS B 1339 -11.07 33.15 -3.26
C LYS B 1339 -11.78 31.95 -2.65
N GLY B 1340 -11.82 30.81 -3.33
CA GLY B 1340 -12.32 29.59 -2.74
C GLY B 1340 -13.77 29.23 -3.03
N LEU B 1341 -14.46 28.69 -2.02
CA LEU B 1341 -15.78 28.09 -2.18
C LEU B 1341 -16.88 28.95 -1.57
N CYS B 1342 -17.96 29.13 -2.32
CA CYS B 1342 -19.13 29.86 -1.87
C CYS B 1342 -19.95 28.99 -0.91
N PRO B 1343 -21.00 29.54 -0.28
CA PRO B 1343 -21.72 28.77 0.74
C PRO B 1343 -22.31 27.46 0.22
N ALA B 1344 -22.96 27.47 -0.93
CA ALA B 1344 -23.60 26.26 -1.44
C ALA B 1344 -22.58 25.19 -1.81
N CYS B 1345 -21.40 25.59 -2.28
CA CYS B 1345 -20.34 24.61 -2.51
C CYS B 1345 -19.79 24.06 -1.20
N ARG B 1346 -19.67 24.90 -0.16
CA ARG B 1346 -19.25 24.43 1.15
C ARG B 1346 -20.24 23.47 1.78
N LEU B 1347 -21.54 23.66 1.52
CA LEU B 1347 -22.56 22.81 2.14
C LEU B 1347 -22.82 21.54 1.33
N PHE B 1348 -23.05 21.67 0.03
CA PHE B 1348 -23.42 20.54 -0.82
C PHE B 1348 -22.23 19.88 -1.50
N GLY B 1349 -21.04 20.49 -1.44
CA GLY B 1349 -19.81 19.85 -1.86
C GLY B 1349 -19.47 20.06 -3.32
N THR B 1350 -18.25 19.63 -3.67
CA THR B 1350 -17.74 19.67 -5.04
C THR B 1350 -16.95 18.40 -5.29
N GLY B 1351 -16.40 18.27 -6.49
CA GLY B 1351 -15.60 17.11 -6.83
C GLY B 1351 -14.36 16.92 -5.98
N SER B 1352 -13.85 18.00 -5.37
CA SER B 1352 -12.68 17.95 -4.53
C SER B 1352 -12.99 18.20 -3.06
N TYR B 1353 -14.26 18.28 -2.68
CA TYR B 1353 -14.64 18.51 -1.30
C TYR B 1353 -16.01 17.85 -1.05
N LYS B 1354 -16.02 16.87 -0.16
CA LYS B 1354 -17.25 16.14 0.14
C LYS B 1354 -18.27 17.05 0.81
N GLY B 1355 -19.54 16.79 0.53
CA GLY B 1355 -20.62 17.57 1.11
C GLY B 1355 -20.89 17.19 2.56
N ARG B 1356 -21.72 18.02 3.21
CA ARG B 1356 -21.99 17.92 4.64
C ARG B 1356 -23.46 17.66 4.97
N VAL B 1357 -24.29 17.35 3.97
CA VAL B 1357 -25.70 16.99 4.19
C VAL B 1357 -26.02 15.75 3.34
N ARG B 1358 -26.92 14.92 3.84
CA ARG B 1358 -27.37 13.71 3.16
C ARG B 1358 -28.89 13.70 3.08
N PHE B 1359 -29.44 13.42 1.89
CA PHE B 1359 -30.88 13.44 1.64
C PHE B 1359 -31.37 12.01 1.42
N GLY B 1360 -32.30 11.56 2.28
CA GLY B 1360 -32.86 10.24 2.17
C GLY B 1360 -34.12 10.17 1.33
N PHE B 1361 -34.49 8.95 0.95
CA PHE B 1361 -35.72 8.71 0.21
C PHE B 1361 -36.94 9.09 1.03
N ALA B 1362 -37.93 9.68 0.36
CA ALA B 1362 -39.23 9.95 0.97
C ALA B 1362 -40.20 8.82 0.63
N SER B 1363 -41.07 8.49 1.58
CA SER B 1363 -42.06 7.43 1.42
C SER B 1363 -43.46 7.96 1.72
N LEU B 1364 -44.42 7.55 0.91
CA LEU B 1364 -45.81 7.95 1.09
C LEU B 1364 -46.38 7.32 2.36
N GLU B 1365 -47.14 8.12 3.13
CA GLU B 1365 -47.59 7.69 4.44
C GLU B 1365 -48.93 6.96 4.40
N ASN B 1366 -49.83 7.36 3.51
CA ASN B 1366 -51.22 6.88 3.48
C ASN B 1366 -51.50 6.17 2.16
N ASP B 1367 -52.73 5.70 2.01
CA ASP B 1367 -53.16 5.16 0.73
C ASP B 1367 -53.11 6.25 -0.34
N PRO B 1368 -52.64 5.97 -1.55
CA PRO B 1368 -52.54 7.03 -2.55
C PRO B 1368 -53.89 7.64 -2.91
N GLU B 1369 -53.90 8.94 -3.18
CA GLU B 1369 -55.01 9.62 -3.84
C GLU B 1369 -54.56 10.00 -5.24
N TRP B 1370 -55.20 9.40 -6.25
CA TRP B 1370 -54.77 9.55 -7.62
C TRP B 1370 -55.51 10.68 -8.33
N LEU B 1371 -54.85 11.25 -9.33
CA LEU B 1371 -55.49 12.28 -10.16
C LEU B 1371 -56.64 11.70 -10.95
N ILE B 1372 -56.46 10.50 -11.50
CA ILE B 1372 -57.46 9.86 -12.36
C ILE B 1372 -57.70 8.44 -11.84
N PRO B 1373 -58.95 7.96 -11.76
CA PRO B 1373 -59.18 6.59 -11.27
C PRO B 1373 -58.53 5.54 -12.17
N GLY B 1374 -58.06 4.47 -11.54
CA GLY B 1374 -57.44 3.39 -12.29
C GLY B 1374 -58.44 2.63 -13.15
N LYS B 1375 -57.90 1.90 -14.12
CA LYS B 1375 -58.73 1.16 -15.06
C LYS B 1375 -59.55 0.08 -14.37
N ASN B 1376 -59.07 -0.44 -13.24
CA ASN B 1376 -59.78 -1.48 -12.49
C ASN B 1376 -60.23 -0.90 -11.16
N PRO B 1377 -61.53 -0.75 -10.86
CA PRO B 1377 -61.91 -0.19 -9.57
C PRO B 1377 -61.62 -1.09 -8.38
N GLY B 1378 -61.24 -2.35 -8.61
CA GLY B 1378 -60.88 -3.25 -7.53
C GLY B 1378 -59.50 -3.04 -6.96
N ASP B 1379 -58.71 -2.13 -7.53
CA ASP B 1379 -57.33 -1.91 -7.13
C ASP B 1379 -57.11 -0.43 -6.85
N PRO B 1380 -56.92 -0.01 -5.59
CA PRO B 1380 -56.68 1.41 -5.32
C PRO B 1380 -55.22 1.84 -5.37
N PHE B 1381 -54.28 0.92 -5.61
CA PHE B 1381 -52.86 1.22 -5.55
C PHE B 1381 -52.24 1.57 -6.90
N HIS B 1382 -53.05 1.70 -7.96
CA HIS B 1382 -52.57 2.18 -9.26
C HIS B 1382 -53.57 3.19 -9.82
N GLY B 1383 -53.03 4.29 -10.39
CA GLY B 1383 -53.85 5.34 -10.94
C GLY B 1383 -54.01 5.24 -12.44
N GLY B 1384 -54.82 6.15 -12.99
CA GLY B 1384 -55.08 6.20 -14.41
C GLY B 1384 -54.16 7.15 -15.15
N PRO B 1385 -54.09 7.01 -16.48
CA PRO B 1385 -53.16 7.83 -17.26
C PRO B 1385 -53.68 9.24 -17.51
N VAL B 1386 -52.74 10.19 -17.62
CA VAL B 1386 -52.99 11.52 -18.15
C VAL B 1386 -51.95 11.81 -19.21
N MET B 1387 -52.38 12.42 -20.32
CA MET B 1387 -51.52 12.71 -21.46
C MET B 1387 -51.08 14.18 -21.42
N LEU B 1388 -49.78 14.40 -21.46
CA LEU B 1388 -49.22 15.75 -21.46
C LEU B 1388 -49.02 16.25 -22.89
N SER B 1389 -49.07 17.57 -23.04
CA SER B 1389 -48.65 18.18 -24.30
C SER B 1389 -47.12 18.20 -24.38
N LEU B 1390 -46.62 18.61 -25.55
CA LEU B 1390 -45.21 18.50 -25.88
C LEU B 1390 -44.31 19.21 -24.87
N LEU B 1391 -43.24 18.53 -24.46
CA LEU B 1391 -42.18 19.10 -23.63
C LEU B 1391 -40.94 19.30 -24.49
N GLU B 1392 -40.54 20.56 -24.67
CA GLU B 1392 -39.43 20.91 -25.53
C GLU B 1392 -38.37 21.65 -24.73
N ARG B 1393 -37.16 21.73 -25.28
CA ARG B 1393 -36.03 22.21 -24.50
C ARG B 1393 -36.05 23.74 -24.37
N PRO B 1394 -35.58 24.29 -23.26
CA PRO B 1394 -35.49 25.76 -23.15
C PRO B 1394 -34.46 26.32 -24.12
N ARG B 1395 -34.73 27.52 -24.62
CA ARG B 1395 -33.84 28.20 -25.56
C ARG B 1395 -33.20 29.41 -24.91
N PRO B 1396 -31.89 29.41 -24.61
CA PRO B 1396 -31.28 30.64 -24.07
C PRO B 1396 -31.22 31.79 -25.07
N THR B 1397 -31.37 31.53 -26.36
CA THR B 1397 -31.37 32.62 -27.33
C THR B 1397 -32.54 33.57 -27.12
N TRP B 1398 -33.59 33.14 -26.44
CA TRP B 1398 -34.70 34.02 -26.13
C TRP B 1398 -34.36 34.96 -24.98
N SER B 1399 -33.69 34.44 -23.95
CA SER B 1399 -33.32 35.28 -22.81
C SER B 1399 -32.15 36.20 -23.13
N ILE B 1400 -31.30 35.80 -24.07
CA ILE B 1400 -30.12 36.58 -24.47
C ILE B 1400 -30.32 36.91 -25.94
N PRO B 1401 -30.94 38.05 -26.28
CA PRO B 1401 -31.43 38.24 -27.66
C PRO B 1401 -30.37 38.45 -28.73
N GLY B 1402 -29.10 38.68 -28.38
CA GLY B 1402 -28.16 38.99 -29.44
C GLY B 1402 -26.72 38.98 -28.98
N SER B 1403 -25.83 39.20 -29.94
CA SER B 1403 -24.40 39.17 -29.71
C SER B 1403 -23.86 40.41 -29.02
N ASP B 1404 -24.68 41.45 -28.89
CA ASP B 1404 -24.26 42.66 -28.19
C ASP B 1404 -23.82 42.31 -26.78
N ASN B 1405 -22.70 42.88 -26.35
CA ASN B 1405 -22.21 42.67 -24.99
C ASN B 1405 -23.16 43.23 -23.94
N LYS B 1406 -24.12 44.05 -24.35
CA LYS B 1406 -25.16 44.55 -23.47
C LYS B 1406 -25.91 43.42 -22.76
N PHE B 1407 -26.10 42.29 -23.42
CA PHE B 1407 -26.97 41.23 -22.92
C PHE B 1407 -26.18 40.27 -22.03
N LYS B 1408 -26.56 40.18 -20.77
CA LYS B 1408 -26.00 39.24 -19.81
C LYS B 1408 -26.87 37.99 -19.71
N VAL B 1409 -26.36 36.99 -19.00
CA VAL B 1409 -27.20 35.93 -18.43
C VAL B 1409 -28.14 36.62 -17.45
N PRO B 1410 -29.47 36.46 -17.55
CA PRO B 1410 -30.37 37.25 -16.70
C PRO B 1410 -30.50 36.78 -15.26
N GLY B 1411 -30.36 35.49 -14.97
CA GLY B 1411 -30.50 35.03 -13.60
C GLY B 1411 -30.90 33.56 -13.53
N ARG B 1412 -31.47 33.18 -12.38
CA ARG B 1412 -31.86 31.80 -12.10
C ARG B 1412 -33.34 31.60 -12.42
N LYS B 1413 -33.65 30.57 -13.22
CA LYS B 1413 -35.02 30.33 -13.63
C LYS B 1413 -35.83 29.68 -12.50
N PHE B 1414 -37.06 30.17 -12.31
CA PHE B 1414 -38.06 29.54 -11.45
C PHE B 1414 -39.41 29.52 -12.14
N TYR B 1415 -40.15 28.44 -11.95
CA TYR B 1415 -41.49 28.29 -12.52
C TYR B 1415 -42.54 28.66 -11.48
N VAL B 1416 -43.60 29.34 -11.94
CA VAL B 1416 -44.64 29.87 -11.06
C VAL B 1416 -45.71 28.83 -10.75
N HIS B 1417 -46.56 29.14 -9.77
CA HIS B 1417 -47.62 28.26 -9.32
C HIS B 1417 -48.94 28.66 -9.97
N HIS B 1418 -49.68 27.68 -10.47
CA HIS B 1418 -50.93 27.91 -11.18
C HIS B 1418 -51.60 26.56 -11.44
N HIS B 1419 -52.81 26.62 -11.99
CA HIS B 1419 -53.69 25.45 -12.11
C HIS B 1419 -53.98 25.06 -13.55
N ALA B 1420 -53.00 25.17 -14.45
CA ALA B 1420 -53.22 24.71 -15.83
C ALA B 1420 -53.37 23.18 -15.90
N TRP B 1421 -53.00 22.46 -14.85
CA TRP B 1421 -53.23 21.02 -14.80
C TRP B 1421 -54.71 20.65 -14.89
N LYS B 1422 -55.60 21.57 -14.52
CA LYS B 1422 -57.03 21.30 -14.70
C LYS B 1422 -57.39 21.18 -16.17
N THR B 1423 -56.82 22.04 -17.01
CA THR B 1423 -57.05 21.94 -18.45
C THR B 1423 -56.52 20.62 -19.01
N ILE B 1424 -55.33 20.22 -18.57
CA ILE B 1424 -54.73 18.98 -19.07
C ILE B 1424 -55.53 17.77 -18.61
N LYS B 1425 -56.04 17.81 -17.38
CA LYS B 1425 -56.89 16.72 -16.90
C LYS B 1425 -58.15 16.60 -17.75
N ASP B 1426 -58.64 17.72 -18.29
CA ASP B 1426 -59.76 17.70 -19.22
C ASP B 1426 -59.36 17.30 -20.63
N GLY B 1427 -58.08 17.06 -20.89
CA GLY B 1427 -57.63 16.59 -22.18
C GLY B 1427 -57.33 17.65 -23.20
N ASN B 1428 -57.13 18.90 -22.78
CA ASN B 1428 -57.02 20.03 -23.68
C ASN B 1428 -55.67 20.72 -23.51
N HIS B 1429 -55.23 21.37 -24.58
CA HIS B 1429 -53.92 22.00 -24.59
C HIS B 1429 -53.95 23.29 -23.76
N PRO B 1430 -52.92 23.54 -22.92
CA PRO B 1430 -53.00 24.72 -22.02
C PRO B 1430 -53.17 26.06 -22.72
N THR B 1431 -52.53 26.27 -23.87
CA THR B 1431 -52.65 27.55 -24.58
C THR B 1431 -53.86 27.59 -25.49
N THR B 1432 -53.95 26.65 -26.43
CA THR B 1432 -54.98 26.70 -27.46
C THR B 1432 -56.35 26.21 -26.98
N GLY B 1433 -56.38 25.30 -26.01
CA GLY B 1433 -57.62 24.66 -25.62
C GLY B 1433 -58.08 23.55 -26.54
N LYS B 1434 -57.33 23.27 -27.60
CA LYS B 1434 -57.65 22.14 -28.47
C LYS B 1434 -57.22 20.83 -27.83
N ALA B 1435 -57.86 19.74 -28.24
CA ALA B 1435 -57.58 18.44 -27.65
C ALA B 1435 -56.14 18.00 -27.94
N ILE B 1436 -55.49 17.45 -26.91
CA ILE B 1436 -54.14 16.93 -27.08
C ILE B 1436 -54.20 15.59 -27.79
N GLU B 1437 -53.19 15.33 -28.63
CA GLU B 1437 -53.13 14.14 -29.46
C GLU B 1437 -51.86 13.36 -29.15
N GLN B 1438 -51.94 12.04 -29.28
CA GLN B 1438 -50.73 11.22 -29.12
C GLN B 1438 -49.75 11.51 -30.24
N SER B 1439 -48.48 11.58 -29.86
CA SER B 1439 -47.37 11.74 -30.77
C SER B 1439 -46.21 10.91 -30.22
N PRO B 1440 -45.21 10.59 -31.05
CA PRO B 1440 -43.99 9.99 -30.50
C PRO B 1440 -43.23 10.90 -29.54
N ASN B 1441 -43.56 12.19 -29.47
CA ASN B 1441 -42.75 13.17 -28.75
C ASN B 1441 -43.34 13.62 -27.42
N ASN B 1442 -44.58 13.27 -27.11
CA ASN B 1442 -45.21 13.62 -25.85
C ASN B 1442 -45.43 12.38 -24.98
N ARG B 1443 -45.76 12.63 -23.71
CA ARG B 1443 -45.75 11.61 -22.65
C ARG B 1443 -47.14 11.41 -22.05
N THR B 1444 -47.38 10.20 -21.54
CA THR B 1444 -48.50 9.86 -20.69
C THR B 1444 -47.95 9.39 -19.35
N VAL B 1445 -48.55 9.85 -18.24
CA VAL B 1445 -47.99 9.60 -16.92
C VAL B 1445 -49.08 9.25 -15.92
N GLU B 1446 -48.66 8.58 -14.84
CA GLU B 1446 -49.50 8.30 -13.68
C GLU B 1446 -49.16 9.30 -12.59
N ALA B 1447 -50.11 10.16 -12.23
CA ALA B 1447 -49.87 11.30 -11.36
C ALA B 1447 -50.71 11.24 -10.09
N LEU B 1448 -50.08 11.57 -8.96
CA LEU B 1448 -50.77 11.74 -7.70
C LEU B 1448 -51.57 13.04 -7.70
N ALA B 1449 -52.58 13.09 -6.84
CA ALA B 1449 -53.37 14.29 -6.66
C ALA B 1449 -52.79 15.16 -5.55
N GLY B 1450 -53.42 16.31 -5.32
CA GLY B 1450 -53.09 17.10 -4.14
C GLY B 1450 -53.53 16.40 -2.86
N GLY B 1451 -52.87 16.77 -1.77
CA GLY B 1451 -53.20 16.24 -0.46
C GLY B 1451 -52.51 14.95 -0.06
N ASN B 1452 -51.59 14.44 -0.88
CA ASN B 1452 -50.79 13.28 -0.50
C ASN B 1452 -49.61 13.73 0.36
N SER B 1453 -49.23 12.88 1.32
CA SER B 1453 -48.23 13.24 2.32
C SER B 1453 -47.08 12.24 2.33
N PHE B 1454 -45.85 12.76 2.43
CA PHE B 1454 -44.63 11.97 2.48
C PHE B 1454 -43.82 12.36 3.69
N SER B 1455 -42.89 11.48 4.08
CA SER B 1455 -41.94 11.75 5.14
C SER B 1455 -40.54 11.35 4.71
N PHE B 1456 -39.55 12.14 5.14
CA PHE B 1456 -38.16 11.88 4.81
C PHE B 1456 -37.27 12.57 5.85
N GLU B 1457 -35.99 12.20 5.84
CA GLU B 1457 -35.02 12.67 6.83
C GLU B 1457 -33.78 13.21 6.14
N ILE B 1458 -33.20 14.25 6.74
CA ILE B 1458 -31.93 14.82 6.30
C ILE B 1458 -30.91 14.67 7.42
N ALA B 1459 -29.76 14.09 7.10
CA ALA B 1459 -28.63 14.02 8.02
C ALA B 1459 -27.64 15.13 7.72
N PHE B 1460 -27.05 15.73 8.76
CA PHE B 1460 -26.13 16.84 8.60
C PHE B 1460 -24.96 16.71 9.58
N GLU B 1461 -23.81 17.27 9.19
CA GLU B 1461 -22.56 17.08 9.90
C GLU B 1461 -21.71 18.34 9.83
N ASN B 1462 -21.23 18.80 10.99
CA ASN B 1462 -20.34 19.97 11.11
C ASN B 1462 -20.92 21.23 10.44
N LEU B 1463 -22.18 21.54 10.74
CA LEU B 1463 -22.75 22.80 10.29
C LEU B 1463 -22.57 23.89 11.34
N LYS B 1464 -22.43 25.13 10.86
CA LYS B 1464 -22.58 26.30 11.71
C LYS B 1464 -24.05 26.57 11.98
N GLU B 1465 -24.32 27.32 13.04
CA GLU B 1465 -25.71 27.61 13.41
C GLU B 1465 -26.43 28.39 12.31
N TRP B 1466 -25.74 29.36 11.69
CA TRP B 1466 -26.37 30.10 10.60
C TRP B 1466 -26.61 29.22 9.38
N GLU B 1467 -25.74 28.25 9.12
CA GLU B 1467 -25.97 27.31 8.03
C GLU B 1467 -27.21 26.47 8.29
N LEU B 1468 -27.35 25.93 9.50
CA LEU B 1468 -28.53 25.13 9.82
C LEU B 1468 -29.79 25.99 9.79
N GLY B 1469 -29.68 27.24 10.23
CA GLY B 1469 -30.82 28.15 10.17
C GLY B 1469 -31.29 28.40 8.75
N LEU B 1470 -30.35 28.70 7.85
CA LEU B 1470 -30.74 28.94 6.46
C LEU B 1470 -31.13 27.66 5.73
N LEU B 1471 -30.64 26.49 6.15
CA LEU B 1471 -31.12 25.26 5.57
C LEU B 1471 -32.58 24.99 5.98
N ILE B 1472 -32.90 25.22 7.25
CA ILE B 1472 -34.29 25.09 7.69
C ILE B 1472 -35.17 26.10 6.98
N HIS B 1473 -34.66 27.33 6.78
CA HIS B 1473 -35.41 28.34 6.05
C HIS B 1473 -35.64 27.92 4.60
N SER B 1474 -34.64 27.34 3.96
CA SER B 1474 -34.80 26.88 2.58
C SER B 1474 -35.72 25.68 2.48
N LEU B 1475 -35.84 24.89 3.55
CA LEU B 1475 -36.77 23.76 3.54
C LEU B 1475 -38.21 24.23 3.76
N GLN B 1476 -38.48 24.85 4.90
CA GLN B 1476 -39.86 25.14 5.28
C GLN B 1476 -40.43 26.37 4.61
N LEU B 1477 -39.59 27.30 4.16
CA LEU B 1477 -40.03 28.57 3.54
C LEU B 1477 -40.97 29.28 4.53
N GLU B 1478 -42.10 29.80 4.05
CA GLU B 1478 -43.04 30.53 4.89
C GLU B 1478 -44.45 30.09 4.51
N LYS B 1479 -45.39 30.36 5.39
CA LYS B 1479 -46.77 30.02 5.14
C LYS B 1479 -47.32 30.92 4.04
N GLY B 1480 -47.75 30.30 2.94
CA GLY B 1480 -48.07 31.01 1.71
C GLY B 1480 -47.07 30.82 0.59
N LEU B 1481 -45.98 30.08 0.81
CA LEU B 1481 -44.97 29.80 -0.19
C LEU B 1481 -44.88 28.29 -0.39
N ALA B 1482 -44.41 27.87 -1.56
CA ALA B 1482 -44.29 26.46 -1.89
C ALA B 1482 -43.07 26.21 -2.78
N HIS B 1483 -42.66 24.95 -2.84
CA HIS B 1483 -41.62 24.48 -3.74
C HIS B 1483 -42.24 23.91 -5.03
N LYS B 1484 -41.37 23.59 -5.99
CA LYS B 1484 -41.74 22.88 -7.21
C LYS B 1484 -40.93 21.59 -7.31
N LEU B 1485 -41.58 20.51 -7.75
CA LEU B 1485 -40.96 19.21 -7.82
C LEU B 1485 -41.50 18.43 -9.02
N GLY B 1486 -40.62 17.69 -9.68
CA GLY B 1486 -41.05 16.70 -10.65
C GLY B 1486 -41.24 17.24 -12.06
N MET B 1487 -41.91 16.41 -12.87
CA MET B 1487 -42.10 16.69 -14.29
C MET B 1487 -43.16 17.77 -14.51
N ALA B 1488 -42.99 18.50 -15.61
CA ALA B 1488 -44.02 19.40 -16.13
C ALA B 1488 -44.35 20.51 -15.15
N LYS B 1489 -43.31 21.17 -14.64
CA LYS B 1489 -43.52 22.28 -13.72
C LYS B 1489 -44.27 23.42 -14.39
N SER B 1490 -43.98 23.70 -15.66
CA SER B 1490 -44.60 24.82 -16.35
C SER B 1490 -46.09 24.60 -16.62
N MET B 1491 -46.57 23.36 -16.56
CA MET B 1491 -47.97 23.06 -16.76
C MET B 1491 -48.77 23.06 -15.46
N GLY B 1492 -48.16 23.45 -14.33
CA GLY B 1492 -48.85 23.55 -13.07
C GLY B 1492 -48.68 22.36 -12.14
N PHE B 1493 -47.97 21.33 -12.57
CA PHE B 1493 -47.74 20.18 -11.71
C PHE B 1493 -46.58 20.44 -10.75
N GLY B 1494 -46.67 19.80 -9.59
CA GLY B 1494 -45.52 19.65 -8.72
C GLY B 1494 -45.36 20.64 -7.58
N SER B 1495 -46.42 21.33 -7.19
CA SER B 1495 -46.34 22.22 -6.03
C SER B 1495 -46.39 21.41 -4.74
N VAL B 1496 -45.39 21.62 -3.88
CA VAL B 1496 -45.27 20.89 -2.61
C VAL B 1496 -44.85 21.85 -1.52
N GLU B 1497 -45.19 21.49 -0.28
CA GLU B 1497 -44.80 22.24 0.91
C GLU B 1497 -44.12 21.30 1.89
N ILE B 1498 -43.10 21.80 2.57
CA ILE B 1498 -42.31 21.02 3.53
C ILE B 1498 -42.49 21.62 4.92
N ASP B 1499 -42.63 20.75 5.92
CA ASP B 1499 -42.67 21.14 7.32
C ASP B 1499 -41.73 20.26 8.12
N VAL B 1500 -40.94 20.89 8.99
CA VAL B 1500 -40.06 20.15 9.90
C VAL B 1500 -40.91 19.53 11.00
N GLU B 1501 -40.70 18.23 11.23
CA GLU B 1501 -41.30 17.54 12.35
C GLU B 1501 -40.40 17.57 13.59
N SER B 1502 -39.09 17.47 13.41
CA SER B 1502 -38.20 17.17 14.51
C SER B 1502 -36.75 17.42 14.10
N VAL B 1503 -35.95 17.92 15.05
CA VAL B 1503 -34.50 18.02 14.90
C VAL B 1503 -33.86 17.34 16.11
N ARG B 1504 -32.91 16.44 15.84
CA ARG B 1504 -32.16 15.77 16.88
C ARG B 1504 -30.67 15.98 16.65
N LEU B 1505 -29.91 16.06 17.74
CA LEU B 1505 -28.52 16.47 17.73
C LEU B 1505 -27.66 15.45 18.44
N ARG B 1506 -26.47 15.22 17.90
CA ARG B 1506 -25.45 14.40 18.56
C ARG B 1506 -24.64 15.29 19.51
N LYS B 1507 -24.75 15.04 20.81
CA LYS B 1507 -23.85 15.71 21.74
C LYS B 1507 -22.49 15.04 21.75
N ASP B 1508 -22.47 13.72 21.82
CA ASP B 1508 -21.25 12.94 21.74
C ASP B 1508 -21.63 11.52 21.34
N TRP B 1509 -20.67 10.60 21.45
CA TRP B 1509 -20.87 9.24 20.97
C TRP B 1509 -22.00 8.50 21.68
N LYS B 1510 -22.35 8.85 22.92
CA LYS B 1510 -23.36 8.12 23.67
C LYS B 1510 -24.62 8.91 24.01
N GLN B 1511 -24.70 10.20 23.67
CA GLN B 1511 -25.89 10.99 23.96
C GLN B 1511 -26.35 11.78 22.73
N TRP B 1512 -27.61 11.59 22.36
CA TRP B 1512 -28.34 12.44 21.42
C TRP B 1512 -29.41 13.21 22.17
N ARG B 1513 -29.80 14.36 21.65
CA ARG B 1513 -30.72 15.25 22.35
C ARG B 1513 -31.65 15.95 21.36
N ASN B 1514 -32.81 16.34 21.87
CA ASN B 1514 -33.83 17.01 21.07
C ASN B 1514 -33.43 18.47 20.85
N GLY B 1515 -33.43 18.90 19.59
CA GLY B 1515 -33.06 20.24 19.19
C GLY B 1515 -34.19 21.17 18.83
N ASN B 1516 -35.45 20.75 19.03
CA ASN B 1516 -36.59 21.57 18.60
C ASN B 1516 -36.58 22.93 19.27
N SER B 1517 -36.07 23.02 20.50
CA SER B 1517 -36.12 24.28 21.24
C SER B 1517 -35.23 25.36 20.61
N GLU B 1518 -34.15 24.96 19.95
CA GLU B 1518 -33.14 25.91 19.46
C GLU B 1518 -33.39 26.39 18.03
N ILE B 1519 -34.48 25.96 17.39
CA ILE B 1519 -34.74 26.35 16.00
C ILE B 1519 -34.81 27.87 15.82
N PRO B 1520 -35.54 28.63 16.66
CA PRO B 1520 -35.57 30.08 16.47
C PRO B 1520 -34.21 30.75 16.53
N ASN B 1521 -33.34 30.26 17.42
CA ASN B 1521 -32.01 30.85 17.53
C ASN B 1521 -31.21 30.65 16.24
N TRP B 1522 -31.30 29.46 15.65
CA TRP B 1522 -30.62 29.21 14.38
C TRP B 1522 -31.17 30.09 13.27
N LEU B 1523 -32.50 30.25 13.21
CA LEU B 1523 -33.08 31.13 12.19
C LEU B 1523 -32.60 32.57 12.37
N GLY B 1524 -32.52 33.03 13.62
CA GLY B 1524 -32.04 34.37 13.88
C GLY B 1524 -30.62 34.57 13.41
N LYS B 1525 -29.74 33.62 13.73
CA LYS B 1525 -28.36 33.74 13.25
C LYS B 1525 -28.27 33.70 11.73
N GLY B 1526 -29.12 32.90 11.08
CA GLY B 1526 -29.12 32.89 9.61
C GLY B 1526 -29.44 34.25 9.02
N PHE B 1527 -30.51 34.88 9.52
CA PHE B 1527 -30.85 36.20 8.98
C PHE B 1527 -29.82 37.25 9.36
N ALA B 1528 -29.21 37.14 10.54
CA ALA B 1528 -28.13 38.05 10.89
C ALA B 1528 -26.95 37.90 9.93
N LYS B 1529 -26.62 36.66 9.53
CA LYS B 1529 -25.58 36.46 8.55
C LYS B 1529 -25.92 37.12 7.22
N LEU B 1530 -27.17 36.99 6.76
CA LEU B 1530 -27.53 37.66 5.51
C LEU B 1530 -27.41 39.18 5.64
N LYS B 1531 -27.78 39.74 6.79
CA LYS B 1531 -27.57 41.16 6.99
C LYS B 1531 -26.09 41.53 6.96
N GLU B 1532 -25.25 40.71 7.58
CA GLU B 1532 -23.82 40.98 7.58
C GLU B 1532 -23.27 41.02 6.17
N TRP B 1533 -23.70 40.09 5.32
CA TRP B 1533 -23.20 40.08 3.94
C TRP B 1533 -23.77 41.21 3.09
N PHE B 1534 -25.07 41.49 3.17
CA PHE B 1534 -25.73 42.33 2.17
C PHE B 1534 -26.41 43.59 2.69
N ARG B 1535 -26.45 43.81 4.01
CA ARG B 1535 -27.05 45.01 4.61
C ARG B 1535 -28.50 45.12 4.15
N ASP B 1536 -28.92 46.24 3.53
CA ASP B 1536 -30.33 46.44 3.23
C ASP B 1536 -30.73 45.81 1.89
N GLU B 1537 -29.78 45.68 0.97
CA GLU B 1537 -30.09 45.36 -0.43
C GLU B 1537 -30.29 43.86 -0.64
N LEU B 1538 -31.42 43.37 -0.10
CA LEU B 1538 -31.85 41.98 -0.21
C LEU B 1538 -32.97 41.77 -1.24
N ASP B 1539 -32.92 42.48 -2.37
CA ASP B 1539 -34.03 42.42 -3.33
C ASP B 1539 -34.18 41.04 -3.97
N PHE B 1540 -33.07 40.31 -4.13
CA PHE B 1540 -33.15 38.96 -4.68
C PHE B 1540 -34.00 38.05 -3.81
N ILE B 1541 -34.00 38.27 -2.49
CA ILE B 1541 -34.89 37.52 -1.62
C ILE B 1541 -36.34 37.82 -1.95
N GLU B 1542 -36.66 39.10 -2.16
CA GLU B 1542 -38.04 39.49 -2.43
C GLU B 1542 -38.52 38.88 -3.74
N ASN B 1543 -37.68 38.92 -4.77
CA ASN B 1543 -38.08 38.33 -6.05
C ASN B 1543 -38.25 36.82 -5.92
N LEU B 1544 -37.38 36.17 -5.15
CA LEU B 1544 -37.54 34.74 -4.92
C LEU B 1544 -38.88 34.46 -4.25
N LYS B 1545 -39.22 35.22 -3.21
CA LYS B 1545 -40.50 34.99 -2.54
C LYS B 1545 -41.67 35.20 -3.49
N LYS B 1546 -41.59 36.22 -4.35
CA LYS B 1546 -42.68 36.47 -5.27
C LYS B 1546 -42.84 35.33 -6.28
N LEU B 1547 -41.76 34.65 -6.64
CA LEU B 1547 -41.90 33.48 -7.50
C LEU B 1547 -42.28 32.20 -6.75
N LEU B 1548 -42.02 32.13 -5.44
CA LEU B 1548 -42.48 30.99 -4.64
C LEU B 1548 -43.91 31.14 -4.14
N TRP B 1549 -44.50 32.32 -4.26
CA TRP B 1549 -45.85 32.59 -3.80
C TRP B 1549 -46.87 31.65 -4.43
N PHE B 1550 -47.76 31.06 -3.58
CA PHE B 1550 -48.80 30.16 -4.05
C PHE B 1550 -50.14 30.89 -4.11
N PRO B 1551 -50.89 30.84 -5.22
CA PRO B 1551 -52.12 31.63 -5.30
C PRO B 1551 -53.19 31.06 -4.39
N GLU B 1552 -53.80 31.94 -3.58
CA GLU B 1552 -54.80 31.53 -2.60
C GLU B 1552 -55.91 32.56 -2.57
N GLY B 1553 -57.08 32.13 -2.10
CA GLY B 1553 -58.27 32.96 -2.16
C GLY B 1553 -59.04 32.81 -3.44
N ASP B 1554 -59.09 31.61 -4.00
CA ASP B 1554 -59.79 31.33 -5.26
C ASP B 1554 -59.21 32.09 -6.43
N GLN B 1555 -57.96 32.55 -6.32
CA GLN B 1555 -57.28 33.20 -7.42
C GLN B 1555 -56.91 32.18 -8.49
N ALA B 1556 -56.95 32.61 -9.76
CA ALA B 1556 -56.79 31.71 -10.89
C ALA B 1556 -56.01 32.40 -12.01
N PRO B 1557 -54.70 32.57 -11.83
CA PRO B 1557 -53.87 33.11 -12.92
C PRO B 1557 -53.90 32.19 -14.13
N ARG B 1558 -53.93 32.79 -15.32
CA ARG B 1558 -53.74 32.04 -16.57
C ARG B 1558 -52.29 32.13 -17.00
N VAL B 1559 -51.64 30.99 -17.12
CA VAL B 1559 -50.21 30.90 -17.35
C VAL B 1559 -49.96 29.93 -18.51
N CYS B 1560 -49.27 30.40 -19.55
CA CYS B 1560 -48.97 29.54 -20.69
C CYS B 1560 -47.96 30.23 -21.60
N TYR B 1561 -47.34 29.42 -22.47
CA TYR B 1561 -46.47 29.95 -23.50
C TYR B 1561 -47.28 30.46 -24.70
N PRO B 1562 -46.81 31.52 -25.39
CA PRO B 1562 -47.47 31.93 -26.64
C PRO B 1562 -47.37 30.89 -27.73
N MET B 1563 -48.30 30.92 -28.68
CA MET B 1563 -48.12 30.21 -29.93
C MET B 1563 -47.05 30.91 -30.77
N LEU B 1564 -46.66 30.23 -31.86
CA LEU B 1564 -45.63 30.78 -32.73
C LEU B 1564 -46.14 32.02 -33.47
N ARG B 1565 -47.41 31.99 -33.91
CA ARG B 1565 -48.06 33.15 -34.51
C ARG B 1565 -49.51 33.19 -34.06
N LYS B 1566 -50.08 34.40 -34.01
CA LYS B 1566 -51.42 34.56 -33.43
C LYS B 1566 -52.48 33.82 -34.24
N LYS B 1567 -52.23 33.58 -35.53
CA LYS B 1567 -53.15 32.78 -36.32
C LYS B 1567 -53.29 31.37 -35.79
N ASP B 1568 -52.29 30.88 -35.06
CA ASP B 1568 -52.36 29.56 -34.48
C ASP B 1568 -53.15 29.53 -33.16
N ASP B 1569 -53.56 30.67 -32.63
CA ASP B 1569 -54.19 30.74 -31.32
C ASP B 1569 -55.66 31.14 -31.44
N PRO B 1570 -56.62 30.24 -31.23
CA PRO B 1570 -58.07 30.66 -31.24
C PRO B 1570 -58.52 31.53 -30.08
N ASN B 1571 -57.66 31.83 -29.10
CA ASN B 1571 -57.96 32.85 -28.11
C ASN B 1571 -57.59 34.26 -28.58
N GLY B 1572 -56.76 34.38 -29.61
CA GLY B 1572 -56.50 35.68 -30.22
C GLY B 1572 -55.40 36.51 -29.59
N ASN B 1573 -54.50 35.90 -28.82
CA ASN B 1573 -53.34 36.62 -28.30
C ASN B 1573 -52.15 36.50 -29.25
N SER B 1574 -51.21 37.42 -29.09
CA SER B 1574 -50.02 37.45 -29.92
C SER B 1574 -49.17 36.20 -29.72
N GLY B 1575 -48.47 35.81 -30.78
CA GLY B 1575 -47.46 34.77 -30.68
C GLY B 1575 -46.07 35.33 -30.49
N TYR B 1576 -45.09 34.43 -30.45
CA TYR B 1576 -43.69 34.84 -30.36
C TYR B 1576 -43.30 35.77 -31.51
N GLU B 1577 -43.79 35.49 -32.72
CA GLU B 1577 -43.36 36.28 -33.87
C GLU B 1577 -43.92 37.69 -33.82
N GLU B 1578 -45.06 37.88 -33.15
CA GLU B 1578 -45.60 39.21 -32.90
C GLU B 1578 -45.02 39.84 -31.65
N LEU B 1579 -44.77 39.03 -30.61
CA LEU B 1579 -44.27 39.58 -29.34
C LEU B 1579 -42.86 40.12 -29.47
N LYS B 1580 -42.04 39.48 -30.31
CA LYS B 1580 -40.62 39.79 -30.39
C LYS B 1580 -40.33 41.19 -30.89
N ASP B 1581 -41.32 41.89 -31.46
CA ASP B 1581 -41.17 43.31 -31.78
C ASP B 1581 -42.29 44.16 -31.19
N GLY B 1582 -42.99 43.66 -30.18
CA GLY B 1582 -43.97 44.42 -29.42
C GLY B 1582 -43.55 44.57 -27.98
N GLU B 1583 -44.14 43.77 -27.09
CA GLU B 1583 -43.80 43.87 -25.67
C GLU B 1583 -42.40 43.31 -25.37
N PHE B 1584 -42.06 42.16 -25.94
CA PHE B 1584 -40.78 41.51 -25.69
C PHE B 1584 -39.74 41.87 -26.73
N LYS B 1585 -39.77 43.11 -27.20
CA LYS B 1585 -38.73 43.62 -28.07
C LYS B 1585 -37.38 43.60 -27.36
N LYS B 1586 -36.31 43.48 -28.15
CA LYS B 1586 -34.99 43.12 -27.62
C LYS B 1586 -34.53 44.05 -26.50
N GLU B 1587 -34.75 45.36 -26.64
CA GLU B 1587 -34.27 46.28 -25.63
C GLU B 1587 -35.10 46.22 -24.34
N ASP B 1588 -36.27 45.59 -24.38
CA ASP B 1588 -37.17 45.50 -23.25
C ASP B 1588 -37.27 44.10 -22.64
N ARG B 1589 -36.70 43.09 -23.28
CA ARG B 1589 -37.01 41.71 -22.93
C ARG B 1589 -36.42 41.29 -21.60
N GLN B 1590 -35.14 41.62 -21.36
CA GLN B 1590 -34.50 41.15 -20.14
C GLN B 1590 -35.09 41.78 -18.88
N LYS B 1591 -35.66 42.98 -19.00
CA LYS B 1591 -36.32 43.59 -17.84
C LYS B 1591 -37.63 42.89 -17.53
N LYS B 1592 -38.44 42.61 -18.57
CA LYS B 1592 -39.71 41.95 -18.35
C LYS B 1592 -39.53 40.51 -17.86
N LEU B 1593 -38.52 39.80 -18.36
CA LEU B 1593 -38.32 38.42 -17.94
C LEU B 1593 -37.79 38.33 -16.51
N THR B 1594 -37.10 39.36 -16.03
CA THR B 1594 -36.56 39.39 -14.67
C THR B 1594 -37.46 40.10 -13.68
N THR B 1595 -38.72 40.38 -14.05
CA THR B 1595 -39.68 41.01 -13.16
C THR B 1595 -40.82 40.03 -12.87
N PRO B 1596 -40.92 39.45 -11.68
CA PRO B 1596 -41.89 38.37 -11.43
C PRO B 1596 -43.33 38.75 -11.80
N TRP B 1597 -44.03 37.81 -12.40
CA TRP B 1597 -45.44 37.98 -12.75
C TRP B 1597 -45.69 39.19 -13.65
N THR B 1598 -44.79 39.41 -14.61
CA THR B 1598 -45.05 40.38 -15.66
C THR B 1598 -45.92 39.72 -16.74
N PRO B 1599 -47.08 40.29 -17.10
CA PRO B 1599 -47.92 39.66 -18.11
C PRO B 1599 -47.41 39.91 -19.53
N TRP B 1600 -47.66 38.93 -20.41
CA TRP B 1600 -47.34 39.07 -21.82
C TRP B 1600 -48.57 39.28 -22.70
N ALA B 1601 -49.77 39.08 -22.17
CA ALA B 1601 -50.98 39.42 -22.91
C ALA B 1601 -52.11 39.80 -21.96
N SER C 2 0.72 26.50 5.84
CA SER C 2 1.81 26.87 4.87
C SER C 2 1.23 27.70 3.72
N ASN C 3 0.11 27.24 3.17
CA ASN C 3 -0.52 27.87 2.02
C ASN C 3 0.46 27.92 0.85
N PRO C 4 0.78 26.79 0.22
CA PRO C 4 1.74 26.81 -0.89
C PRO C 4 1.19 27.42 -2.18
N ILE C 5 -0.13 27.47 -2.35
CA ILE C 5 -0.70 28.09 -3.54
C ILE C 5 -0.35 29.58 -3.58
N ARG C 6 -0.41 30.23 -2.42
CA ARG C 6 -0.05 31.64 -2.34
C ARG C 6 1.41 31.88 -2.69
N ASP C 7 2.28 30.96 -2.30
CA ASP C 7 3.70 31.09 -2.65
C ASP C 7 3.90 31.04 -4.17
N ILE C 8 3.12 30.20 -4.85
CA ILE C 8 3.23 30.12 -6.31
C ILE C 8 2.81 31.43 -6.96
N GLN C 9 1.78 32.09 -6.39
CA GLN C 9 1.38 33.39 -6.89
C GLN C 9 2.50 34.42 -6.76
N ASP C 10 3.17 34.44 -5.61
CA ASP C 10 4.21 35.44 -5.38
C ASP C 10 5.38 35.24 -6.34
N ARG C 11 5.80 34.00 -6.53
CA ARG C 11 6.88 33.70 -7.46
C ARG C 11 6.49 34.07 -8.89
N LEU C 12 5.26 33.75 -9.30
CA LEU C 12 4.83 34.06 -10.66
C LEU C 12 4.76 35.56 -10.92
N LYS C 13 4.56 36.37 -9.87
CA LYS C 13 4.63 37.81 -10.04
C LYS C 13 6.06 38.26 -10.38
N THR C 14 7.04 37.74 -9.65
CA THR C 14 8.41 38.23 -9.75
C THR C 14 9.15 37.65 -10.94
N ALA C 15 8.87 36.40 -11.30
CA ALA C 15 9.82 35.60 -12.06
C ALA C 15 10.04 36.12 -13.48
N LYS C 16 11.30 36.11 -13.89
CA LYS C 16 11.71 36.23 -15.29
C LYS C 16 12.64 35.07 -15.64
N PHE C 17 12.52 34.59 -16.87
CA PHE C 17 13.06 33.29 -17.27
C PHE C 17 14.56 33.30 -17.56
N ASP C 18 15.20 34.46 -17.61
CA ASP C 18 16.65 34.51 -17.75
C ASP C 18 17.39 34.41 -16.43
N ASN C 19 16.68 34.50 -15.30
CA ASN C 19 17.29 34.74 -14.00
C ASN C 19 17.28 33.44 -13.20
N LYS C 20 18.46 33.00 -12.75
CA LYS C 20 18.58 31.74 -12.01
C LYS C 20 17.73 31.75 -10.74
N ASP C 21 17.82 32.81 -9.94
CA ASP C 21 17.14 32.79 -8.65
C ASP C 21 15.62 32.72 -8.82
N ASP C 22 15.08 33.39 -9.84
CA ASP C 22 13.64 33.33 -10.08
C ASP C 22 13.17 31.91 -10.36
N MET C 23 13.87 31.22 -11.26
CA MET C 23 13.45 29.87 -11.63
C MET C 23 13.71 28.88 -10.50
N MET C 24 14.81 29.07 -9.76
CA MET C 24 15.06 28.27 -8.57
C MET C 24 13.89 28.37 -7.60
N ASN C 25 13.45 29.59 -7.33
CA ASN C 25 12.35 29.77 -6.38
C ASN C 25 11.05 29.18 -6.91
N LEU C 26 10.75 29.40 -8.19
CA LEU C 26 9.52 28.88 -8.77
C LEU C 26 9.47 27.36 -8.73
N ALA C 27 10.57 26.72 -9.16
CA ALA C 27 10.66 25.26 -9.09
C ALA C 27 10.47 24.76 -7.67
N SER C 28 11.11 25.42 -6.70
CA SER C 28 10.97 25.01 -5.31
C SER C 28 9.52 25.07 -4.85
N SER C 29 8.84 26.17 -5.17
CA SER C 29 7.45 26.34 -4.72
C SER C 29 6.54 25.30 -5.35
N LEU C 30 6.70 25.05 -6.66
CA LEU C 30 5.85 24.06 -7.31
C LEU C 30 6.09 22.67 -6.76
N TYR C 31 7.35 22.34 -6.48
CA TYR C 31 7.64 21.03 -5.90
C TYR C 31 7.00 20.90 -4.52
N LYS C 32 7.07 21.94 -3.70
CA LYS C 32 6.45 21.87 -2.38
C LYS C 32 4.94 21.71 -2.47
N TYR C 33 4.31 22.38 -3.43
CA TYR C 33 2.88 22.16 -3.66
C TYR C 33 2.57 20.71 -3.96
N GLU C 34 3.31 20.12 -4.91
CA GLU C 34 3.07 18.72 -5.26
C GLU C 34 3.30 17.81 -4.05
N LYS C 35 4.36 18.08 -3.28
CA LYS C 35 4.65 17.29 -2.10
C LYS C 35 3.48 17.30 -1.12
N GLN C 36 2.93 18.48 -0.86
CA GLN C 36 1.80 18.55 0.05
C GLN C 36 0.59 17.80 -0.48
N LEU C 37 0.37 17.82 -1.80
CA LEU C 37 -0.70 16.98 -2.33
C LEU C 37 -0.45 15.50 -2.08
N MET C 38 0.77 15.02 -2.39
CA MET C 38 1.06 13.60 -2.19
C MET C 38 0.98 13.19 -0.73
N ASP C 39 1.19 14.12 0.20
CA ASP C 39 1.16 13.76 1.62
C ASP C 39 -0.25 13.74 2.22
N SER C 40 -1.27 14.18 1.47
CA SER C 40 -2.61 14.37 2.05
C SER C 40 -2.56 15.29 3.26
N SER C 41 -1.71 16.31 3.18
CA SER C 41 -1.52 17.23 4.28
C SER C 41 -2.79 18.03 4.54
N GLU C 42 -2.82 18.70 5.69
CA GLU C 42 -3.90 19.63 5.97
C GLU C 42 -3.95 20.78 4.99
N ALA C 43 -2.84 21.07 4.30
CA ALA C 43 -2.84 22.09 3.26
C ALA C 43 -3.71 21.71 2.07
N THR C 44 -4.12 20.46 1.96
CA THR C 44 -5.02 20.05 0.88
C THR C 44 -6.43 20.62 1.02
N LEU C 45 -6.79 21.19 2.17
CA LEU C 45 -8.07 21.87 2.31
C LEU C 45 -8.14 23.20 1.55
N CYS C 46 -7.02 23.72 1.06
CA CYS C 46 -7.07 24.93 0.26
C CYS C 46 -7.75 24.65 -1.06
N GLN C 47 -8.91 25.29 -1.28
CA GLN C 47 -9.69 25.12 -2.50
C GLN C 47 -9.49 26.25 -3.49
N GLN C 48 -8.80 27.31 -3.08
CA GLN C 48 -8.51 28.47 -3.94
C GLN C 48 -7.68 28.07 -5.16
N GLY C 49 -7.75 28.92 -6.19
CA GLY C 49 -6.93 28.81 -7.36
C GLY C 49 -6.04 30.02 -7.58
N LEU C 50 -5.46 30.09 -8.78
CA LEU C 50 -4.59 31.20 -9.17
C LEU C 50 -5.37 32.30 -9.87
N SER C 51 -4.99 33.55 -9.59
CA SER C 51 -5.62 34.71 -10.20
C SER C 51 -4.86 35.16 -11.45
N ASN C 52 -5.50 36.03 -12.23
CA ASN C 52 -4.99 36.46 -13.54
C ASN C 52 -4.69 35.25 -14.41
N ARG C 53 -5.76 34.51 -14.72
CA ARG C 53 -5.64 33.20 -15.38
C ARG C 53 -4.83 33.21 -16.68
N PRO C 54 -5.05 34.13 -17.63
CA PRO C 54 -4.23 34.06 -18.85
C PRO C 54 -2.76 34.31 -18.61
N ASN C 55 -2.42 35.27 -17.73
CA ASN C 55 -1.02 35.53 -17.41
C ASN C 55 -0.40 34.33 -16.71
N SER C 56 -1.09 33.80 -15.69
CA SER C 56 -0.57 32.65 -14.96
C SER C 56 -0.38 31.46 -15.88
N PHE C 57 -1.34 31.23 -16.77
CA PHE C 57 -1.21 30.14 -17.73
C PHE C 57 0.00 30.34 -18.63
N SER C 58 0.19 31.56 -19.14
CA SER C 58 1.34 31.80 -20.02
C SER C 58 2.65 31.57 -19.28
N GLN C 59 2.75 32.06 -18.05
CA GLN C 59 4.00 31.92 -17.31
C GLN C 59 4.28 30.47 -16.94
N LEU C 60 3.25 29.74 -16.48
CA LEU C 60 3.44 28.32 -16.18
C LEU C 60 3.78 27.53 -17.43
N SER C 61 3.11 27.83 -18.55
CA SER C 61 3.39 27.13 -19.80
C SER C 61 4.81 27.40 -20.26
N GLN C 62 5.34 28.60 -19.98
CA GLN C 62 6.72 28.89 -20.34
C GLN C 62 7.70 28.18 -19.40
N PHE C 63 7.40 28.17 -18.09
CA PHE C 63 8.26 27.46 -17.15
C PHE C 63 8.37 25.99 -17.49
N ARG C 64 7.25 25.35 -17.79
CA ARG C 64 7.25 23.91 -17.99
C ARG C 64 7.83 23.48 -19.34
N ASP C 65 8.45 24.41 -20.06
CA ASP C 65 9.37 24.05 -21.13
C ASP C 65 10.42 23.08 -20.58
N SER C 66 10.75 22.07 -21.37
CA SER C 66 11.58 20.98 -20.87
C SER C 66 12.94 21.46 -20.39
N ASP C 67 13.58 22.35 -21.16
CA ASP C 67 14.92 22.80 -20.82
C ASP C 67 14.92 23.74 -19.63
N ILE C 68 13.89 24.59 -19.51
CA ILE C 68 13.83 25.55 -18.42
C ILE C 68 13.73 24.81 -17.08
N GLN C 69 12.76 23.90 -16.97
CA GLN C 69 12.54 23.21 -15.70
C GLN C 69 13.68 22.25 -15.39
N SER C 70 14.19 21.55 -16.41
CA SER C 70 15.30 20.64 -16.16
C SER C 70 16.57 21.40 -15.80
N LYS C 71 16.76 22.60 -16.35
CA LYS C 71 17.83 23.46 -15.90
C LYS C 71 17.66 23.85 -14.44
N ALA C 72 16.45 24.29 -14.08
CA ALA C 72 16.20 24.74 -12.71
C ALA C 72 16.37 23.60 -11.70
N GLY C 73 16.12 22.36 -12.12
CA GLY C 73 16.21 21.23 -11.22
C GLY C 73 17.58 21.06 -10.59
N GLY C 74 18.60 21.02 -11.44
CA GLY C 74 19.96 20.87 -10.94
C GLY C 74 20.37 21.99 -10.01
N GLN C 75 20.00 23.23 -10.36
CA GLN C 75 20.39 24.37 -9.53
C GLN C 75 19.70 24.31 -8.17
N THR C 76 18.41 23.96 -8.14
CA THR C 76 17.71 23.81 -6.87
C THR C 76 18.34 22.70 -6.04
N GLY C 77 18.67 21.57 -6.67
CA GLY C 77 19.30 20.49 -5.94
C GLY C 77 20.64 20.89 -5.34
N LYS C 78 21.46 21.58 -6.14
CA LYS C 78 22.75 22.04 -5.63
C LYS C 78 22.58 23.03 -4.49
N PHE C 79 21.61 23.94 -4.60
CA PHE C 79 21.40 24.91 -3.54
C PHE C 79 20.97 24.23 -2.25
N TRP C 80 20.06 23.26 -2.33
CA TRP C 80 19.67 22.52 -1.13
C TRP C 80 20.86 21.72 -0.58
N GLN C 81 21.67 21.12 -1.45
CA GLN C 81 22.80 20.33 -0.98
C GLN C 81 23.80 21.22 -0.26
N ASN C 82 24.02 22.44 -0.78
CA ASN C 82 24.88 23.40 -0.09
C ASN C 82 24.32 23.75 1.28
N GLU C 83 23.04 24.10 1.35
CA GLU C 83 22.49 24.56 2.62
C GLU C 83 22.45 23.42 3.65
N TYR C 84 22.27 22.18 3.20
CA TYR C 84 22.40 21.04 4.11
C TYR C 84 23.80 20.99 4.71
N GLU C 85 24.82 21.01 3.87
CA GLU C 85 26.19 20.86 4.36
C GLU C 85 26.63 22.03 5.22
N ALA C 86 25.88 23.14 5.20
CA ALA C 86 26.10 24.24 6.13
C ALA C 86 25.47 23.93 7.49
N CYS C 87 24.18 23.64 7.51
CA CYS C 87 23.42 23.46 8.75
C CYS C 87 23.41 22.03 9.26
N LYS C 88 24.20 21.14 8.65
CA LYS C 88 24.23 19.73 9.02
C LYS C 88 24.44 19.48 10.51
N ASN C 89 25.29 20.26 11.17
CA ASN C 89 25.62 20.04 12.57
C ASN C 89 24.75 20.83 13.54
N PHE C 90 23.76 21.59 13.05
CA PHE C 90 22.69 22.12 13.89
C PHE C 90 21.45 21.25 13.89
N GLN C 91 21.31 20.36 12.91
CA GLN C 91 20.12 19.54 12.77
C GLN C 91 20.19 18.30 13.65
N THR C 92 19.02 17.78 14.01
CA THR C 92 18.90 16.45 14.59
C THR C 92 18.94 15.40 13.48
N HIS C 93 19.01 14.13 13.88
CA HIS C 93 19.11 13.04 12.90
C HIS C 93 17.86 12.98 12.02
N LYS C 94 16.68 13.08 12.61
CA LYS C 94 15.44 12.94 11.83
C LYS C 94 15.37 13.98 10.72
N GLU C 95 15.72 15.22 11.02
CA GLU C 95 15.59 16.28 10.04
C GLU C 95 16.76 16.34 9.08
N ARG C 96 17.96 15.91 9.48
CA ARG C 96 19.02 15.64 8.49
C ARG C 96 18.52 14.62 7.47
N ARG C 97 17.94 13.53 7.96
CA ARG C 97 17.42 12.48 7.08
C ARG C 97 16.36 13.02 6.14
N GLU C 98 15.40 13.79 6.66
CA GLU C 98 14.35 14.31 5.81
C GLU C 98 14.91 15.26 4.75
N THR C 99 15.86 16.12 5.12
CA THR C 99 16.49 17.01 4.14
C THR C 99 17.13 16.22 3.01
N LEU C 100 17.97 15.24 3.35
CA LEU C 100 18.66 14.51 2.30
C LEU C 100 17.69 13.72 1.43
N GLU C 101 16.67 13.11 2.03
CA GLU C 101 15.73 12.33 1.23
C GLU C 101 14.86 13.23 0.37
N GLN C 102 14.57 14.45 0.81
CA GLN C 102 13.91 15.41 -0.07
C GLN C 102 14.76 15.71 -1.28
N ILE C 103 16.06 15.97 -1.07
CA ILE C 103 16.95 16.22 -2.21
C ILE C 103 16.93 15.04 -3.18
N ILE C 104 17.04 13.82 -2.65
CA ILE C 104 17.11 12.65 -3.51
C ILE C 104 15.82 12.49 -4.30
N ARG C 105 14.68 12.61 -3.63
CA ARG C 105 13.41 12.42 -4.33
C ARG C 105 13.19 13.51 -5.37
N PHE C 106 13.61 14.74 -5.07
CA PHE C 106 13.48 15.81 -6.05
C PHE C 106 14.32 15.53 -7.29
N LEU C 107 15.57 15.11 -7.12
CA LEU C 107 16.42 14.92 -8.29
C LEU C 107 16.12 13.63 -9.04
N GLN C 108 15.54 12.63 -8.37
CA GLN C 108 15.01 11.46 -9.08
C GLN C 108 13.59 11.74 -9.55
N ASP C 117 22.47 15.22 -17.30
CA ASP C 117 23.17 16.43 -16.89
C ASP C 117 24.14 16.10 -15.74
N ASP C 118 25.39 16.53 -15.89
CA ASP C 118 26.41 16.15 -14.92
C ASP C 118 26.17 16.83 -13.57
N LEU C 119 25.61 18.04 -13.58
CA LEU C 119 25.37 18.72 -12.31
C LEU C 119 24.37 17.94 -11.46
N LEU C 120 23.29 17.47 -12.09
CA LEU C 120 22.30 16.66 -11.39
C LEU C 120 22.92 15.37 -10.86
N LEU C 121 23.68 14.66 -11.71
CA LEU C 121 24.26 13.38 -11.28
C LEU C 121 25.25 13.57 -10.15
N LYS C 122 26.09 14.60 -10.24
CA LYS C 122 27.05 14.87 -9.17
C LYS C 122 26.33 15.20 -7.86
N THR C 123 25.29 16.04 -7.94
CA THR C 123 24.55 16.39 -6.73
C THR C 123 23.89 15.15 -6.12
N LEU C 124 23.31 14.31 -6.96
CA LEU C 124 22.62 13.11 -6.47
C LEU C 124 23.61 12.14 -5.85
N ALA C 125 24.79 11.99 -6.46
CA ALA C 125 25.83 11.14 -5.87
C ALA C 125 26.25 11.65 -4.51
N ARG C 126 26.47 12.96 -4.39
CA ARG C 126 26.86 13.52 -3.10
C ARG C 126 25.75 13.36 -2.06
N ALA C 127 24.50 13.51 -2.49
CA ALA C 127 23.37 13.32 -1.56
C ALA C 127 23.31 11.89 -1.06
N TYR C 128 23.48 10.91 -1.95
CA TYR C 128 23.51 9.52 -1.51
C TYR C 128 24.70 9.24 -0.60
N PHE C 129 25.86 9.82 -0.91
CA PHE C 129 27.00 9.65 -0.01
C PHE C 129 26.69 10.16 1.39
N HIS C 130 26.07 11.33 1.48
CA HIS C 130 25.77 11.89 2.80
C HIS C 130 24.65 11.14 3.50
N ARG C 131 23.69 10.59 2.75
CA ARG C 131 22.65 9.77 3.39
C ARG C 131 23.25 8.52 4.02
N GLY C 132 24.23 7.91 3.34
CA GLY C 132 24.87 6.73 3.90
C GLY C 132 25.65 7.01 5.18
N LEU C 133 26.27 8.19 5.28
CA LEU C 133 27.07 8.52 6.44
C LEU C 133 26.26 8.54 7.73
N LEU C 134 24.94 8.73 7.65
CA LEU C 134 24.14 8.77 8.87
C LEU C 134 24.10 7.43 9.59
N TYR C 135 24.14 6.32 8.85
CA TYR C 135 24.09 5.00 9.46
C TYR C 135 25.40 4.73 10.21
N ARG C 136 25.28 4.23 11.43
CA ARG C 136 26.40 3.87 12.28
C ARG C 136 26.35 2.39 12.65
N PRO C 137 27.47 1.68 12.66
CA PRO C 137 27.43 0.27 13.11
C PRO C 137 26.99 0.16 14.57
N LYS C 138 26.29 -0.92 14.86
CA LYS C 138 25.85 -1.25 16.22
C LYS C 138 26.26 -2.67 16.52
N GLY C 139 26.94 -2.87 17.64
CA GLY C 139 27.59 -4.14 17.87
C GLY C 139 28.60 -4.39 16.78
N PHE C 140 28.84 -5.68 16.51
CA PHE C 140 29.68 -6.08 15.38
C PHE C 140 28.86 -6.37 14.13
N SER C 141 28.04 -5.40 13.72
CA SER C 141 27.20 -5.53 12.54
C SER C 141 27.04 -4.15 11.90
N VAL C 142 27.09 -4.10 10.58
CA VAL C 142 26.90 -2.87 9.83
C VAL C 142 25.51 -2.89 9.18
N PRO C 143 24.78 -1.78 9.14
CA PRO C 143 23.51 -1.78 8.42
C PRO C 143 23.73 -2.01 6.93
N ALA C 144 22.82 -2.77 6.32
CA ALA C 144 22.90 -3.04 4.89
C ALA C 144 22.69 -1.76 4.06
N ARG C 145 21.84 -0.85 4.54
CA ARG C 145 21.51 0.33 3.74
C ARG C 145 22.71 1.26 3.60
N LYS C 146 23.65 1.20 4.54
CA LYS C 146 24.89 1.96 4.40
C LYS C 146 25.65 1.54 3.15
N VAL C 147 25.85 0.22 2.99
CA VAL C 147 26.50 -0.32 1.81
C VAL C 147 25.70 0.04 0.57
N GLU C 148 24.37 -0.09 0.65
CA GLU C 148 23.53 0.21 -0.51
C GLU C 148 23.70 1.66 -0.96
N ALA C 149 23.70 2.59 -0.02
CA ALA C 149 23.85 4.00 -0.35
C ALA C 149 25.20 4.28 -0.99
N MET C 150 26.26 3.71 -0.45
CA MET C 150 27.59 3.96 -1.03
C MET C 150 27.70 3.37 -2.42
N LYS C 151 27.11 2.19 -2.64
CA LYS C 151 27.15 1.61 -3.98
C LYS C 151 26.36 2.45 -4.98
N LYS C 152 25.23 3.03 -4.55
CA LYS C 152 24.48 3.87 -5.47
C LYS C 152 25.24 5.15 -5.80
N ALA C 153 25.94 5.71 -4.80
CA ALA C 153 26.81 6.87 -5.08
C ALA C 153 27.85 6.53 -6.14
N ILE C 154 28.50 5.37 -5.99
CA ILE C 154 29.49 4.93 -6.98
C ILE C 154 28.83 4.79 -8.35
N ALA C 155 27.63 4.20 -8.39
CA ALA C 155 26.95 3.98 -9.66
C ALA C 155 26.67 5.30 -10.38
N TYR C 156 26.20 6.30 -9.64
CA TYR C 156 25.98 7.61 -10.27
C TYR C 156 27.30 8.23 -10.73
N CYS C 157 28.35 8.12 -9.91
CA CYS C 157 29.63 8.73 -10.28
C CYS C 157 30.14 8.15 -11.60
N GLU C 158 29.93 6.86 -11.83
CA GLU C 158 30.52 6.24 -13.00
C GLU C 158 29.89 6.66 -14.32
N ILE C 159 28.72 7.29 -14.32
CA ILE C 159 28.21 7.86 -15.57
C ILE C 159 29.08 9.03 -16.01
N ILE C 160 29.47 9.90 -15.08
CA ILE C 160 30.32 11.02 -15.44
C ILE C 160 31.71 10.53 -15.83
N LEU C 161 32.30 9.66 -15.02
CA LEU C 161 33.69 9.27 -15.22
C LEU C 161 33.88 8.40 -16.45
N ASP C 162 32.82 7.74 -16.92
CA ASP C 162 32.93 6.99 -18.16
C ASP C 162 33.23 7.88 -19.36
N LYS C 163 32.86 9.16 -19.29
CA LYS C 163 33.06 10.10 -20.38
C LYS C 163 33.98 11.26 -20.02
N ASN C 164 34.31 11.46 -18.74
CA ASN C 164 35.29 12.48 -18.35
C ASN C 164 36.00 11.96 -17.09
N GLU C 165 37.14 11.30 -17.30
CA GLU C 165 37.90 10.74 -16.18
C GLU C 165 38.65 11.79 -15.39
N GLU C 166 38.74 13.02 -15.90
CA GLU C 166 39.46 14.09 -15.20
C GLU C 166 38.59 14.87 -14.24
N GLU C 167 37.29 14.57 -14.18
CA GLU C 167 36.37 15.36 -13.37
C GLU C 167 36.69 15.14 -11.89
N SER C 168 37.13 16.20 -11.21
CA SER C 168 37.64 16.06 -9.85
C SER C 168 36.55 15.73 -8.86
N GLU C 169 35.38 16.37 -8.97
CA GLU C 169 34.35 16.15 -7.95
C GLU C 169 33.78 14.73 -8.03
N ALA C 170 33.46 14.26 -9.24
CA ALA C 170 32.96 12.90 -9.39
C ALA C 170 34.00 11.89 -8.92
N LEU C 171 35.26 12.11 -9.26
CA LEU C 171 36.33 11.22 -8.84
C LEU C 171 36.45 11.19 -7.33
N ARG C 172 36.39 12.35 -6.69
CA ARG C 172 36.52 12.39 -5.24
C ARG C 172 35.34 11.71 -4.54
N ILE C 173 34.12 11.92 -5.04
CA ILE C 173 32.97 11.25 -4.45
C ILE C 173 33.11 9.73 -4.62
N TRP C 174 33.53 9.29 -5.80
CA TRP C 174 33.76 7.88 -6.05
C TRP C 174 34.78 7.32 -5.05
N LEU C 175 35.88 8.04 -4.82
CA LEU C 175 36.90 7.56 -3.91
C LEU C 175 36.42 7.55 -2.47
N TYR C 176 35.66 8.57 -2.04
CA TYR C 176 35.10 8.54 -0.68
C TYR C 176 34.22 7.33 -0.48
N ALA C 177 33.32 7.06 -1.44
CA ALA C 177 32.43 5.92 -1.32
C ALA C 177 33.21 4.62 -1.31
N ALA C 178 34.27 4.53 -2.10
CA ALA C 178 35.09 3.32 -2.09
C ALA C 178 35.76 3.12 -0.74
N MET C 179 36.20 4.20 -0.10
CA MET C 179 36.80 4.08 1.23
C MET C 179 35.76 3.66 2.27
N GLU C 180 34.52 4.16 2.15
CA GLU C 180 33.48 3.71 3.07
C GLU C 180 33.12 2.24 2.86
N LEU C 181 33.11 1.79 1.60
CA LEU C 181 32.89 0.36 1.35
C LEU C 181 33.92 -0.48 2.09
N ARG C 182 35.20 -0.12 1.96
CA ARG C 182 36.24 -0.83 2.70
C ARG C 182 36.00 -0.79 4.20
N ARG C 183 35.53 0.35 4.72
CA ARG C 183 35.28 0.46 6.15
C ARG C 183 34.18 -0.48 6.60
N CYS C 184 33.14 -0.65 5.78
CA CYS C 184 32.06 -1.58 6.10
C CYS C 184 32.46 -3.05 5.98
N GLY C 185 33.71 -3.35 5.63
CA GLY C 185 34.17 -4.71 5.47
C GLY C 185 33.99 -5.28 4.07
N GLU C 186 33.46 -4.50 3.14
CA GLU C 186 33.47 -4.89 1.74
C GLU C 186 34.88 -4.73 1.18
N GLU C 187 35.07 -5.21 -0.04
CA GLU C 187 36.31 -4.96 -0.75
C GLU C 187 36.23 -3.60 -1.44
N TYR C 188 37.39 -3.08 -1.82
CA TYR C 188 37.41 -1.95 -2.72
C TYR C 188 36.74 -2.34 -4.04
N PRO C 189 36.05 -1.42 -4.70
CA PRO C 189 35.65 -1.69 -6.08
C PRO C 189 36.87 -1.76 -6.98
N GLU C 190 36.69 -2.32 -8.16
CA GLU C 190 37.79 -2.46 -9.11
C GLU C 190 38.32 -1.09 -9.52
N ASN C 191 39.46 -1.10 -10.21
CA ASN C 191 40.23 0.05 -10.66
C ASN C 191 40.28 1.18 -9.61
N PHE C 192 40.29 0.80 -8.34
CA PHE C 192 40.53 1.77 -7.28
C PHE C 192 41.92 2.38 -7.37
N ALA C 193 42.93 1.55 -7.69
CA ALA C 193 44.30 2.05 -7.77
C ALA C 193 44.45 3.12 -8.83
N GLU C 194 43.90 2.89 -10.02
CA GLU C 194 44.07 3.85 -11.12
C GLU C 194 43.39 5.17 -10.80
N LYS C 195 42.15 5.11 -10.30
CA LYS C 195 41.44 6.33 -9.95
C LYS C 195 42.12 7.06 -8.80
N LEU C 196 42.67 6.31 -7.84
CA LEU C 196 43.40 6.95 -6.75
C LEU C 196 44.70 7.58 -7.25
N PHE C 197 45.25 7.08 -8.36
CA PHE C 197 46.41 7.71 -8.97
C PHE C 197 46.02 8.99 -9.70
N TYR C 198 44.86 9.01 -10.36
CA TYR C 198 44.37 10.26 -10.95
C TYR C 198 44.22 11.35 -9.89
N LEU C 199 43.69 10.98 -8.72
CA LEU C 199 43.48 11.96 -7.66
C LEU C 199 44.79 12.63 -7.27
N ALA C 200 45.88 11.88 -7.20
CA ALA C 200 47.17 12.47 -6.88
C ALA C 200 47.70 13.34 -8.00
N ASN C 201 47.26 13.12 -9.24
CA ASN C 201 47.61 14.03 -10.32
C ASN C 201 46.87 15.35 -10.19
N ASP C 202 45.78 15.39 -9.42
CA ASP C 202 45.11 16.66 -9.12
C ASP C 202 45.83 17.40 -8.00
N GLY C 203 46.07 16.72 -6.89
CA GLY C 203 46.97 17.22 -5.87
C GLY C 203 46.54 18.47 -5.13
N PHE C 204 45.30 18.52 -4.65
CA PHE C 204 44.84 19.63 -3.83
C PHE C 204 43.75 19.16 -2.89
N ILE C 205 43.74 19.68 -1.67
CA ILE C 205 42.76 19.29 -0.65
C ILE C 205 41.54 20.20 -0.77
N SER C 206 40.41 19.61 -1.14
CA SER C 206 39.14 20.33 -1.23
C SER C 206 38.37 20.28 0.08
N GLU C 207 38.43 19.17 0.79
CA GLU C 207 37.68 19.00 2.03
C GLU C 207 38.41 18.02 2.94
N LEU C 208 37.93 17.96 4.18
CA LEU C 208 38.63 17.22 5.23
C LEU C 208 38.79 15.74 4.88
N TYR C 209 37.84 15.18 4.13
CA TYR C 209 37.94 13.78 3.74
C TYR C 209 39.16 13.55 2.84
N ASP C 210 39.56 14.55 2.06
CA ASP C 210 40.68 14.39 1.12
C ASP C 210 41.99 14.06 1.83
N ILE C 211 42.15 14.50 3.06
CA ILE C 211 43.38 14.22 3.81
C ILE C 211 43.53 12.72 3.98
N ARG C 212 42.41 12.01 4.18
CA ARG C 212 42.45 10.57 4.28
C ARG C 212 42.74 9.89 2.94
N LEU C 213 42.39 10.53 1.82
CA LEU C 213 42.77 9.99 0.51
C LEU C 213 44.26 10.14 0.25
N PHE C 214 44.83 11.33 0.51
CA PHE C 214 46.25 11.52 0.25
C PHE C 214 47.13 10.67 1.16
N LEU C 215 46.63 10.25 2.32
CA LEU C 215 47.38 9.30 3.14
C LEU C 215 47.30 7.90 2.57
N GLU C 216 46.14 7.54 2.00
CA GLU C 216 46.04 6.26 1.29
C GLU C 216 47.00 6.22 0.12
N TYR C 217 47.05 7.31 -0.65
CA TYR C 217 48.03 7.43 -1.73
C TYR C 217 49.45 7.34 -1.19
N THR C 218 49.71 7.99 -0.06
CA THR C 218 51.05 7.95 0.52
C THR C 218 51.45 6.53 0.86
N GLU C 219 50.53 5.76 1.42
CA GLU C 219 50.84 4.40 1.84
C GLU C 219 50.93 3.47 0.65
N ARG C 220 50.26 3.79 -0.47
CA ARG C 220 50.29 2.91 -1.64
C ARG C 220 51.46 3.18 -2.56
N GLU C 221 51.63 4.42 -3.03
CA GLU C 221 52.75 4.74 -3.91
C GLU C 221 54.02 5.06 -3.14
N GLU C 222 54.00 5.05 -1.81
CA GLU C 222 55.18 5.34 -1.00
C GLU C 222 55.80 6.69 -1.35
N ASP C 223 54.94 7.68 -1.60
CA ASP C 223 55.35 9.00 -2.07
C ASP C 223 54.97 10.02 -0.99
N ASN C 224 55.93 10.89 -0.63
CA ASN C 224 55.77 11.81 0.49
C ASN C 224 55.42 13.24 0.11
N ASN C 225 55.23 13.55 -1.18
CA ASN C 225 55.14 14.96 -1.59
C ASN C 225 53.98 15.68 -0.91
N PHE C 226 52.84 15.01 -0.77
CA PHE C 226 51.62 15.68 -0.32
C PHE C 226 51.51 15.79 1.19
N LEU C 227 52.47 15.26 1.94
CA LEU C 227 52.39 15.31 3.40
C LEU C 227 52.56 16.73 3.94
N ASP C 228 53.31 17.58 3.23
CA ASP C 228 53.47 18.95 3.68
C ASP C 228 52.20 19.77 3.53
N MET C 229 51.33 19.40 2.58
CA MET C 229 50.01 20.04 2.51
C MET C 229 49.23 19.77 3.79
N ILE C 230 49.29 18.53 4.27
CA ILE C 230 48.51 18.15 5.44
C ILE C 230 49.01 18.89 6.68
N LEU C 231 50.33 18.92 6.88
CA LEU C 231 50.88 19.55 8.09
C LEU C 231 50.62 21.05 8.13
N GLN C 232 50.38 21.68 6.98
CA GLN C 232 50.07 23.10 6.92
C GLN C 232 48.57 23.39 6.93
N GLU C 233 47.72 22.38 7.10
CA GLU C 233 46.28 22.61 7.12
C GLU C 233 45.85 23.44 8.32
N ASN C 234 44.80 24.23 8.12
CA ASN C 234 44.36 25.21 9.10
C ASN C 234 43.74 24.52 10.32
N GLN C 235 44.06 25.03 11.50
CA GLN C 235 43.59 24.47 12.77
C GLN C 235 42.18 24.90 13.13
N ASP C 236 41.58 25.85 12.42
CA ASP C 236 40.28 26.38 12.79
C ASP C 236 39.15 25.46 12.37
N ARG C 237 39.13 24.24 12.93
CA ARG C 237 38.16 23.23 12.57
C ARG C 237 37.47 22.66 13.80
N GLU C 238 36.23 22.23 13.62
CA GLU C 238 35.44 21.72 14.74
C GLU C 238 35.94 20.34 15.19
N ARG C 239 36.19 19.44 14.25
CA ARG C 239 36.71 18.11 14.55
C ARG C 239 38.23 18.13 14.66
N LEU C 240 38.72 18.93 15.62
CA LEU C 240 40.15 19.15 15.78
C LEU C 240 40.90 17.85 16.07
N PHE C 241 40.35 17.00 16.93
CA PHE C 241 40.96 15.72 17.27
C PHE C 241 41.24 14.87 16.03
N GLU C 242 40.35 14.88 15.05
CA GLU C 242 40.53 14.05 13.87
C GLU C 242 41.64 14.59 12.98
N LEU C 243 41.69 15.92 12.84
CA LEU C 243 42.78 16.54 12.09
C LEU C 243 44.11 16.24 12.74
N CYS C 244 44.18 16.33 14.08
CA CYS C 244 45.43 16.03 14.77
C CYS C 244 45.85 14.58 14.56
N LEU C 245 44.89 13.66 14.48
CA LEU C 245 45.25 12.27 14.21
C LEU C 245 45.85 12.12 12.81
N TYR C 246 45.29 12.83 11.82
CA TYR C 246 45.92 12.84 10.50
C TYR C 246 47.31 13.46 10.55
N LYS C 247 47.48 14.54 11.32
CA LYS C 247 48.82 15.11 11.49
C LYS C 247 49.80 14.07 12.00
N ALA C 248 49.36 13.25 12.96
CA ALA C 248 50.25 12.23 13.51
C ALA C 248 50.65 11.22 12.44
N ARG C 249 49.69 10.78 11.61
CA ARG C 249 50.04 9.85 10.54
C ARG C 249 51.04 10.47 9.57
N ALA C 250 50.79 11.72 9.18
CA ALA C 250 51.69 12.42 8.26
C ALA C 250 53.09 12.53 8.83
N CYS C 251 53.19 12.90 10.11
CA CYS C 251 54.51 12.98 10.75
C CYS C 251 55.18 11.62 10.79
N PHE C 252 54.41 10.55 10.98
CA PHE C 252 55.03 9.23 11.01
C PHE C 252 55.65 8.87 9.67
N HIS C 253 54.96 9.15 8.56
CA HIS C 253 55.59 8.88 7.27
C HIS C 253 56.83 9.72 7.03
N LEU C 254 56.94 10.89 7.68
CA LEU C 254 58.14 11.71 7.59
C LEU C 254 59.17 11.40 8.66
N ASN C 255 58.93 10.39 9.50
CA ASN C 255 59.84 10.00 10.58
C ASN C 255 60.06 11.13 11.59
N GLN C 256 59.07 12.00 11.77
CA GLN C 256 59.13 13.08 12.76
C GLN C 256 58.50 12.60 14.08
N LEU C 257 59.14 11.61 14.69
CA LEU C 257 58.49 10.78 15.70
C LEU C 257 58.08 11.57 16.94
N ASN C 258 58.85 12.59 17.33
CA ASN C 258 58.43 13.40 18.46
C ASN C 258 57.14 14.16 18.16
N ASP C 259 56.99 14.63 16.93
CA ASP C 259 55.74 15.24 16.53
C ASP C 259 54.62 14.22 16.42
N VAL C 260 54.94 12.98 16.06
CA VAL C 260 53.93 11.92 16.11
C VAL C 260 53.42 11.76 17.53
N ARG C 261 54.33 11.70 18.49
CA ARG C 261 53.95 11.62 19.90
C ARG C 261 53.06 12.79 20.30
N ILE C 262 53.47 14.01 19.93
CA ILE C 262 52.75 15.22 20.34
C ILE C 262 51.34 15.23 19.75
N TYR C 263 51.23 15.01 18.44
CA TYR C 263 49.91 15.04 17.81
C TYR C 263 49.02 13.90 18.31
N GLY C 264 49.59 12.70 18.48
CA GLY C 264 48.81 11.60 19.01
C GLY C 264 48.27 11.88 20.39
N GLU C 265 49.11 12.44 21.27
CA GLU C 265 48.62 12.79 22.60
C GLU C 265 47.54 13.86 22.52
N SER C 266 47.71 14.85 21.64
CA SER C 266 46.70 15.91 21.51
C SER C 266 45.38 15.33 21.02
N ALA C 267 45.42 14.38 20.09
CA ALA C 267 44.20 13.79 19.57
C ALA C 267 43.44 13.03 20.66
N ILE C 268 44.15 12.17 21.40
CA ILE C 268 43.50 11.37 22.43
C ILE C 268 42.95 12.27 23.54
N ASP C 269 43.71 13.28 23.95
CA ASP C 269 43.27 14.16 25.03
C ASP C 269 41.98 14.89 24.71
N ASN C 270 41.68 15.10 23.42
CA ASN C 270 40.48 15.79 22.98
C ASN C 270 39.47 14.85 22.35
N ALA C 271 39.49 13.57 22.72
CA ALA C 271 38.62 12.60 22.09
C ALA C 271 37.16 12.92 22.39
N PRO C 272 36.23 12.60 21.49
CA PRO C 272 34.82 12.88 21.75
C PRO C 272 34.21 11.89 22.73
N GLY C 273 33.16 12.34 23.43
CA GLY C 273 32.49 11.48 24.39
C GLY C 273 31.78 10.30 23.75
N ALA C 274 31.17 10.50 22.59
CA ALA C 274 30.31 9.49 21.99
C ALA C 274 31.14 8.42 21.28
N PHE C 275 30.98 7.16 21.70
CA PHE C 275 31.64 6.05 21.03
C PHE C 275 31.07 5.74 19.66
N ALA C 276 29.93 6.34 19.30
CA ALA C 276 29.47 6.23 17.92
C ALA C 276 30.30 7.06 16.96
N ASP C 277 31.10 8.00 17.45
CA ASP C 277 31.84 8.89 16.58
C ASP C 277 32.89 8.09 15.79
N PRO C 278 33.11 8.40 14.50
CA PRO C 278 34.13 7.65 13.74
C PRO C 278 35.55 7.81 14.25
N PHE C 279 35.83 8.80 15.11
CA PHE C 279 37.17 8.97 15.68
C PHE C 279 37.71 7.67 16.25
N TRP C 280 36.85 6.91 16.95
CA TRP C 280 37.30 5.73 17.67
C TRP C 280 37.77 4.62 16.73
N ASP C 281 37.19 4.51 15.54
CA ASP C 281 37.71 3.57 14.55
C ASP C 281 39.09 4.00 14.06
N GLU C 282 39.25 5.29 13.77
CA GLU C 282 40.49 5.79 13.21
C GLU C 282 41.63 5.65 14.20
N LEU C 283 41.34 5.83 15.49
CA LEU C 283 42.37 5.68 16.51
C LEU C 283 42.92 4.25 16.55
N VAL C 284 42.03 3.25 16.49
CA VAL C 284 42.49 1.86 16.54
C VAL C 284 43.24 1.51 15.26
N GLU C 285 42.80 2.04 14.12
CA GLU C 285 43.54 1.82 12.88
C GLU C 285 44.94 2.42 12.97
N PHE C 286 45.05 3.61 13.59
CA PHE C 286 46.35 4.24 13.77
C PHE C 286 47.26 3.40 14.65
N ILE C 287 46.73 2.88 15.76
CA ILE C 287 47.56 2.06 16.66
C ILE C 287 47.98 0.78 15.98
N ARG C 288 47.08 0.15 15.20
CA ARG C 288 47.47 -1.05 14.48
C ARG C 288 48.53 -0.76 13.43
N MET C 289 48.45 0.39 12.76
CA MET C 289 49.50 0.77 11.82
C MET C 289 50.85 0.90 12.53
N LEU C 290 50.88 1.59 13.66
CA LEU C 290 52.13 1.72 14.40
C LEU C 290 52.67 0.37 14.83
N ARG C 291 51.80 -0.53 15.29
CA ARG C 291 52.24 -1.85 15.73
C ARG C 291 52.74 -2.69 14.56
N ASN C 292 52.10 -2.62 13.41
CA ASN C 292 52.51 -3.42 12.26
C ASN C 292 53.83 -2.93 11.68
N LYS C 293 54.08 -1.62 11.70
CA LYS C 293 55.41 -1.13 11.38
C LYS C 293 56.41 -1.33 12.51
N LYS C 294 56.01 -1.95 13.62
CA LYS C 294 56.91 -2.27 14.73
C LYS C 294 57.55 -1.01 15.33
N SER C 295 56.80 0.08 15.35
CA SER C 295 57.28 1.31 15.96
C SER C 295 57.11 1.24 17.47
N GLU C 296 58.14 1.68 18.20
CA GLU C 296 58.08 1.69 19.67
C GLU C 296 57.04 2.67 20.21
N LEU C 297 56.55 3.61 19.38
CA LEU C 297 55.52 4.53 19.84
C LEU C 297 54.20 3.81 20.16
N TRP C 298 53.99 2.62 19.58
CA TRP C 298 52.67 2.00 19.64
C TRP C 298 52.24 1.66 21.06
N LYS C 299 53.18 1.37 21.96
CA LYS C 299 52.82 1.01 23.32
C LYS C 299 52.39 2.22 24.15
N GLU C 300 53.01 3.38 23.93
CA GLU C 300 52.59 4.60 24.62
C GLU C 300 51.16 4.95 24.23
N ILE C 301 50.92 5.03 22.92
CA ILE C 301 49.64 5.49 22.39
C ILE C 301 48.53 4.55 22.81
N ALA C 302 48.80 3.24 22.81
CA ALA C 302 47.79 2.26 23.18
C ALA C 302 47.34 2.43 24.62
N ILE C 303 48.28 2.65 25.53
CA ILE C 303 47.91 2.76 26.94
C ILE C 303 47.18 4.07 27.20
N LYS C 304 47.61 5.18 26.59
CA LYS C 304 46.84 6.41 26.75
C LYS C 304 45.44 6.28 26.14
N ALA C 305 45.33 5.61 25.00
CA ALA C 305 44.02 5.40 24.39
C ALA C 305 43.11 4.56 25.28
N TRP C 306 43.67 3.51 25.90
CA TRP C 306 42.87 2.73 26.84
C TRP C 306 42.42 3.57 28.01
N ASP C 307 43.31 4.42 28.54
CA ASP C 307 42.94 5.19 29.71
C ASP C 307 41.81 6.17 29.38
N LYS C 308 41.89 6.82 28.21
CA LYS C 308 40.80 7.69 27.78
C LYS C 308 39.50 6.92 27.57
N CYS C 309 39.57 5.77 26.90
CA CYS C 309 38.38 4.96 26.67
C CYS C 309 37.75 4.52 27.97
N ARG C 310 38.57 4.12 28.93
CA ARG C 310 38.09 3.73 30.24
C ARG C 310 37.45 4.90 30.96
N GLU C 311 38.04 6.08 30.83
CA GLU C 311 37.47 7.27 31.45
C GLU C 311 36.07 7.57 30.89
N LYS C 312 35.89 7.40 29.59
CA LYS C 312 34.63 7.81 28.97
C LYS C 312 33.58 6.71 28.91
N GLU C 313 33.95 5.45 29.13
CA GLU C 313 32.93 4.42 29.37
C GLU C 313 32.10 4.76 30.60
N MET C 314 32.71 5.42 31.58
CA MET C 314 32.03 5.78 32.82
C MET C 314 30.82 6.68 32.58
N LYS C 315 30.82 7.43 31.48
CA LYS C 315 29.77 8.40 31.18
C LYS C 315 28.66 7.87 30.30
N VAL C 316 28.77 6.63 29.81
CA VAL C 316 27.69 6.04 29.02
C VAL C 316 26.48 5.81 29.92
N GLY C 317 25.30 6.14 29.41
CA GLY C 317 24.13 6.31 30.26
C GLY C 317 23.28 5.09 30.53
N ASN C 318 23.36 4.05 29.70
CA ASN C 318 22.54 2.87 29.91
C ASN C 318 23.10 1.70 29.12
N ASN C 319 22.58 0.50 29.41
CA ASN C 319 23.08 -0.73 28.83
C ASN C 319 22.84 -0.81 27.33
N ILE C 320 21.88 -0.06 26.79
CA ILE C 320 21.57 -0.15 25.36
C ILE C 320 22.68 0.51 24.54
N TYR C 321 22.99 1.77 24.85
CA TYR C 321 24.11 2.43 24.17
C TYR C 321 25.41 1.71 24.47
N LEU C 322 25.54 1.17 25.69
CA LEU C 322 26.72 0.44 26.08
C LEU C 322 26.92 -0.78 25.19
N SER C 323 25.85 -1.52 24.90
CA SER C 323 25.94 -2.68 24.03
C SER C 323 26.13 -2.29 22.56
N TRP C 324 25.55 -1.16 22.14
CA TRP C 324 25.66 -0.78 20.74
C TRP C 324 27.05 -0.26 20.39
N TYR C 325 27.56 0.72 21.12
CA TYR C 325 28.71 1.49 20.66
C TYR C 325 30.00 1.23 21.44
N TRP C 326 29.95 1.13 22.76
CA TRP C 326 31.18 0.87 23.50
C TRP C 326 31.70 -0.55 23.24
N ALA C 327 30.81 -1.50 22.96
CA ALA C 327 31.24 -2.88 22.75
C ALA C 327 32.21 -3.02 21.59
N ARG C 328 32.18 -2.08 20.64
CA ARG C 328 33.06 -2.15 19.48
C ARG C 328 34.51 -1.79 19.81
N GLN C 329 34.79 -1.24 20.99
CA GLN C 329 36.13 -0.81 21.37
C GLN C 329 36.96 -1.90 22.04
N ARG C 330 36.54 -3.17 21.97
CA ARG C 330 37.23 -4.23 22.70
C ARG C 330 38.67 -4.38 22.25
N GLU C 331 38.91 -4.21 20.94
CA GLU C 331 40.25 -4.41 20.39
C GLU C 331 41.25 -3.45 21.00
N LEU C 332 40.79 -2.27 21.40
CA LEU C 332 41.67 -1.32 22.05
C LEU C 332 42.13 -1.83 23.40
N TYR C 333 41.27 -2.54 24.14
CA TYR C 333 41.70 -3.16 25.37
C TYR C 333 42.66 -4.32 25.11
N ASP C 334 42.44 -5.08 24.04
CA ASP C 334 43.43 -6.11 23.69
C ASP C 334 44.81 -5.48 23.43
N LEU C 335 44.85 -4.39 22.68
CA LEU C 335 46.12 -3.75 22.36
C LEU C 335 46.79 -3.18 23.60
N ALA C 336 46.01 -2.54 24.48
CA ALA C 336 46.59 -1.99 25.70
C ALA C 336 47.06 -3.10 26.63
N PHE C 337 46.34 -4.22 26.68
CA PHE C 337 46.78 -5.35 27.48
C PHE C 337 48.12 -5.89 26.98
N MET C 338 48.33 -5.87 25.66
CA MET C 338 49.62 -6.33 25.15
C MET C 338 50.73 -5.29 25.36
N ALA C 339 50.40 -4.00 25.29
CA ALA C 339 51.43 -2.98 25.52
C ALA C 339 51.95 -3.03 26.94
N GLN C 340 51.06 -3.25 27.92
CA GLN C 340 51.38 -3.06 29.33
C GLN C 340 52.18 -4.26 29.85
N ASP C 341 53.30 -3.99 30.52
CA ASP C 341 54.18 -5.03 31.04
C ASP C 341 53.92 -5.36 32.51
N GLY C 342 53.51 -4.39 33.31
CA GLY C 342 53.24 -4.66 34.72
C GLY C 342 52.00 -5.53 34.88
N ILE C 343 52.12 -6.59 35.69
CA ILE C 343 51.04 -7.57 35.79
C ILE C 343 49.84 -6.97 36.51
N GLU C 344 50.07 -6.16 37.54
CA GLU C 344 48.95 -5.51 38.22
C GLU C 344 48.20 -4.58 37.28
N LYS C 345 48.93 -3.86 36.44
CA LYS C 345 48.29 -2.95 35.50
C LYS C 345 47.62 -3.72 34.36
N LYS C 346 48.22 -4.85 33.95
CA LYS C 346 47.51 -5.77 33.07
C LYS C 346 46.17 -6.19 33.68
N THR C 347 46.16 -6.47 34.98
CA THR C 347 44.94 -6.91 35.63
C THR C 347 43.91 -5.80 35.67
N ARG C 348 44.35 -4.56 35.90
CA ARG C 348 43.44 -3.43 35.81
C ARG C 348 42.84 -3.30 34.42
N ILE C 349 43.67 -3.46 33.38
CA ILE C 349 43.15 -3.37 32.01
C ILE C 349 42.12 -4.47 31.77
N ALA C 350 42.42 -5.69 32.23
CA ALA C 350 41.47 -6.79 32.07
C ALA C 350 40.16 -6.52 32.78
N ASP C 351 40.23 -6.12 34.05
CA ASP C 351 39.03 -6.02 34.88
C ASP C 351 38.08 -4.93 34.40
N SER C 352 38.60 -3.88 33.75
CA SER C 352 37.77 -2.76 33.32
C SER C 352 36.80 -3.14 32.21
N LEU C 353 36.96 -4.32 31.62
CA LEU C 353 36.11 -4.83 30.55
C LEU C 353 34.96 -5.71 31.02
N LYS C 354 34.93 -6.09 32.29
CA LYS C 354 34.04 -7.16 32.75
C LYS C 354 32.78 -6.60 33.38
N SER C 355 31.65 -7.24 33.09
CA SER C 355 30.39 -7.03 33.81
C SER C 355 29.99 -5.55 33.87
N ARG C 356 30.15 -4.85 32.76
CA ARG C 356 29.78 -3.44 32.71
C ARG C 356 28.26 -3.25 32.66
N THR C 357 27.52 -4.22 32.14
CA THR C 357 26.06 -4.13 32.19
C THR C 357 25.50 -4.50 33.56
N THR C 358 26.06 -5.52 34.21
CA THR C 358 25.59 -5.92 35.53
C THR C 358 25.77 -4.81 36.55
N LEU C 359 26.84 -4.03 36.41
CA LEU C 359 27.06 -2.88 37.29
C LEU C 359 25.90 -1.91 37.23
N ARG C 360 25.39 -1.65 36.02
CA ARG C 360 24.29 -0.71 35.86
C ARG C 360 22.96 -1.29 36.32
N ILE C 361 22.76 -2.60 36.19
CA ILE C 361 21.57 -3.23 36.75
C ILE C 361 21.61 -3.13 38.27
N GLN C 362 22.78 -3.31 38.87
CA GLN C 362 22.93 -3.17 40.31
C GLN C 362 22.61 -1.73 40.76
N GLU C 363 23.09 -0.75 40.00
CA GLU C 363 22.79 0.64 40.36
C GLU C 363 21.31 0.95 40.21
N LEU C 364 20.63 0.37 39.22
CA LEU C 364 19.18 0.56 39.12
C LEU C 364 18.46 -0.09 40.30
N ASN C 365 18.91 -1.28 40.72
CA ASN C 365 18.31 -1.91 41.89
C ASN C 365 18.48 -1.01 43.12
N GLU C 366 19.64 -0.37 43.26
CA GLU C 366 19.81 0.57 44.37
C GLU C 366 18.87 1.76 44.24
N LEU C 367 18.75 2.32 43.04
CA LEU C 367 17.87 3.48 42.83
C LEU C 367 16.43 3.14 43.19
N ARG C 368 15.98 1.92 42.88
CA ARG C 368 14.59 1.57 43.16
C ARG C 368 14.30 1.54 44.65
N LYS C 369 15.29 1.16 45.47
CA LYS C 369 15.12 1.22 46.92
C LYS C 369 14.79 2.64 47.37
N ASP C 370 15.59 3.61 46.94
CA ASP C 370 15.40 4.99 47.38
C ASP C 370 14.07 5.55 46.90
N ALA C 371 13.66 5.19 45.67
CA ALA C 371 12.38 5.64 45.16
C ALA C 371 11.23 5.09 45.99
N HIS C 372 11.30 3.81 46.35
CA HIS C 372 10.22 3.18 47.10
C HIS C 372 10.08 3.80 48.49
N ARG C 373 11.19 3.93 49.21
CA ARG C 373 11.10 4.49 50.56
C ARG C 373 10.70 5.96 50.55
N LYS C 374 10.82 6.65 49.43
CA LYS C 374 10.36 8.03 49.27
C LYS C 374 9.10 8.15 48.42
N GLN C 375 8.51 7.03 47.99
CA GLN C 375 7.26 7.02 47.21
C GLN C 375 7.35 7.93 45.98
N ASN C 376 8.50 7.95 45.31
CA ASN C 376 8.66 8.68 44.05
C ASN C 376 8.18 7.77 42.91
N ARG C 377 6.87 7.75 42.70
CA ARG C 377 6.27 6.82 41.74
C ARG C 377 6.78 7.07 40.33
N ARG C 378 6.84 8.33 39.90
CA ARG C 378 7.26 8.60 38.52
C ARG C 378 8.69 8.19 38.25
N LEU C 379 9.55 8.18 39.27
CA LEU C 379 10.89 7.63 39.09
C LEU C 379 10.86 6.12 38.94
N GLU C 380 9.95 5.45 39.65
CA GLU C 380 9.82 3.99 39.48
C GLU C 380 9.41 3.64 38.06
N ASP C 381 8.54 4.45 37.45
CA ASP C 381 8.14 4.18 36.07
C ASP C 381 9.29 4.35 35.10
N LYS C 382 10.15 5.34 35.34
CA LYS C 382 11.34 5.51 34.53
C LYS C 382 12.28 4.31 34.67
N LEU C 383 12.45 3.84 35.91
CA LEU C 383 13.26 2.66 36.15
C LEU C 383 12.68 1.42 35.48
N ASP C 384 11.35 1.32 35.42
CA ASP C 384 10.73 0.19 34.74
C ASP C 384 10.90 0.30 33.23
N ARG C 385 10.78 1.52 32.69
CA ARG C 385 10.95 1.72 31.26
C ARG C 385 12.34 1.33 30.80
N ILE C 386 13.37 1.66 31.58
CA ILE C 386 14.72 1.34 31.09
C ILE C 386 14.92 -0.17 31.02
N ILE C 387 14.45 -0.92 32.02
CA ILE C 387 14.57 -2.37 31.96
C ILE C 387 13.75 -2.94 30.81
N GLU C 388 12.56 -2.37 30.58
CA GLU C 388 11.72 -2.86 29.49
C GLU C 388 12.40 -2.64 28.15
N GLN C 389 13.01 -1.48 27.95
CA GLN C 389 13.68 -1.20 26.69
C GLN C 389 14.93 -2.05 26.53
N GLU C 390 15.67 -2.30 27.62
CA GLU C 390 16.81 -3.20 27.52
C GLU C 390 16.35 -4.60 27.11
N ASN C 391 15.22 -5.06 27.66
CA ASN C 391 14.68 -6.35 27.26
C ASN C 391 14.32 -6.35 25.78
N GLU C 392 13.74 -5.25 25.29
CA GLU C 392 13.43 -5.15 23.86
C GLU C 392 14.70 -5.19 23.01
N ALA C 393 15.76 -4.50 23.43
CA ALA C 393 16.97 -4.42 22.61
C ALA C 393 17.65 -5.76 22.48
N ARG C 394 17.54 -6.63 23.48
CA ARG C 394 18.15 -7.94 23.38
C ARG C 394 17.35 -8.88 22.50
N ASP C 395 16.10 -8.53 22.20
CA ASP C 395 15.34 -9.18 21.13
C ASP C 395 15.58 -8.55 19.77
N GLY C 396 16.48 -7.57 19.69
CA GLY C 396 16.77 -6.92 18.43
C GLY C 396 15.69 -6.00 17.91
N ALA C 397 14.72 -5.61 18.74
CA ALA C 397 13.61 -4.80 18.28
C ALA C 397 14.03 -3.34 18.10
N TYR C 398 13.31 -2.66 17.21
CA TYR C 398 13.49 -1.22 17.03
C TYR C 398 12.93 -0.46 18.23
N LEU C 399 13.68 0.53 18.70
CA LEU C 399 13.27 1.36 19.82
C LEU C 399 12.72 2.68 19.30
N ARG C 400 11.47 2.97 19.64
CA ARG C 400 10.83 4.19 19.16
C ARG C 400 11.29 5.44 19.92
N ARG C 401 11.66 5.29 21.19
CA ARG C 401 12.03 6.41 22.04
C ARG C 401 13.47 6.25 22.51
N ASN C 402 14.19 7.37 22.61
CA ASN C 402 15.54 7.34 23.16
C ASN C 402 15.51 6.82 24.59
N PRO C 403 16.29 5.80 24.93
CA PRO C 403 16.28 5.33 26.32
C PRO C 403 16.84 6.38 27.25
N PRO C 404 16.33 6.49 28.48
CA PRO C 404 16.86 7.52 29.40
C PRO C 404 18.26 7.18 29.92
N CYS C 405 18.95 8.22 30.39
CA CYS C 405 20.32 8.11 30.88
C CYS C 405 20.35 8.27 32.39
N PHE C 406 21.20 7.48 33.05
CA PHE C 406 21.38 7.52 34.49
C PHE C 406 22.85 7.75 34.84
N THR C 407 23.11 8.70 35.73
CA THR C 407 24.44 8.87 36.27
C THR C 407 24.78 7.70 37.20
N GLY C 408 26.07 7.41 37.30
CA GLY C 408 26.53 6.22 38.00
C GLY C 408 26.58 6.37 39.49
N GLY C 409 26.80 5.23 40.16
CA GLY C 409 27.06 5.20 41.58
C GLY C 409 28.49 5.65 41.87
N LYS C 410 28.87 5.48 43.14
CA LYS C 410 30.20 5.85 43.62
C LYS C 410 31.19 4.74 43.28
N ARG C 411 31.60 4.71 42.01
CA ARG C 411 32.45 3.63 41.49
C ARG C 411 33.90 3.88 41.90
N GLU C 412 34.23 3.47 43.12
CA GLU C 412 35.60 3.45 43.59
C GLU C 412 36.38 2.31 42.93
N GLU C 413 37.68 2.53 42.78
CA GLU C 413 38.58 1.49 42.30
C GLU C 413 39.04 0.64 43.47
N ILE C 414 38.68 -0.65 43.45
CA ILE C 414 38.93 -1.54 44.57
C ILE C 414 40.41 -1.90 44.61
N PRO C 415 41.15 -1.59 45.68
CA PRO C 415 42.52 -2.09 45.76
C PRO C 415 42.56 -3.61 45.86
N PHE C 416 43.49 -4.22 45.15
CA PHE C 416 43.70 -5.66 45.29
C PHE C 416 44.10 -6.05 46.69
N ALA C 417 44.66 -5.10 47.46
CA ALA C 417 45.07 -5.40 48.83
C ALA C 417 43.88 -5.76 49.72
N ARG C 418 42.66 -5.46 49.32
CA ARG C 418 41.51 -5.73 50.17
C ARG C 418 41.09 -7.20 50.18
N LEU C 419 41.71 -8.03 49.36
CA LEU C 419 41.52 -9.47 49.49
C LEU C 419 42.07 -9.92 50.84
N PRO C 420 41.36 -10.77 51.59
CA PRO C 420 41.91 -11.24 52.87
C PRO C 420 43.17 -12.08 52.67
N GLN C 421 44.01 -12.08 53.71
CA GLN C 421 45.39 -12.55 53.60
C GLN C 421 45.53 -14.02 53.25
N ASN C 422 44.56 -14.87 53.59
CA ASN C 422 44.72 -16.30 53.37
C ASN C 422 44.21 -16.77 52.02
N TRP C 423 43.73 -15.87 51.16
CA TRP C 423 43.18 -16.24 49.86
C TRP C 423 44.21 -16.13 48.74
N ILE C 424 43.90 -16.80 47.64
CA ILE C 424 44.55 -16.62 46.35
C ILE C 424 43.50 -16.20 45.35
N ALA C 425 43.84 -15.26 44.47
CA ALA C 425 42.95 -14.78 43.43
C ALA C 425 43.54 -15.09 42.06
N VAL C 426 42.72 -15.62 41.16
CA VAL C 426 43.08 -15.90 39.79
C VAL C 426 42.20 -15.05 38.88
N HIS C 427 42.82 -14.19 38.08
CA HIS C 427 42.11 -13.32 37.14
C HIS C 427 42.39 -13.80 35.73
N PHE C 428 41.34 -14.10 34.97
CA PHE C 428 41.48 -14.55 33.59
C PHE C 428 41.26 -13.42 32.60
N TYR C 429 41.93 -13.54 31.46
CA TYR C 429 41.70 -12.70 30.29
C TYR C 429 41.94 -13.53 29.04
N LEU C 430 41.05 -13.41 28.06
CA LEU C 430 41.15 -14.09 26.78
C LEU C 430 41.34 -13.03 25.71
N ASN C 431 42.59 -12.86 25.27
CA ASN C 431 42.95 -11.82 24.31
C ASN C 431 42.71 -12.36 22.91
N GLU C 432 41.66 -11.87 22.26
CA GLU C 432 41.26 -12.44 20.97
C GLU C 432 42.30 -12.08 19.91
N LEU C 433 42.80 -10.85 19.91
CA LEU C 433 43.75 -10.43 18.88
C LEU C 433 45.01 -11.30 18.93
N GLU C 434 45.56 -11.50 20.12
CA GLU C 434 46.74 -12.34 20.28
C GLU C 434 46.44 -13.79 19.88
N SER C 435 45.26 -14.29 20.23
CA SER C 435 44.87 -15.64 19.84
C SER C 435 44.79 -15.78 18.32
N HIS C 436 44.13 -14.83 17.67
CA HIS C 436 43.92 -14.88 16.23
C HIS C 436 45.23 -14.77 15.48
N GLU C 437 46.19 -14.02 16.01
CA GLU C 437 47.52 -13.99 15.41
C GLU C 437 48.32 -15.28 15.64
N GLY C 438 47.77 -16.24 16.38
CA GLY C 438 48.41 -17.52 16.62
C GLY C 438 49.15 -17.64 17.93
N GLY C 439 49.16 -16.59 18.74
CA GLY C 439 49.76 -16.68 20.06
C GLY C 439 48.92 -17.49 21.01
N LYS C 440 49.38 -17.57 22.26
CA LYS C 440 48.60 -18.23 23.29
C LYS C 440 47.24 -17.56 23.47
N GLY C 441 47.23 -16.28 23.85
CA GLY C 441 46.00 -15.52 23.94
C GLY C 441 45.25 -15.65 25.25
N GLY C 442 45.36 -16.80 25.91
CA GLY C 442 44.75 -16.99 27.22
C GLY C 442 45.76 -16.65 28.31
N HIS C 443 45.28 -15.93 29.33
CA HIS C 443 46.13 -15.48 30.43
C HIS C 443 45.43 -15.71 31.76
N ALA C 444 46.20 -16.14 32.76
CA ALA C 444 45.76 -16.24 34.14
C ALA C 444 46.70 -15.42 35.01
N LEU C 445 46.16 -14.39 35.65
CA LEU C 445 46.94 -13.44 36.45
C LEU C 445 46.65 -13.74 37.92
N ILE C 446 47.67 -14.16 38.65
CA ILE C 446 47.52 -14.82 39.94
C ILE C 446 48.15 -13.96 41.02
N TYR C 447 47.39 -13.70 42.08
CA TYR C 447 47.77 -12.77 43.15
C TYR C 447 47.88 -13.52 44.46
N ASP C 448 49.06 -13.45 45.08
CA ASP C 448 49.30 -14.03 46.40
C ASP C 448 49.59 -12.89 47.37
N PRO C 449 48.65 -12.50 48.24
CA PRO C 449 48.88 -11.32 49.08
C PRO C 449 49.89 -11.53 50.21
N GLN C 450 50.36 -12.75 50.44
CA GLN C 450 51.28 -13.00 51.54
C GLN C 450 52.74 -12.77 51.19
N LYS C 451 53.07 -12.58 49.92
CA LYS C 451 54.45 -12.44 49.51
C LYS C 451 54.88 -10.97 49.55
N ALA C 452 56.20 -10.77 49.52
CA ALA C 452 56.73 -9.42 49.37
C ALA C 452 56.28 -8.83 48.04
N GLU C 453 56.11 -7.51 48.03
CA GLU C 453 55.33 -6.87 46.97
C GLU C 453 55.89 -7.11 45.58
N LYS C 454 57.20 -7.30 45.47
CA LYS C 454 57.79 -7.55 44.15
C LYS C 454 57.48 -8.95 43.62
N ASP C 455 57.03 -9.87 44.48
CA ASP C 455 56.76 -11.25 44.11
C ASP C 455 55.29 -11.63 44.17
N GLN C 456 54.39 -10.66 44.35
CA GLN C 456 52.99 -10.98 44.64
C GLN C 456 52.19 -11.42 43.42
N TRP C 457 52.66 -11.14 42.21
CA TRP C 457 51.93 -11.43 40.99
C TRP C 457 52.69 -12.39 40.08
N GLN C 458 51.96 -13.33 39.49
CA GLN C 458 52.45 -14.17 38.41
C GLN C 458 51.53 -14.02 37.21
N ASP C 459 52.08 -14.27 36.02
CA ASP C 459 51.31 -14.20 34.77
C ASP C 459 51.58 -15.50 34.01
N LYS C 460 50.58 -16.36 33.96
CA LYS C 460 50.64 -17.64 33.26
C LYS C 460 49.74 -17.56 32.04
N SER C 461 50.24 -18.05 30.91
CA SER C 461 49.52 -17.97 29.64
C SER C 461 49.33 -19.35 29.03
N PHE C 462 48.24 -19.51 28.29
CA PHE C 462 47.82 -20.79 27.74
C PHE C 462 47.07 -20.55 26.44
N ASP C 463 46.94 -21.61 25.65
CA ASP C 463 46.21 -21.58 24.38
C ASP C 463 44.80 -22.13 24.62
N TYR C 464 43.78 -21.31 24.32
CA TYR C 464 42.40 -21.65 24.66
C TYR C 464 41.56 -22.13 23.48
N LYS C 465 42.14 -22.34 22.30
CA LYS C 465 41.31 -22.72 21.14
C LYS C 465 40.67 -24.09 21.33
N GLU C 466 41.46 -25.08 21.75
CA GLU C 466 40.92 -26.43 21.88
C GLU C 466 39.96 -26.54 23.05
N LEU C 467 40.25 -25.83 24.15
CA LEU C 467 39.33 -25.80 25.28
C LEU C 467 37.99 -25.23 24.86
N HIS C 468 38.00 -24.18 24.02
CA HIS C 468 36.75 -23.59 23.57
C HIS C 468 36.00 -24.54 22.64
N ARG C 469 36.72 -25.26 21.78
CA ARG C 469 36.05 -26.25 20.93
C ARG C 469 35.37 -27.33 21.76
N LYS C 470 36.06 -27.88 22.76
CA LYS C 470 35.45 -28.93 23.56
C LYS C 470 34.30 -28.39 24.41
N PHE C 471 34.37 -27.12 24.82
CA PHE C 471 33.21 -26.51 25.46
C PHE C 471 32.01 -26.48 24.53
N LEU C 472 32.20 -25.99 23.29
CA LEU C 472 31.08 -25.93 22.35
C LEU C 472 30.52 -27.32 22.08
N GLU C 473 31.39 -28.32 22.03
CA GLU C 473 30.93 -29.68 21.73
C GLU C 473 30.09 -30.23 22.87
N TRP C 474 30.54 -30.04 24.11
CA TRP C 474 29.72 -30.45 25.25
C TRP C 474 28.41 -29.69 25.28
N GLN C 475 28.44 -28.39 24.96
CA GLN C 475 27.23 -27.59 25.04
C GLN C 475 26.17 -28.08 24.06
N GLU C 476 26.56 -28.38 22.83
CA GLU C 476 25.57 -28.83 21.86
C GLU C 476 25.05 -30.21 22.21
N ASN C 477 25.95 -31.12 22.62
CA ASN C 477 25.50 -32.45 23.03
C ASN C 477 24.57 -32.36 24.23
N TYR C 478 24.84 -31.43 25.15
CA TYR C 478 23.95 -31.22 26.28
C TYR C 478 22.57 -30.77 25.83
N ILE C 479 22.51 -29.80 24.90
CA ILE C 479 21.20 -29.31 24.49
C ILE C 479 20.39 -30.41 23.83
N LEU C 480 21.04 -31.31 23.08
CA LEU C 480 20.28 -32.32 22.35
C LEU C 480 19.97 -33.60 23.12
N ASN C 481 20.73 -33.97 24.15
CA ASN C 481 20.55 -35.31 24.72
C ASN C 481 19.63 -35.46 25.95
N GLU C 482 19.93 -34.88 27.11
CA GLU C 482 21.04 -34.08 27.60
C GLU C 482 22.03 -34.88 28.46
N GLU C 483 21.51 -35.78 29.31
CA GLU C 483 22.35 -36.47 30.28
C GLU C 483 23.25 -37.52 29.64
N GLY C 484 23.03 -37.82 28.36
CA GLY C 484 23.99 -38.58 27.58
C GLY C 484 25.25 -37.81 27.26
N SER C 485 25.35 -36.55 27.71
CA SER C 485 26.52 -35.72 27.50
C SER C 485 27.58 -35.87 28.59
N ALA C 486 27.41 -36.80 29.54
CA ALA C 486 28.32 -36.89 30.67
C ALA C 486 29.76 -37.14 30.24
N ASP C 487 29.96 -37.98 29.23
CA ASP C 487 31.32 -38.25 28.74
C ASP C 487 31.97 -37.01 28.17
N PHE C 488 31.19 -36.16 27.50
CA PHE C 488 31.74 -34.91 26.99
C PHE C 488 32.08 -33.96 28.12
N LEU C 489 31.33 -34.01 29.23
CA LEU C 489 31.69 -33.22 30.40
C LEU C 489 33.03 -33.68 30.97
N VAL C 490 33.22 -34.99 31.09
CA VAL C 490 34.50 -35.50 31.60
C VAL C 490 35.64 -35.09 30.66
N THR C 491 35.40 -35.16 29.36
CA THR C 491 36.40 -34.72 28.39
C THR C 491 36.77 -33.25 28.59
N LEU C 492 35.76 -32.40 28.76
CA LEU C 492 36.00 -30.98 28.96
C LEU C 492 36.79 -30.72 30.24
N CYS C 493 36.42 -31.41 31.32
CA CYS C 493 37.10 -31.19 32.59
C CYS C 493 38.55 -31.64 32.54
N ARG C 494 38.85 -32.69 31.77
CA ARG C 494 40.24 -33.08 31.55
C ARG C 494 40.96 -32.08 30.65
N GLU C 495 40.24 -31.48 29.70
CA GLU C 495 40.84 -30.46 28.86
C GLU C 495 41.21 -29.21 29.64
N ILE C 496 40.45 -28.87 30.68
CA ILE C 496 40.83 -27.71 31.50
C ILE C 496 42.24 -27.89 32.03
N GLU C 497 42.55 -29.07 32.55
CA GLU C 497 43.88 -29.30 33.09
C GLU C 497 44.92 -29.40 31.97
N LYS C 498 44.54 -29.95 30.81
CA LYS C 498 45.49 -29.93 29.68
C LYS C 498 45.86 -28.51 29.28
N ALA C 499 44.88 -27.60 29.28
CA ALA C 499 45.17 -26.22 28.87
C ALA C 499 45.90 -25.46 29.96
N MET C 500 45.58 -25.71 31.23
CA MET C 500 46.10 -24.94 32.36
C MET C 500 46.81 -25.88 33.33
N PRO C 501 47.92 -26.48 32.91
CA PRO C 501 48.63 -27.42 33.80
C PRO C 501 49.16 -26.78 35.08
N PHE C 502 49.34 -25.46 35.07
CA PHE C 502 49.80 -24.73 36.24
C PHE C 502 48.82 -24.75 37.41
N LEU C 503 47.57 -25.17 37.22
CA LEU C 503 46.61 -25.17 38.31
C LEU C 503 46.96 -26.19 39.40
N PHE C 504 47.74 -27.22 39.09
CA PHE C 504 48.07 -28.29 40.03
C PHE C 504 49.52 -28.21 40.51
N LYS C 505 50.11 -27.02 40.55
CA LYS C 505 51.49 -26.82 40.97
C LYS C 505 51.49 -25.90 42.17
N SER C 506 52.16 -26.34 43.26
CA SER C 506 52.07 -25.60 44.51
C SER C 506 52.83 -24.28 44.45
N GLU C 507 53.88 -24.19 43.63
CA GLU C 507 54.59 -22.92 43.49
C GLU C 507 53.75 -21.88 42.77
N VAL C 508 52.68 -22.26 42.09
CA VAL C 508 51.74 -21.31 41.53
C VAL C 508 50.60 -21.02 42.50
N ILE C 509 49.96 -22.07 43.02
CA ILE C 509 48.87 -21.93 43.99
C ILE C 509 49.31 -22.65 45.27
N PRO C 510 49.68 -21.94 46.33
CA PRO C 510 50.23 -22.60 47.51
C PRO C 510 49.26 -23.57 48.16
N GLU C 511 49.81 -24.42 49.02
CA GLU C 511 49.12 -25.58 49.57
C GLU C 511 47.87 -25.19 50.34
N ASP C 512 46.73 -25.72 49.89
CA ASP C 512 45.46 -25.76 50.63
C ASP C 512 44.92 -24.38 51.02
N ARG C 513 45.35 -23.32 50.33
CA ARG C 513 44.69 -22.03 50.51
C ARG C 513 43.47 -21.91 49.58
N PRO C 514 42.40 -21.25 50.02
CA PRO C 514 41.23 -21.09 49.15
C PRO C 514 41.50 -20.15 47.99
N VAL C 515 40.75 -20.37 46.90
CA VAL C 515 40.96 -19.69 45.63
C VAL C 515 39.70 -18.92 45.27
N LEU C 516 39.87 -17.69 44.81
CA LEU C 516 38.80 -16.88 44.24
C LEU C 516 39.01 -16.82 42.73
N TRP C 517 37.99 -17.21 41.96
CA TRP C 517 38.03 -17.15 40.51
C TRP C 517 37.36 -15.87 40.03
N ILE C 518 38.01 -15.17 39.09
CA ILE C 518 37.38 -14.08 38.36
C ILE C 518 37.47 -14.40 36.88
N PRO C 519 36.51 -15.13 36.29
CA PRO C 519 36.66 -15.59 34.90
C PRO C 519 36.45 -14.49 33.86
N HIS C 520 36.57 -14.89 32.59
CA HIS C 520 36.33 -14.02 31.46
C HIS C 520 35.80 -14.86 30.31
N GLY C 521 34.88 -14.28 29.54
CA GLY C 521 34.37 -14.96 28.36
C GLY C 521 33.67 -16.26 28.71
N PHE C 522 33.91 -17.29 27.90
CA PHE C 522 33.28 -18.58 28.13
C PHE C 522 33.79 -19.28 29.37
N LEU C 523 34.85 -18.78 30.01
CA LEU C 523 35.29 -19.37 31.27
C LEU C 523 34.30 -19.15 32.40
N HIS C 524 33.39 -18.18 32.28
CA HIS C 524 32.28 -18.11 33.23
C HIS C 524 31.39 -19.34 33.18
N ARG C 525 31.41 -20.08 32.08
CA ARG C 525 30.51 -21.21 31.88
C ARG C 525 31.05 -22.51 32.45
N LEU C 526 32.36 -22.60 32.68
CA LEU C 526 33.02 -23.85 32.98
C LEU C 526 32.99 -24.16 34.47
N PRO C 527 33.05 -25.44 34.85
CA PRO C 527 33.32 -25.80 36.26
C PRO C 527 34.82 -25.86 36.55
N LEU C 528 35.45 -24.70 36.67
CA LEU C 528 36.89 -24.65 36.96
C LEU C 528 37.23 -25.35 38.27
N HIS C 529 36.29 -25.38 39.22
CA HIS C 529 36.51 -26.11 40.46
C HIS C 529 36.63 -27.61 40.25
N ALA C 530 36.24 -28.12 39.08
CA ALA C 530 36.21 -29.55 38.79
C ALA C 530 37.27 -29.98 37.78
N ALA C 531 38.30 -29.17 37.55
CA ALA C 531 39.37 -29.57 36.64
C ALA C 531 40.01 -30.87 37.12
N MET C 532 40.29 -31.77 36.17
CA MET C 532 40.58 -33.16 36.46
C MET C 532 41.96 -33.53 35.92
N LYS C 533 42.91 -33.71 36.83
CA LYS C 533 44.25 -34.20 36.50
C LYS C 533 44.19 -35.72 36.31
N ILE C 540 43.60 -40.18 38.92
CA ILE C 540 42.64 -39.09 38.88
C ILE C 540 42.81 -38.19 40.08
N GLU C 541 42.75 -36.88 39.85
CA GLU C 541 42.72 -35.92 40.94
C GLU C 541 41.90 -34.72 40.51
N ILE C 542 40.91 -34.34 41.31
CA ILE C 542 40.04 -33.21 41.02
C ILE C 542 40.55 -32.00 41.78
N PHE C 543 40.37 -30.82 41.20
CA PHE C 543 40.85 -29.59 41.83
C PHE C 543 40.24 -29.38 43.20
N TRP C 544 38.97 -29.72 43.39
CA TRP C 544 38.33 -29.48 44.68
C TRP C 544 38.94 -30.29 45.81
N GLU C 545 39.73 -31.31 45.51
CA GLU C 545 40.43 -32.03 46.57
C GLU C 545 41.57 -31.22 47.17
N ARG C 546 42.09 -30.23 46.44
CA ARG C 546 43.19 -29.41 46.92
C ARG C 546 42.73 -28.09 47.51
N HIS C 547 41.76 -27.42 46.89
CA HIS C 547 41.37 -26.07 47.26
C HIS C 547 39.86 -25.93 47.26
N ALA C 548 39.36 -25.12 48.19
CA ALA C 548 37.99 -24.64 48.11
C ALA C 548 37.93 -23.43 47.18
N SER C 549 36.79 -23.24 46.53
CA SER C 549 36.65 -22.29 45.44
C SER C 549 35.46 -21.36 45.68
N ARG C 550 35.57 -20.17 45.10
CA ARG C 550 34.54 -19.15 45.17
C ARG C 550 34.63 -18.32 43.89
N TYR C 551 33.51 -17.74 43.48
CA TYR C 551 33.43 -17.06 42.19
C TYR C 551 32.93 -15.63 42.35
N LEU C 552 33.48 -14.73 41.54
CA LEU C 552 32.93 -13.40 41.30
C LEU C 552 32.92 -13.12 39.80
N PRO C 553 31.93 -12.37 39.31
CA PRO C 553 31.99 -12.00 37.89
C PRO C 553 33.09 -11.02 37.56
N ALA C 554 33.43 -10.12 38.49
CA ALA C 554 34.45 -9.11 38.26
C ALA C 554 34.95 -8.59 39.59
N TRP C 555 36.18 -8.09 39.59
CA TRP C 555 36.79 -7.64 40.83
C TRP C 555 36.23 -6.31 41.32
N HIS C 556 35.77 -5.44 40.43
CA HIS C 556 35.16 -4.20 40.89
C HIS C 556 33.82 -4.43 41.57
N LEU C 557 33.25 -5.63 41.47
CA LEU C 557 32.06 -6.00 42.22
C LEU C 557 32.39 -6.54 43.61
N PHE C 558 33.66 -6.65 43.97
CA PHE C 558 34.04 -7.15 45.28
C PHE C 558 33.56 -6.19 46.36
N ASP C 559 32.76 -6.71 47.29
CA ASP C 559 32.13 -5.89 48.31
C ASP C 559 31.69 -6.73 49.50
N PRO C 560 32.61 -7.09 50.41
CA PRO C 560 32.22 -7.93 51.56
C PRO C 560 31.30 -7.17 52.52
N ALA C 561 30.14 -7.75 52.80
CA ALA C 561 29.20 -7.22 53.78
C ALA C 561 28.80 -8.31 54.75
N PRO C 562 28.36 -7.96 55.97
CA PRO C 562 28.00 -8.99 56.95
C PRO C 562 26.76 -9.77 56.53
N TYR C 563 26.68 -11.01 57.01
CA TYR C 563 25.47 -11.80 56.80
C TYR C 563 24.28 -11.20 57.56
N SER C 564 23.10 -11.46 57.03
CA SER C 564 21.87 -10.86 57.56
C SER C 564 21.65 -11.24 59.02
N ARG C 565 21.08 -10.30 59.78
CA ARG C 565 20.84 -10.48 61.20
C ARG C 565 19.50 -11.14 61.51
N GLU C 566 18.61 -11.27 60.54
CA GLU C 566 17.23 -11.66 60.82
C GLU C 566 17.19 -13.10 61.31
N GLU C 567 16.51 -13.33 62.43
CA GLU C 567 16.31 -14.66 62.99
C GLU C 567 15.12 -15.34 62.31
N SER C 568 15.23 -15.52 61.00
CA SER C 568 14.18 -16.17 60.23
C SER C 568 14.76 -16.68 58.92
N SER C 569 14.30 -17.86 58.50
CA SER C 569 14.70 -18.47 57.24
C SER C 569 13.48 -19.16 56.66
N THR C 570 13.48 -19.37 55.34
CA THR C 570 12.35 -19.93 54.63
C THR C 570 12.79 -20.91 53.56
N LEU C 571 12.03 -21.98 53.40
CA LEU C 571 12.14 -22.91 52.28
C LEU C 571 10.85 -22.86 51.47
N LEU C 572 10.98 -22.47 50.21
CA LEU C 572 9.86 -22.42 49.27
C LEU C 572 10.03 -23.55 48.26
N LYS C 573 9.00 -24.38 48.11
CA LYS C 573 9.05 -25.56 47.27
C LYS C 573 7.88 -25.56 46.28
N ASN C 574 8.20 -25.79 45.01
CA ASN C 574 7.22 -26.18 44.00
C ASN C 574 7.86 -27.31 43.20
N PHE C 575 7.81 -28.51 43.78
CA PHE C 575 8.46 -29.67 43.19
C PHE C 575 7.79 -30.92 43.73
N GLU C 576 6.70 -31.36 43.10
CA GLU C 576 5.85 -32.37 43.73
C GLU C 576 6.13 -33.80 43.26
N GLU C 577 7.10 -33.98 42.35
CA GLU C 577 7.49 -35.33 41.96
C GLU C 577 8.27 -36.04 43.06
N TYR C 578 8.94 -35.28 43.93
CA TYR C 578 9.99 -35.79 44.80
C TYR C 578 9.80 -35.31 46.23
N ASP C 579 10.22 -36.16 47.18
CA ASP C 579 10.17 -35.86 48.60
C ASP C 579 11.59 -35.57 49.09
N PHE C 580 11.84 -34.33 49.47
CA PHE C 580 13.15 -33.89 49.96
C PHE C 580 13.23 -34.20 51.46
N GLN C 581 13.51 -35.47 51.76
CA GLN C 581 13.40 -35.95 53.14
C GLN C 581 14.35 -35.22 54.09
N ASN C 582 15.56 -34.89 53.65
CA ASN C 582 16.51 -34.23 54.54
C ASN C 582 16.18 -32.76 54.74
N LEU C 583 15.79 -32.05 53.67
CA LEU C 583 15.46 -30.64 53.81
C LEU C 583 14.14 -30.45 54.54
N GLU C 584 13.18 -31.34 54.33
CA GLU C 584 11.87 -31.20 54.94
C GLU C 584 11.80 -31.70 56.37
N ASN C 585 12.90 -32.19 56.93
CA ASN C 585 12.99 -32.51 58.35
C ASN C 585 14.02 -31.66 59.08
N GLY C 586 14.47 -30.56 58.47
CA GLY C 586 15.32 -29.62 59.14
C GLY C 586 14.53 -28.70 60.04
N GLU C 587 15.25 -27.75 60.65
CA GLU C 587 14.62 -26.76 61.51
C GLU C 587 13.89 -25.68 60.73
N ILE C 588 14.20 -25.51 59.44
CA ILE C 588 13.53 -24.49 58.63
C ILE C 588 12.15 -24.97 58.24
N GLU C 589 11.18 -24.07 58.33
CA GLU C 589 9.82 -24.35 57.91
C GLU C 589 9.72 -24.34 56.38
N VAL C 590 8.84 -25.19 55.85
CA VAL C 590 8.67 -25.37 54.42
C VAL C 590 7.25 -24.96 54.04
N TYR C 591 7.13 -24.16 52.98
CA TYR C 591 5.85 -23.82 52.37
C TYR C 591 5.83 -24.37 50.95
N ALA C 592 4.80 -25.15 50.64
CA ALA C 592 4.57 -25.68 49.30
C ALA C 592 3.08 -25.75 49.04
N PRO C 593 2.64 -25.63 47.77
CA PRO C 593 3.39 -25.27 46.56
C PRO C 593 3.52 -23.75 46.41
N SER C 594 4.72 -23.23 46.20
CA SER C 594 4.95 -21.79 46.22
C SER C 594 4.67 -21.17 44.87
N SER C 595 4.02 -20.02 44.89
CA SER C 595 3.76 -19.21 43.71
C SER C 595 4.73 -18.04 43.65
N PRO C 596 4.76 -17.31 42.53
CA PRO C 596 5.60 -16.10 42.48
C PRO C 596 5.25 -15.07 43.55
N LYS C 597 3.98 -14.97 43.98
CA LYS C 597 3.66 -14.04 45.06
C LYS C 597 4.39 -14.39 46.34
N LYS C 598 4.46 -15.68 46.68
CA LYS C 598 5.21 -16.05 47.88
C LYS C 598 6.68 -15.74 47.75
N VAL C 599 7.27 -15.96 46.57
CA VAL C 599 8.68 -15.61 46.41
C VAL C 599 8.85 -14.10 46.58
N LYS C 600 7.97 -13.31 45.98
CA LYS C 600 8.05 -11.87 46.15
C LYS C 600 7.87 -11.45 47.61
N GLU C 601 7.09 -12.20 48.39
CA GLU C 601 6.92 -11.87 49.80
C GLU C 601 8.20 -12.17 50.59
N ALA C 602 8.78 -13.36 50.37
CA ALA C 602 9.99 -13.74 51.11
C ALA C 602 11.15 -12.80 50.78
N ILE C 603 11.21 -12.31 49.55
CA ILE C 603 12.35 -11.53 49.07
C ILE C 603 12.44 -10.14 49.70
N ARG C 604 11.39 -9.67 50.38
CA ARG C 604 11.43 -8.41 51.10
C ARG C 604 11.39 -8.57 52.61
N GLU C 605 11.82 -9.73 53.12
CA GLU C 605 11.98 -9.95 54.55
C GLU C 605 13.45 -10.08 54.95
N ASN C 606 14.38 -10.04 54.00
CA ASN C 606 15.81 -10.21 54.25
C ASN C 606 16.11 -11.44 55.10
N PRO C 607 15.72 -12.64 54.64
CA PRO C 607 15.93 -13.85 55.44
C PRO C 607 17.39 -14.19 55.60
N ALA C 608 17.71 -14.91 56.68
CA ALA C 608 19.06 -15.42 56.85
C ALA C 608 19.41 -16.42 55.76
N ILE C 609 18.56 -17.42 55.54
CA ILE C 609 18.73 -18.41 54.49
C ILE C 609 17.42 -18.53 53.72
N LEU C 610 17.50 -18.50 52.40
CA LEU C 610 16.36 -18.70 51.52
C LEU C 610 16.66 -19.87 50.60
N LEU C 611 15.82 -20.90 50.66
CA LEU C 611 15.91 -22.05 49.76
C LEU C 611 14.72 -22.08 48.82
N LEU C 612 15.01 -22.29 47.53
CA LEU C 612 13.98 -22.45 46.50
C LEU C 612 14.18 -23.81 45.82
N LEU C 613 13.17 -24.66 45.89
CA LEU C 613 13.17 -25.97 45.25
C LEU C 613 12.11 -25.99 44.17
N CYS C 614 12.54 -25.84 42.92
CA CYS C 614 11.63 -25.82 41.78
C CYS C 614 12.44 -26.16 40.54
N HIS C 615 11.72 -26.43 39.45
CA HIS C 615 12.39 -26.59 38.17
C HIS C 615 12.82 -25.24 37.63
N GLY C 616 13.84 -25.26 36.79
CA GLY C 616 14.32 -24.05 36.15
C GLY C 616 14.68 -24.33 34.71
N GLU C 617 14.83 -23.25 33.94
CA GLU C 617 15.09 -23.35 32.52
C GLU C 617 15.81 -22.09 32.05
N ALA C 618 17.01 -22.24 31.50
CA ALA C 618 17.70 -21.14 30.88
C ALA C 618 17.20 -20.93 29.46
N ASP C 619 17.01 -19.68 29.07
CA ASP C 619 16.56 -19.37 27.72
C ASP C 619 17.67 -19.61 26.71
N MET C 620 17.27 -19.89 25.47
CA MET C 620 18.24 -20.14 24.39
C MET C 620 18.65 -18.87 23.66
N THR C 621 17.89 -17.79 23.77
CA THR C 621 18.15 -16.58 22.99
C THR C 621 18.44 -15.37 23.88
N ASN C 622 17.60 -15.12 24.87
CA ASN C 622 17.60 -13.87 25.61
C ASN C 622 17.77 -14.15 27.11
N PRO C 623 18.77 -13.61 27.80
CA PRO C 623 18.93 -13.94 29.23
C PRO C 623 17.73 -13.56 30.08
N PHE C 624 17.05 -12.45 29.77
CA PHE C 624 15.96 -11.98 30.62
C PHE C 624 14.79 -12.96 30.67
N ARG C 625 14.73 -13.92 29.75
CA ARG C 625 13.66 -14.91 29.73
C ARG C 625 13.98 -16.19 30.50
N SER C 626 15.19 -16.34 31.03
CA SER C 626 15.46 -17.47 31.93
C SER C 626 14.57 -17.35 33.16
N CYS C 627 14.11 -18.50 33.67
CA CYS C 627 13.00 -18.48 34.61
C CYS C 627 13.07 -19.61 35.61
N LEU C 628 12.34 -19.43 36.72
CA LEU C 628 12.02 -20.46 37.69
C LEU C 628 10.59 -20.93 37.44
N LYS C 629 10.36 -22.24 37.50
CA LYS C 629 9.03 -22.81 37.29
C LYS C 629 8.30 -22.86 38.63
N LEU C 630 7.54 -21.83 38.92
CA LEU C 630 6.73 -21.75 40.13
C LEU C 630 5.27 -22.08 39.80
N LYS C 631 4.45 -22.20 40.86
CA LYS C 631 3.23 -22.99 40.82
C LYS C 631 2.34 -22.79 39.59
N ASN C 632 1.81 -21.57 39.40
CA ASN C 632 0.90 -21.28 38.30
C ASN C 632 1.50 -20.33 37.27
N LYS C 633 2.76 -19.94 37.44
CA LYS C 633 3.35 -18.95 36.56
C LYS C 633 4.86 -19.02 36.70
N ASP C 634 5.56 -18.89 35.58
CA ASP C 634 7.01 -18.79 35.60
C ASP C 634 7.42 -17.42 36.11
N MET C 635 8.54 -17.38 36.85
CA MET C 635 9.15 -16.13 37.27
C MET C 635 10.48 -15.99 36.55
N THR C 636 10.61 -14.93 35.76
CA THR C 636 11.76 -14.72 34.92
C THR C 636 12.75 -13.76 35.60
N ILE C 637 13.94 -13.66 35.01
CA ILE C 637 14.90 -12.65 35.46
C ILE C 637 14.30 -11.26 35.30
N PHE C 638 13.53 -11.06 34.23
CA PHE C 638 12.83 -9.79 34.05
C PHE C 638 11.89 -9.49 35.21
N ASP C 639 11.21 -10.50 35.73
CA ASP C 639 10.34 -10.27 36.89
C ASP C 639 11.15 -9.91 38.12
N LEU C 640 12.24 -10.66 38.39
CA LEU C 640 13.07 -10.37 39.54
C LEU C 640 13.63 -8.96 39.50
N LEU C 641 14.07 -8.51 38.33
CA LEU C 641 14.67 -7.19 38.19
C LEU C 641 13.64 -6.06 38.17
N THR C 642 12.35 -6.37 38.32
CA THR C 642 11.32 -5.32 38.42
C THR C 642 10.41 -5.49 39.62
N VAL C 643 10.77 -6.36 40.59
CA VAL C 643 10.03 -6.39 41.85
C VAL C 643 10.24 -5.07 42.57
N GLU C 644 9.13 -4.47 43.01
CA GLU C 644 9.20 -3.11 43.56
C GLU C 644 10.02 -3.07 44.85
N ASP C 645 9.70 -3.95 45.81
CA ASP C 645 10.31 -3.91 47.13
C ASP C 645 11.12 -5.19 47.33
N VAL C 646 12.44 -5.04 47.42
CA VAL C 646 13.36 -6.16 47.57
C VAL C 646 14.34 -5.80 48.67
N ARG C 647 14.57 -6.73 49.60
CA ARG C 647 15.48 -6.53 50.73
C ARG C 647 16.22 -7.84 50.93
N LEU C 648 17.42 -7.94 50.34
CA LEU C 648 18.23 -9.16 50.37
C LEU C 648 19.67 -8.90 50.78
N SER C 649 19.98 -7.71 51.31
CA SER C 649 21.36 -7.37 51.62
C SER C 649 21.91 -8.31 52.68
N GLY C 650 22.86 -9.16 52.30
CA GLY C 650 23.48 -10.10 53.20
C GLY C 650 22.79 -11.45 53.33
N SER C 651 21.72 -11.70 52.59
CA SER C 651 21.04 -12.99 52.66
C SER C 651 21.85 -14.07 51.96
N ARG C 652 21.69 -15.30 52.43
CA ARG C 652 22.26 -16.48 51.79
C ARG C 652 21.17 -17.23 51.05
N ILE C 653 21.43 -17.55 49.78
CA ILE C 653 20.43 -18.07 48.85
C ILE C 653 20.93 -19.39 48.29
N LEU C 654 20.09 -20.41 48.35
CA LEU C 654 20.38 -21.72 47.77
C LEU C 654 19.31 -22.04 46.73
N LEU C 655 19.72 -22.13 45.48
CA LEU C 655 18.83 -22.43 44.37
C LEU C 655 18.92 -23.91 44.04
N GLY C 656 17.83 -24.63 44.28
CA GLY C 656 17.73 -26.02 43.89
C GLY C 656 17.33 -26.25 42.46
N ALA C 657 17.20 -25.18 41.67
CA ALA C 657 16.67 -25.28 40.32
C ALA C 657 17.76 -25.65 39.31
N CYS C 658 17.36 -26.44 38.31
CA CYS C 658 18.23 -26.75 37.19
C CYS C 658 18.60 -25.48 36.44
N GLU C 659 19.86 -25.40 36.01
CA GLU C 659 20.33 -24.33 35.13
C GLU C 659 20.16 -22.95 35.73
N SER C 660 20.14 -22.84 37.07
CA SER C 660 20.00 -21.54 37.70
C SER C 660 21.27 -20.69 37.60
N ASP C 661 22.39 -21.25 37.18
CA ASP C 661 23.61 -20.50 36.90
C ASP C 661 24.05 -20.64 35.45
N MET C 662 23.14 -20.98 34.55
CA MET C 662 23.41 -21.13 33.13
C MET C 662 22.95 -19.87 32.39
N VAL C 663 23.54 -19.66 31.22
CA VAL C 663 23.20 -18.53 30.36
C VAL C 663 22.98 -19.03 28.95
N PRO C 664 22.39 -18.25 28.04
CA PRO C 664 22.10 -18.75 26.70
C PRO C 664 23.35 -19.19 25.99
N PRO C 665 23.26 -20.19 25.06
CA PRO C 665 24.44 -20.71 24.34
C PRO C 665 24.93 -19.76 23.24
N LEU C 666 25.17 -18.51 23.61
CA LEU C 666 25.50 -17.45 22.68
C LEU C 666 26.56 -16.56 23.31
N GLU C 667 27.25 -15.79 22.48
CA GLU C 667 28.23 -14.81 22.94
C GLU C 667 27.65 -13.42 22.75
N PHE C 668 27.40 -12.74 23.86
CA PHE C 668 26.87 -11.38 23.83
C PHE C 668 27.99 -10.39 23.48
N SER C 669 27.59 -9.18 23.09
CA SER C 669 28.55 -8.19 22.62
C SER C 669 29.47 -7.67 23.73
N VAL C 670 29.11 -7.84 24.99
CA VAL C 670 29.95 -7.45 26.11
C VAL C 670 30.05 -8.60 27.11
N ASP C 671 31.14 -8.61 27.87
CA ASP C 671 31.36 -9.67 28.84
C ASP C 671 30.35 -9.55 29.97
N GLU C 672 29.64 -10.64 30.24
CA GLU C 672 28.48 -10.63 31.10
C GLU C 672 28.08 -12.06 31.41
N HIS C 673 27.59 -12.29 32.63
CA HIS C 673 27.00 -13.57 32.99
C HIS C 673 25.69 -13.30 33.74
N LEU C 674 24.61 -13.09 32.99
CA LEU C 674 23.28 -12.79 33.57
C LEU C 674 22.46 -14.06 33.69
N SER C 675 22.80 -14.87 34.68
CA SER C 675 22.00 -16.01 35.07
C SER C 675 21.02 -15.60 36.17
N VAL C 676 20.23 -16.56 36.66
CA VAL C 676 19.38 -16.31 37.81
C VAL C 676 20.22 -15.99 39.03
N SER C 677 21.29 -16.77 39.24
CA SER C 677 22.22 -16.50 40.32
C SER C 677 22.80 -15.09 40.21
N GLY C 678 23.14 -14.68 38.99
CA GLY C 678 23.63 -13.33 38.79
C GLY C 678 22.57 -12.29 39.09
N ALA C 679 21.31 -12.60 38.79
CA ALA C 679 20.23 -11.68 39.13
C ALA C 679 20.13 -11.49 40.63
N PHE C 680 20.21 -12.58 41.40
CA PHE C 680 20.19 -12.44 42.86
C PHE C 680 21.40 -11.68 43.38
N LEU C 681 22.56 -11.86 42.77
CA LEU C 681 23.73 -11.12 43.21
C LEU C 681 23.57 -9.63 42.94
N SER C 682 22.88 -9.27 41.85
CA SER C 682 22.65 -7.86 41.55
C SER C 682 21.73 -7.19 42.58
N HIS C 683 21.03 -7.98 43.40
CA HIS C 683 20.28 -7.47 44.54
C HIS C 683 21.09 -7.52 45.82
N LYS C 684 22.40 -7.73 45.73
CA LYS C 684 23.32 -7.70 46.87
C LYS C 684 23.09 -8.84 47.85
N ALA C 685 22.76 -10.03 47.35
CA ALA C 685 22.78 -11.20 48.21
C ALA C 685 24.20 -11.47 48.69
N GLY C 686 24.31 -12.07 49.87
CA GLY C 686 25.64 -12.37 50.40
C GLY C 686 26.38 -13.38 49.55
N GLU C 687 25.81 -14.57 49.40
CA GLU C 687 26.37 -15.59 48.53
C GLU C 687 25.25 -16.49 48.04
N ILE C 688 25.42 -17.03 46.84
CA ILE C 688 24.44 -17.87 46.19
C ILE C 688 25.10 -19.18 45.83
N VAL C 689 24.38 -20.28 46.04
CA VAL C 689 24.75 -21.61 45.56
C VAL C 689 23.75 -22.00 44.49
N ALA C 690 24.25 -22.47 43.35
CA ALA C 690 23.39 -22.73 42.20
C ALA C 690 24.07 -23.74 41.28
N GLY C 691 23.33 -24.21 40.30
CA GLY C 691 23.78 -25.27 39.41
C GLY C 691 24.13 -24.77 38.02
N LEU C 692 25.28 -25.23 37.52
CA LEU C 692 25.70 -24.87 36.16
C LEU C 692 24.94 -25.62 35.08
N TRP C 693 24.34 -26.77 35.40
CA TRP C 693 23.46 -27.46 34.46
C TRP C 693 22.41 -28.19 35.30
N THR C 694 21.72 -29.17 34.68
CA THR C 694 20.72 -29.95 35.37
C THR C 694 21.25 -30.53 36.67
N VAL C 695 20.42 -30.53 37.71
CA VAL C 695 20.80 -30.98 39.04
C VAL C 695 19.85 -32.10 39.48
N ASP C 696 20.41 -33.11 40.14
CA ASP C 696 19.66 -34.24 40.65
C ASP C 696 19.00 -33.87 41.97
N SER C 697 17.74 -34.27 42.14
CA SER C 697 17.00 -33.88 43.34
C SER C 697 17.57 -34.50 44.61
N GLU C 698 18.02 -35.75 44.55
CA GLU C 698 18.58 -36.37 45.75
C GLU C 698 19.89 -35.71 46.15
N LYS C 699 20.74 -35.41 45.17
CA LYS C 699 21.98 -34.70 45.45
C LYS C 699 21.69 -33.30 46.02
N VAL C 700 20.69 -32.62 45.46
CA VAL C 700 20.29 -31.32 46.01
C VAL C 700 19.88 -31.45 47.46
N ASP C 701 19.01 -32.42 47.76
CA ASP C 701 18.57 -32.63 49.13
C ASP C 701 19.75 -32.82 50.06
N GLU C 702 20.65 -33.74 49.71
CA GLU C 702 21.69 -34.16 50.63
C GLU C 702 22.80 -33.12 50.75
N CYS C 703 23.06 -32.35 49.69
CA CYS C 703 24.03 -31.28 49.74
C CYS C 703 23.50 -30.10 50.55
N TYR C 704 22.34 -29.58 50.15
CA TYR C 704 21.84 -28.38 50.81
C TYR C 704 21.45 -28.63 52.25
N SER C 705 21.04 -29.85 52.62
CA SER C 705 20.78 -30.14 54.02
C SER C 705 22.05 -29.96 54.86
N TYR C 706 23.18 -30.48 54.37
CA TYR C 706 24.44 -30.30 55.07
C TYR C 706 24.86 -28.84 55.12
N LEU C 707 24.69 -28.10 54.02
CA LEU C 707 25.04 -26.69 54.04
C LEU C 707 24.19 -25.91 55.04
N VAL C 708 22.90 -26.22 55.12
CA VAL C 708 22.03 -25.51 56.06
C VAL C 708 22.39 -25.88 57.49
N GLU C 709 22.75 -27.14 57.74
CA GLU C 709 23.16 -27.52 59.09
C GLU C 709 24.47 -26.86 59.48
N GLU C 710 25.48 -26.93 58.61
CA GLU C 710 26.80 -26.39 58.85
C GLU C 710 26.90 -25.10 58.02
N LYS C 711 26.65 -23.97 58.67
CA LYS C 711 26.47 -22.71 57.95
C LYS C 711 27.81 -22.04 57.61
N ASP C 712 28.67 -22.79 56.90
CA ASP C 712 29.92 -22.26 56.33
C ASP C 712 30.03 -22.89 54.94
N PHE C 713 29.51 -22.20 53.93
CA PHE C 713 29.33 -22.84 52.63
C PHE C 713 30.65 -23.21 51.97
N LEU C 714 31.68 -22.39 52.13
CA LEU C 714 32.94 -22.61 51.43
C LEU C 714 33.54 -23.96 51.79
N ARG C 715 33.71 -24.22 53.09
CA ARG C 715 34.29 -25.49 53.53
C ARG C 715 33.32 -26.64 53.34
N ASN C 716 32.03 -26.42 53.59
CA ASN C 716 31.09 -27.52 53.60
C ASN C 716 30.81 -28.05 52.20
N LEU C 717 30.77 -27.17 51.19
CA LEU C 717 30.63 -27.67 49.82
C LEU C 717 31.85 -28.49 49.41
N GLN C 718 33.05 -28.06 49.81
CA GLN C 718 34.24 -28.84 49.49
C GLN C 718 34.20 -30.20 50.17
N GLU C 719 33.81 -30.23 51.45
CA GLU C 719 33.73 -31.50 52.17
C GLU C 719 32.72 -32.44 51.51
N TRP C 720 31.57 -31.90 51.11
CA TRP C 720 30.59 -32.71 50.40
C TRP C 720 31.14 -33.22 49.08
N GLN C 721 31.81 -32.36 48.30
CA GLN C 721 32.35 -32.78 47.02
C GLN C 721 33.41 -33.85 47.19
N MET C 722 34.30 -33.69 48.17
CA MET C 722 35.31 -34.71 48.42
C MET C 722 34.67 -36.02 48.86
N ALA C 723 33.67 -35.96 49.73
CA ALA C 723 33.05 -37.17 50.25
C ALA C 723 32.34 -37.95 49.15
N GLU C 724 31.87 -37.29 48.10
CA GLU C 724 31.27 -37.97 46.97
C GLU C 724 32.31 -38.53 46.00
N THR C 725 33.49 -37.92 45.94
CA THR C 725 34.50 -38.31 44.97
C THR C 725 35.02 -39.73 45.23
N GLU C 726 35.01 -40.17 46.48
CA GLU C 726 35.47 -41.51 46.79
C GLU C 726 34.61 -42.58 46.15
N ASN C 727 33.34 -42.29 45.87
CA ASN C 727 32.51 -43.18 45.09
C ASN C 727 32.74 -43.03 43.60
N PHE C 728 33.26 -41.88 43.16
CA PHE C 728 33.66 -41.73 41.76
C PHE C 728 34.86 -42.60 41.45
N ARG C 729 35.85 -42.64 42.35
CA ARG C 729 37.10 -43.34 42.05
C ARG C 729 36.90 -44.84 41.89
N SER C 730 35.95 -45.45 42.61
CA SER C 730 35.82 -46.90 42.58
C SER C 730 35.49 -47.42 41.18
N GLU C 731 34.85 -46.60 40.34
CA GLU C 731 34.52 -47.00 38.98
C GLU C 731 34.76 -45.93 37.94
N ASN C 732 35.08 -44.69 38.31
CA ASN C 732 35.25 -43.58 37.37
C ASN C 732 34.04 -43.47 36.44
N ASP C 733 32.85 -43.45 37.04
CA ASP C 733 31.61 -43.35 36.29
C ASP C 733 31.37 -41.88 35.91
N SER C 734 31.24 -41.63 34.61
CA SER C 734 30.93 -40.27 34.16
C SER C 734 29.60 -39.77 34.72
N SER C 735 28.64 -40.66 34.89
CA SER C 735 27.31 -40.25 35.34
C SER C 735 27.34 -39.70 36.76
N LEU C 736 28.24 -40.20 37.59
CA LEU C 736 28.33 -39.75 38.96
C LEU C 736 29.03 -38.40 39.06
N PHE C 737 30.10 -38.22 38.28
CA PHE C 737 30.77 -36.94 38.19
C PHE C 737 29.83 -35.86 37.66
N TYR C 738 29.03 -36.21 36.65
CA TYR C 738 28.00 -35.31 36.15
C TYR C 738 27.05 -34.87 37.26
N LYS C 739 26.86 -35.69 38.29
CA LYS C 739 25.96 -35.31 39.38
C LYS C 739 26.65 -34.53 40.49
N ILE C 740 27.96 -34.70 40.70
CA ILE C 740 28.63 -33.94 41.76
C ILE C 740 28.95 -32.52 41.29
N ALA C 741 29.41 -32.37 40.05
CA ALA C 741 30.10 -31.17 39.58
C ALA C 741 29.31 -29.85 39.51
N PRO C 742 28.00 -29.82 39.22
CA PRO C 742 27.40 -28.53 38.81
C PRO C 742 27.37 -27.44 39.87
N PHE C 743 27.44 -27.77 41.16
CA PHE C 743 27.25 -26.77 42.20
C PHE C 743 28.48 -25.87 42.34
N ARG C 744 28.26 -24.57 42.45
CA ARG C 744 29.32 -23.62 42.75
C ARG C 744 28.75 -22.46 43.56
N ILE C 745 29.65 -21.77 44.27
CA ILE C 745 29.30 -20.62 45.11
C ILE C 745 29.67 -19.34 44.38
N ILE C 746 28.75 -18.37 44.41
CA ILE C 746 28.95 -17.05 43.81
C ILE C 746 28.83 -16.02 44.93
N GLY C 747 29.73 -15.04 44.91
CA GLY C 747 29.73 -13.97 45.89
C GLY C 747 30.83 -14.14 46.92
N PHE C 748 31.11 -13.05 47.63
CA PHE C 748 32.19 -13.00 48.62
C PHE C 748 31.72 -12.18 49.82
N PRO C 749 31.11 -12.82 50.82
CA PRO C 749 30.68 -12.09 52.00
C PRO C 749 31.84 -11.82 52.95
N ALA C 750 31.54 -11.07 54.00
CA ALA C 750 32.53 -10.72 55.02
C ALA C 750 33.00 -11.96 55.77
#